data_5DO8
#
_entry.id   5DO8
#
_cell.length_a   88.123
_cell.length_b   103.937
_cell.length_c   193.790
_cell.angle_alpha   90.00
_cell.angle_beta   90.00
_cell.angle_gamma   90.00
#
_symmetry.space_group_name_H-M   'P 21 21 21'
#
loop_
_entity.id
_entity.type
_entity.pdbx_description
1 polymer 'Lmo0184 protein'
2 non-polymer beta-D-glucopyranose
3 non-polymer 'CHLORIDE ION'
4 non-polymer 2-[BIS-(2-HYDROXY-ETHYL)-AMINO]-2-HYDROXYMETHYL-PROPANE-1,3-DIOL
5 water water
#
_entity_poly.entity_id   1
_entity_poly.type   'polypeptide(L)'
_entity_poly.pdbx_seq_one_letter_code
;MKEKDWWKKSVVYQIYPKSFNDSNGDGVGDIQGIIEKLDYLKELGVDVIWLSPVYDSPQDDNGYDIRDYQKIYEEYGDMA
TFDQLLQGLHDRDMKLVMDLVVNHTSDEHKWFEESRKSKDNPYRDYYFWREENEINNWGSIFSGPAWELDEKTGEYYLHL
FSKKQPDLNWENPKLRQDVYNMMKFWLDKGIDGFRMDVINFISKNTDFPDGPVPDGQIYGDAGNDFCNGPRIHEFLQEMN
QEVTSKYDVMTVGEMPGASTTDAQIYTNPANNEVDMIFTFEHMNLDSDSDNKWDLKPIYLPDLKENMSEWQVALQENGWN
SLYWNNHDQPRIVSRFGNDNRFRVRSAKMLATCLHMMKGTPYIYQGEEIGMTNVHFETLDDYRDIETLNMYKERKEQGHS
HESIMQSIYTKGRDNARTPYQWDNSENAGFTTGTPWLKVNPRYTEINNEEALKNPDSIFYYYQNLIKLRKTTEIITTGNY
RLLLPKDEAIFAYERYTENEKLVVLCNFTEEEQVISDETILNEIQKGSVLVNNVPNIIEGTLRPYEAIVYQIKGA
;
_entity_poly.pdbx_strand_id   B,A,C
#
loop_
_chem_comp.id
_chem_comp.type
_chem_comp.name
_chem_comp.formula
BGC D-saccharide, beta linking beta-D-glucopyranose 'C6 H12 O6'
BTB non-polymer 2-[BIS-(2-HYDROXY-ETHYL)-AMINO]-2-HYDROXYMETHYL-PROPANE-1,3-DIOL 'C8 H19 N O5'
CL non-polymer 'CHLORIDE ION' 'Cl -1'
#
# COMPACT_ATOMS: atom_id res chain seq x y z
N GLU A 3 -26.27 21.00 -24.42
CA GLU A 3 -25.98 20.88 -22.94
C GLU A 3 -24.57 20.33 -22.74
N LYS A 4 -23.91 20.72 -21.65
CA LYS A 4 -22.55 20.25 -21.35
C LYS A 4 -22.56 18.72 -21.20
N ASP A 5 -21.71 18.02 -21.96
CA ASP A 5 -21.65 16.55 -21.94
C ASP A 5 -23.04 15.91 -22.03
N TRP A 6 -23.86 16.44 -22.96
CA TRP A 6 -25.20 15.91 -23.25
C TRP A 6 -25.25 14.41 -23.46
N TRP A 7 -24.20 13.87 -24.09
CA TRP A 7 -24.11 12.43 -24.38
C TRP A 7 -24.12 11.52 -23.15
N LYS A 8 -23.80 12.06 -21.97
CA LYS A 8 -23.83 11.26 -20.74
C LYS A 8 -25.24 10.81 -20.39
N LYS A 9 -26.24 11.64 -20.69
CA LYS A 9 -27.65 11.32 -20.40
C LYS A 9 -28.45 10.82 -21.61
N SER A 10 -27.84 10.75 -22.79
CA SER A 10 -28.51 10.28 -23.98
C SER A 10 -28.85 8.79 -23.89
N VAL A 11 -29.93 8.39 -24.54
CA VAL A 11 -30.15 6.98 -24.81
C VAL A 11 -30.07 6.86 -26.33
N VAL A 12 -29.22 5.96 -26.78
CA VAL A 12 -28.96 5.73 -28.18
C VAL A 12 -29.84 4.56 -28.66
N TYR A 13 -30.46 4.73 -29.82
CA TYR A 13 -31.19 3.67 -30.48
C TYR A 13 -30.45 3.36 -31.78
N GLN A 14 -29.99 2.12 -31.95
CA GLN A 14 -29.24 1.76 -33.16
C GLN A 14 -30.16 1.24 -34.23
N ILE A 15 -30.11 1.88 -35.40
CA ILE A 15 -30.82 1.37 -36.57
C ILE A 15 -29.85 0.69 -37.53
N TYR A 16 -30.24 -0.52 -37.97
CA TYR A 16 -29.56 -1.29 -39.00
C TYR A 16 -30.41 -1.08 -40.25
N PRO A 17 -30.00 -0.13 -41.11
CA PRO A 17 -30.94 0.37 -42.11
C PRO A 17 -31.44 -0.68 -43.11
N LYS A 18 -30.64 -1.70 -43.40
CA LYS A 18 -31.05 -2.76 -44.32
C LYS A 18 -32.30 -3.51 -43.83
N SER A 19 -32.51 -3.49 -42.51
CA SER A 19 -33.50 -4.34 -41.86
C SER A 19 -34.53 -3.57 -41.01
N PHE A 20 -34.57 -2.25 -41.11
CA PHE A 20 -35.45 -1.47 -40.24
C PHE A 20 -36.84 -1.30 -40.86
N ASN A 21 -36.92 -0.61 -42.00
CA ASN A 21 -38.22 -0.42 -42.65
C ASN A 21 -38.07 -0.13 -44.14
N ASP A 22 -38.73 -0.95 -44.97
CA ASP A 22 -38.69 -0.80 -46.42
C ASP A 22 -39.89 0.02 -46.79
N SER A 23 -39.67 1.21 -47.31
CA SER A 23 -40.76 2.07 -47.75
C SER A 23 -41.10 1.92 -49.22
N ASN A 24 -40.24 1.30 -50.04
CA ASN A 24 -40.49 1.27 -51.49
C ASN A 24 -40.72 -0.11 -52.12
N GLY A 25 -40.63 -1.17 -51.32
CA GLY A 25 -41.02 -2.50 -51.74
C GLY A 25 -40.02 -3.38 -52.47
N ASP A 26 -38.74 -3.02 -52.43
CA ASP A 26 -37.70 -3.91 -53.02
C ASP A 26 -37.16 -4.98 -52.03
N GLY A 27 -37.65 -4.97 -50.79
CA GLY A 27 -37.21 -5.93 -49.77
C GLY A 27 -35.99 -5.56 -48.93
N VAL A 28 -35.45 -4.35 -49.17
CA VAL A 28 -34.37 -3.82 -48.33
CA VAL A 28 -34.34 -3.79 -48.41
C VAL A 28 -34.85 -2.56 -47.67
N GLY A 29 -34.47 -2.40 -46.40
CA GLY A 29 -34.83 -1.20 -45.66
C GLY A 29 -34.18 0.01 -46.31
N ASP A 30 -34.75 1.19 -46.05
CA ASP A 30 -34.24 2.40 -46.70
C ASP A 30 -34.43 3.63 -45.80
N ILE A 31 -33.83 4.73 -46.21
CA ILE A 31 -33.84 5.95 -45.38
C ILE A 31 -35.24 6.53 -45.25
N GLN A 32 -36.01 6.60 -46.33
CA GLN A 32 -37.38 7.08 -46.21
C GLN A 32 -38.16 6.20 -45.20
N GLY A 33 -37.86 4.90 -45.17
CA GLY A 33 -38.44 4.01 -44.16
C GLY A 33 -38.14 4.43 -42.74
N ILE A 34 -36.93 4.93 -42.52
CA ILE A 34 -36.55 5.45 -41.19
C ILE A 34 -37.32 6.73 -40.87
N ILE A 35 -37.41 7.63 -41.85
CA ILE A 35 -38.12 8.91 -41.68
C ILE A 35 -39.56 8.67 -41.26
N GLU A 36 -40.19 7.67 -41.86
CA GLU A 36 -41.58 7.32 -41.54
C GLU A 36 -41.77 6.87 -40.08
N LYS A 37 -40.70 6.48 -39.38
CA LYS A 37 -40.82 6.03 -37.99
C LYS A 37 -40.27 7.04 -36.98
N LEU A 38 -40.02 8.28 -37.39
CA LEU A 38 -39.51 9.26 -36.42
C LEU A 38 -40.46 9.50 -35.24
N ASP A 39 -41.76 9.50 -35.52
CA ASP A 39 -42.77 9.69 -34.47
C ASP A 39 -42.68 8.57 -33.44
N TYR A 40 -42.51 7.34 -33.94
CA TYR A 40 -42.37 6.17 -33.08
C TYR A 40 -41.10 6.29 -32.21
N LEU A 41 -39.98 6.64 -32.83
CA LEU A 41 -38.71 6.76 -32.09
C LEU A 41 -38.80 7.84 -31.02
N LYS A 42 -39.46 8.95 -31.34
CA LYS A 42 -39.66 10.02 -30.37
C LYS A 42 -40.58 9.54 -29.24
N GLU A 43 -41.60 8.77 -29.57
CA GLU A 43 -42.52 8.25 -28.53
C GLU A 43 -41.80 7.31 -27.57
N LEU A 44 -40.89 6.50 -28.10
CA LEU A 44 -40.06 5.62 -27.25
C LEU A 44 -39.24 6.44 -26.25
N GLY A 45 -38.71 7.56 -26.74
CA GLY A 45 -38.01 8.55 -25.92
C GLY A 45 -36.53 8.65 -26.14
N VAL A 46 -35.99 7.89 -27.10
CA VAL A 46 -34.56 7.92 -27.38
C VAL A 46 -34.21 9.29 -27.95
N ASP A 47 -33.00 9.77 -27.71
CA ASP A 47 -32.62 11.07 -28.28
C ASP A 47 -31.45 11.03 -29.26
N VAL A 48 -30.83 9.87 -29.43
CA VAL A 48 -29.73 9.72 -30.38
C VAL A 48 -30.00 8.48 -31.20
N ILE A 49 -29.94 8.62 -32.52
CA ILE A 49 -30.00 7.49 -33.40
C ILE A 49 -28.59 7.20 -33.88
N TRP A 50 -28.13 5.98 -33.67
CA TRP A 50 -26.91 5.50 -34.29
C TRP A 50 -27.35 4.72 -35.54
N LEU A 51 -27.05 5.26 -36.72
CA LEU A 51 -27.38 4.67 -37.99
C LEU A 51 -26.15 3.91 -38.46
N SER A 52 -26.27 2.60 -38.59
CA SER A 52 -25.27 1.79 -39.27
C SER A 52 -25.12 2.23 -40.75
N PRO A 53 -24.02 1.84 -41.41
CA PRO A 53 -23.64 2.53 -42.64
C PRO A 53 -24.65 2.56 -43.76
N VAL A 54 -24.89 3.77 -44.26
CA VAL A 54 -25.67 3.97 -45.48
C VAL A 54 -24.81 4.49 -46.63
N TYR A 55 -23.49 4.46 -46.44
CA TYR A 55 -22.57 4.92 -47.47
C TYR A 55 -22.53 3.94 -48.65
N ASP A 56 -22.20 4.49 -49.81
CA ASP A 56 -22.02 3.68 -50.99
C ASP A 56 -21.01 2.55 -50.72
N SER A 57 -21.42 1.34 -51.06
CA SER A 57 -20.74 0.11 -50.67
C SER A 57 -21.25 -1.03 -51.52
N PRO A 58 -20.35 -1.93 -52.00
CA PRO A 58 -20.90 -3.10 -52.69
C PRO A 58 -21.55 -4.11 -51.75
N GLN A 59 -21.54 -3.84 -50.44
CA GLN A 59 -22.28 -4.60 -49.44
C GLN A 59 -21.69 -5.99 -49.16
N ASP A 60 -20.40 -6.17 -49.41
CA ASP A 60 -19.74 -7.41 -49.03
C ASP A 60 -19.82 -7.68 -47.52
N ASP A 61 -19.75 -6.60 -46.74
CA ASP A 61 -19.96 -6.61 -45.30
C ASP A 61 -21.07 -5.63 -44.93
N ASN A 62 -22.14 -5.65 -45.73
CA ASN A 62 -23.32 -4.80 -45.51
C ASN A 62 -23.01 -3.38 -45.08
N GLY A 63 -22.16 -2.72 -45.86
CA GLY A 63 -21.88 -1.29 -45.67
C GLY A 63 -20.65 -0.94 -44.89
N TYR A 64 -20.06 -1.90 -44.19
CA TYR A 64 -18.79 -1.66 -43.49
C TYR A 64 -17.59 -1.82 -44.46
N ASP A 65 -17.90 -2.07 -45.73
CA ASP A 65 -16.95 -2.01 -46.83
C ASP A 65 -17.28 -0.82 -47.72
N ILE A 66 -16.65 0.32 -47.45
CA ILE A 66 -17.06 1.57 -48.08
C ILE A 66 -16.36 1.84 -49.41
N ARG A 67 -17.18 2.12 -50.42
CA ARG A 67 -16.72 2.43 -51.77
C ARG A 67 -16.59 3.94 -52.01
N ASP A 68 -17.41 4.73 -51.35
CA ASP A 68 -17.32 6.19 -51.45
C ASP A 68 -17.91 6.74 -50.16
N TYR A 69 -17.06 7.43 -49.37
CA TYR A 69 -17.46 7.89 -48.05
C TYR A 69 -18.46 9.04 -48.05
N GLN A 70 -18.58 9.74 -49.17
CA GLN A 70 -19.42 10.94 -49.22
C GLN A 70 -20.66 10.77 -50.10
N LYS A 71 -21.05 9.53 -50.36
CA LYS A 71 -22.16 9.24 -51.27
C LYS A 71 -23.08 8.26 -50.55
N ILE A 72 -24.39 8.48 -50.68
CA ILE A 72 -25.38 7.56 -50.11
C ILE A 72 -25.53 6.38 -51.06
N TYR A 73 -25.49 5.15 -50.52
CA TYR A 73 -25.78 3.94 -51.30
C TYR A 73 -27.16 4.06 -51.94
N GLU A 74 -27.24 3.91 -53.26
CA GLU A 74 -28.43 4.33 -53.99
C GLU A 74 -29.70 3.57 -53.57
N GLU A 75 -29.57 2.32 -53.12
CA GLU A 75 -30.75 1.56 -52.65
C GLU A 75 -31.37 2.18 -51.40
N TYR A 76 -30.56 2.84 -50.58
CA TYR A 76 -31.04 3.47 -49.36
C TYR A 76 -31.69 4.81 -49.59
N GLY A 77 -31.33 5.48 -50.68
CA GLY A 77 -31.87 6.81 -50.98
C GLY A 77 -30.81 7.70 -51.57
N ASP A 78 -31.08 9.00 -51.55
CA ASP A 78 -30.15 9.99 -52.10
C ASP A 78 -29.73 10.93 -50.97
N MET A 79 -28.83 11.85 -51.28
CA MET A 79 -28.38 12.81 -50.30
C MET A 79 -29.54 13.67 -49.78
N ALA A 80 -30.47 14.06 -50.65
CA ALA A 80 -31.64 14.84 -50.18
C ALA A 80 -32.44 14.09 -49.12
N THR A 81 -32.58 12.78 -49.29
CA THR A 81 -33.36 11.99 -48.33
C THR A 81 -32.59 11.85 -47.04
N PHE A 82 -31.28 11.63 -47.15
CA PHE A 82 -30.42 11.64 -45.93
C PHE A 82 -30.55 12.97 -45.17
N ASP A 83 -30.50 14.06 -45.92
CA ASP A 83 -30.58 15.38 -45.33
C ASP A 83 -31.93 15.54 -44.63
N GLN A 84 -33.00 15.00 -45.23
CA GLN A 84 -34.33 15.06 -44.59
C GLN A 84 -34.37 14.27 -43.28
N LEU A 85 -33.70 13.13 -43.23
CA LEU A 85 -33.61 12.36 -41.99
C LEU A 85 -32.88 13.16 -40.92
N LEU A 86 -31.73 13.70 -41.26
CA LEU A 86 -30.95 14.49 -40.28
C LEU A 86 -31.77 15.67 -39.73
N GLN A 87 -32.37 16.43 -40.64
CA GLN A 87 -33.18 17.55 -40.24
C GLN A 87 -34.41 17.11 -39.45
N GLY A 88 -35.04 16.01 -39.85
CA GLY A 88 -36.21 15.51 -39.14
C GLY A 88 -35.88 15.11 -37.69
N LEU A 89 -34.72 14.51 -37.48
CA LEU A 89 -34.24 14.24 -36.13
C LEU A 89 -34.04 15.54 -35.36
N HIS A 90 -33.32 16.47 -35.96
CA HIS A 90 -33.05 17.76 -35.32
C HIS A 90 -34.33 18.55 -34.96
N ASP A 91 -35.31 18.50 -35.85
CA ASP A 91 -36.62 19.10 -35.59
C ASP A 91 -37.34 18.49 -34.38
N ARG A 92 -36.98 17.27 -33.96
CA ARG A 92 -37.56 16.64 -32.77
C ARG A 92 -36.59 16.61 -31.60
N ASP A 93 -35.54 17.46 -31.66
CA ASP A 93 -34.49 17.50 -30.64
C ASP A 93 -33.79 16.17 -30.44
N MET A 94 -33.61 15.45 -31.54
CA MET A 94 -32.90 14.19 -31.55
C MET A 94 -31.65 14.37 -32.38
N LYS A 95 -30.73 13.43 -32.25
CA LYS A 95 -29.40 13.54 -32.82
C LYS A 95 -29.07 12.31 -33.63
N LEU A 96 -28.12 12.46 -34.56
CA LEU A 96 -27.71 11.38 -35.45
C LEU A 96 -26.22 11.11 -35.29
N VAL A 97 -25.87 9.87 -34.97
CA VAL A 97 -24.49 9.41 -34.92
C VAL A 97 -24.29 8.37 -36.02
N MET A 98 -23.16 8.45 -36.70
CA MET A 98 -22.86 7.48 -37.75
C MET A 98 -21.57 6.72 -37.50
N ASP A 99 -21.37 5.64 -38.25
CA ASP A 99 -20.14 4.87 -38.15
C ASP A 99 -19.04 5.56 -38.94
N LEU A 100 -17.88 5.66 -38.31
CA LEU A 100 -16.64 6.09 -38.97
C LEU A 100 -15.89 4.81 -39.22
N VAL A 101 -15.77 4.44 -40.48
CA VAL A 101 -15.21 3.16 -40.88
C VAL A 101 -13.90 3.44 -41.60
N VAL A 102 -12.83 3.57 -40.82
CA VAL A 102 -11.53 4.03 -41.36
C VAL A 102 -10.35 3.11 -41.07
N ASN A 103 -10.59 1.89 -40.61
CA ASN A 103 -9.53 0.87 -40.61
C ASN A 103 -9.29 0.29 -42.01
N HIS A 104 -10.32 0.35 -42.84
CA HIS A 104 -10.32 -0.27 -44.15
C HIS A 104 -11.34 0.39 -45.03
N THR A 105 -11.21 0.14 -46.32
CA THR A 105 -12.19 0.51 -47.32
C THR A 105 -12.59 -0.72 -48.13
N SER A 106 -13.62 -0.56 -48.95
CA SER A 106 -13.88 -1.51 -50.04
C SER A 106 -12.67 -1.55 -50.98
N ASP A 107 -12.44 -2.69 -51.59
CA ASP A 107 -11.49 -2.76 -52.71
C ASP A 107 -11.98 -2.01 -53.95
N GLU A 108 -13.26 -1.59 -53.94
CA GLU A 108 -13.81 -0.78 -55.03
C GLU A 108 -13.69 0.72 -54.80
N HIS A 109 -13.18 1.13 -53.64
CA HIS A 109 -12.88 2.54 -53.37
C HIS A 109 -11.82 3.06 -54.36
N LYS A 110 -11.97 4.30 -54.82
CA LYS A 110 -11.01 4.88 -55.76
C LYS A 110 -9.54 4.83 -55.29
N TRP A 111 -9.29 5.01 -53.99
CA TRP A 111 -7.94 4.90 -53.44
C TRP A 111 -7.33 3.53 -53.70
N PHE A 112 -8.13 2.47 -53.58
CA PHE A 112 -7.60 1.13 -53.76
C PHE A 112 -7.51 0.78 -55.23
N GLU A 113 -8.53 1.18 -56.01
CA GLU A 113 -8.48 1.06 -57.46
C GLU A 113 -7.17 1.67 -58.03
N GLU A 114 -6.75 2.82 -57.51
CA GLU A 114 -5.44 3.41 -57.86
C GLU A 114 -4.26 2.66 -57.26
N SER A 115 -4.32 2.39 -55.96
CA SER A 115 -3.22 1.74 -55.22
C SER A 115 -2.74 0.46 -55.89
N ARG A 116 -3.68 -0.36 -56.32
CA ARG A 116 -3.38 -1.67 -56.86
C ARG A 116 -2.77 -1.68 -58.28
N LYS A 117 -2.77 -0.54 -58.97
CA LYS A 117 -2.37 -0.48 -60.37
C LYS A 117 -0.87 -0.69 -60.60
N SER A 118 -0.05 -0.16 -59.70
CA SER A 118 1.39 -0.31 -59.85
C SER A 118 2.08 -0.02 -58.54
N LYS A 119 3.32 -0.47 -58.42
CA LYS A 119 4.12 -0.18 -57.24
C LYS A 119 4.44 1.31 -57.07
N ASP A 120 4.39 2.09 -58.14
CA ASP A 120 4.73 3.52 -58.07
C ASP A 120 3.52 4.45 -58.19
N ASN A 121 2.32 3.92 -57.96
CA ASN A 121 1.12 4.73 -57.95
C ASN A 121 1.14 5.67 -56.71
N PRO A 122 0.70 6.95 -56.85
CA PRO A 122 0.62 7.85 -55.68
C PRO A 122 -0.18 7.32 -54.47
N TYR A 123 -1.14 6.42 -54.72
CA TYR A 123 -1.96 5.81 -53.67
C TYR A 123 -1.42 4.46 -53.20
N ARG A 124 -0.28 4.01 -53.74
CA ARG A 124 0.23 2.70 -53.38
C ARG A 124 0.27 2.50 -51.88
N ASP A 125 0.80 3.49 -51.15
CA ASP A 125 1.02 3.36 -49.70
CA ASP A 125 1.03 3.38 -49.70
C ASP A 125 -0.16 3.87 -48.86
N TYR A 126 -1.34 3.97 -49.48
CA TYR A 126 -2.60 4.11 -48.73
C TYR A 126 -3.01 2.78 -48.09
N TYR A 127 -2.41 1.68 -48.55
CA TYR A 127 -2.72 0.33 -48.08
C TYR A 127 -1.41 -0.40 -47.78
N PHE A 128 -1.50 -1.65 -47.30
CA PHE A 128 -0.31 -2.40 -46.94
C PHE A 128 -0.03 -3.46 -48.00
N TRP A 129 1.03 -3.24 -48.78
CA TRP A 129 1.44 -4.15 -49.84
C TRP A 129 2.78 -4.76 -49.47
N ARG A 130 2.90 -6.07 -49.61
CA ARG A 130 4.13 -6.79 -49.33
C ARG A 130 4.42 -7.86 -50.38
N GLU A 131 5.71 -8.11 -50.60
CA GLU A 131 6.15 -9.25 -51.40
C GLU A 131 5.83 -10.52 -50.65
N GLU A 132 5.74 -11.63 -51.37
CA GLU A 132 5.40 -12.93 -50.77
C GLU A 132 6.27 -13.27 -49.57
N ASN A 133 7.57 -12.98 -49.68
CA ASN A 133 8.49 -13.30 -48.57
C ASN A 133 8.41 -12.36 -47.36
N GLU A 134 7.62 -11.29 -47.46
CA GLU A 134 7.41 -10.33 -46.38
C GLU A 134 5.99 -10.31 -45.79
N ILE A 135 5.09 -11.19 -46.24
CA ILE A 135 3.81 -11.36 -45.54
C ILE A 135 4.03 -12.16 -44.26
N ASN A 136 2.98 -12.37 -43.48
CA ASN A 136 3.08 -13.22 -42.30
C ASN A 136 1.95 -14.23 -42.30
N ASN A 137 1.78 -14.92 -41.18
CA ASN A 137 0.81 -16.00 -41.08
C ASN A 137 -0.54 -15.63 -40.48
N TRP A 138 -0.88 -14.34 -40.42
CA TRP A 138 -2.18 -13.94 -39.87
C TRP A 138 -3.34 -14.48 -40.70
N GLY A 139 -4.42 -14.78 -39.99
CA GLY A 139 -5.69 -15.12 -40.60
C GLY A 139 -6.59 -13.89 -40.62
N SER A 140 -7.47 -13.81 -41.61
CA SER A 140 -8.54 -12.82 -41.60
C SER A 140 -9.53 -13.13 -40.47
N ILE A 141 -10.11 -12.10 -39.90
CA ILE A 141 -11.21 -12.27 -38.93
C ILE A 141 -12.44 -12.96 -39.57
N PHE A 142 -12.57 -12.85 -40.89
CA PHE A 142 -13.62 -13.54 -41.65
C PHE A 142 -13.09 -14.77 -42.42
N SER A 143 -12.19 -15.52 -41.78
CA SER A 143 -11.63 -16.80 -42.27
C SER A 143 -10.64 -16.66 -43.41
N GLY A 144 -9.84 -17.70 -43.60
CA GLY A 144 -8.77 -17.68 -44.57
C GLY A 144 -7.64 -16.74 -44.18
N PRO A 145 -6.67 -16.55 -45.09
CA PRO A 145 -5.53 -15.70 -44.79
C PRO A 145 -5.86 -14.22 -44.79
N ALA A 146 -5.03 -13.44 -44.12
CA ALA A 146 -5.17 -11.99 -44.06
C ALA A 146 -4.43 -11.26 -45.20
N TRP A 147 -3.76 -12.00 -46.06
CA TRP A 147 -3.05 -11.43 -47.19
C TRP A 147 -3.59 -12.00 -48.48
N GLU A 148 -3.84 -11.13 -49.45
CA GLU A 148 -4.42 -11.51 -50.73
C GLU A 148 -3.49 -11.09 -51.86
N LEU A 149 -3.15 -12.03 -52.75
CA LEU A 149 -2.27 -11.74 -53.88
C LEU A 149 -3.04 -10.91 -54.92
N ASP A 150 -2.38 -9.90 -55.47
CA ASP A 150 -2.88 -9.19 -56.63
C ASP A 150 -1.88 -9.41 -57.77
N GLU A 151 -2.32 -10.12 -58.80
CA GLU A 151 -1.46 -10.47 -59.93
C GLU A 151 -1.05 -9.28 -60.80
N LYS A 152 -1.75 -8.14 -60.69
CA LYS A 152 -1.37 -6.90 -61.38
C LYS A 152 0.07 -6.48 -61.03
N THR A 153 0.45 -6.62 -59.75
CA THR A 153 1.79 -6.28 -59.29
C THR A 153 2.59 -7.44 -58.68
N GLY A 154 1.94 -8.58 -58.44
CA GLY A 154 2.57 -9.70 -57.80
C GLY A 154 2.76 -9.58 -56.30
N GLU A 155 2.23 -8.53 -55.68
CA GLU A 155 2.33 -8.34 -54.23
C GLU A 155 0.99 -8.59 -53.56
N TYR A 156 1.04 -8.72 -52.23
CA TYR A 156 -0.11 -9.06 -51.45
C TYR A 156 -0.54 -7.84 -50.67
N TYR A 157 -1.85 -7.69 -50.50
CA TYR A 157 -2.39 -6.65 -49.64
C TYR A 157 -3.03 -7.22 -48.40
N LEU A 158 -2.99 -6.43 -47.32
CA LEU A 158 -3.50 -6.88 -46.03
C LEU A 158 -4.99 -6.61 -45.97
N HIS A 159 -5.73 -7.57 -45.44
CA HIS A 159 -7.13 -7.34 -45.10
C HIS A 159 -7.46 -8.10 -43.81
N LEU A 160 -7.71 -7.38 -42.73
CA LEU A 160 -8.11 -8.04 -41.48
C LEU A 160 -9.50 -8.64 -41.59
N PHE A 161 -10.36 -7.99 -42.37
CA PHE A 161 -11.71 -8.48 -42.58
C PHE A 161 -11.80 -9.15 -43.96
N SER A 162 -12.82 -8.87 -44.76
CA SER A 162 -13.02 -9.65 -45.99
C SER A 162 -11.92 -9.32 -47.02
N LYS A 163 -11.77 -10.16 -48.05
CA LYS A 163 -10.82 -9.87 -49.14
C LYS A 163 -11.16 -8.53 -49.83
N LYS A 164 -12.44 -8.13 -49.77
CA LYS A 164 -12.86 -6.84 -50.32
C LYS A 164 -12.85 -5.69 -49.31
N GLN A 165 -12.10 -5.85 -48.21
CA GLN A 165 -11.90 -4.82 -47.21
C GLN A 165 -10.40 -4.58 -46.91
N PRO A 166 -9.63 -4.10 -47.90
CA PRO A 166 -8.22 -3.84 -47.65
C PRO A 166 -7.98 -2.77 -46.58
N ASP A 167 -7.03 -3.03 -45.69
CA ASP A 167 -6.73 -2.12 -44.58
C ASP A 167 -5.98 -0.87 -45.01
N LEU A 168 -6.40 0.27 -44.46
CA LEU A 168 -5.74 1.53 -44.70
C LEU A 168 -4.46 1.66 -43.88
N ASN A 169 -3.46 2.29 -44.50
CA ASN A 169 -2.16 2.51 -43.90
C ASN A 169 -2.12 3.88 -43.22
N TRP A 170 -2.36 3.89 -41.92
CA TRP A 170 -2.36 5.11 -41.12
C TRP A 170 -0.97 5.68 -40.83
N GLU A 171 0.09 4.96 -41.23
CA GLU A 171 1.44 5.52 -41.18
C GLU A 171 1.60 6.62 -42.20
N ASN A 172 0.73 6.64 -43.22
CA ASN A 172 0.78 7.63 -44.29
C ASN A 172 0.04 8.90 -43.87
N PRO A 173 0.75 10.02 -43.67
CA PRO A 173 0.05 11.25 -43.24
C PRO A 173 -0.93 11.83 -44.27
N LYS A 174 -0.73 11.53 -45.55
CA LYS A 174 -1.63 12.00 -46.60
C LYS A 174 -2.97 11.29 -46.50
N LEU A 175 -2.93 10.00 -46.19
CA LEU A 175 -4.13 9.24 -45.96
C LEU A 175 -4.86 9.81 -44.75
N ARG A 176 -4.12 10.07 -43.67
CA ARG A 176 -4.76 10.58 -42.45
C ARG A 176 -5.50 11.89 -42.75
N GLN A 177 -4.86 12.79 -43.47
CA GLN A 177 -5.47 14.07 -43.81
C GLN A 177 -6.71 13.88 -44.71
N ASP A 178 -6.64 12.95 -45.66
CA ASP A 178 -7.82 12.59 -46.47
C ASP A 178 -8.98 12.10 -45.62
N VAL A 179 -8.68 11.29 -44.60
CA VAL A 179 -9.72 10.82 -43.70
C VAL A 179 -10.33 12.00 -42.94
N TYR A 180 -9.48 12.88 -42.44
CA TYR A 180 -9.96 14.04 -41.68
C TYR A 180 -10.83 14.96 -42.55
N ASN A 181 -10.46 15.13 -43.82
CA ASN A 181 -11.26 15.97 -44.72
C ASN A 181 -12.63 15.33 -44.98
N MET A 182 -12.65 14.02 -45.12
CA MET A 182 -13.89 13.27 -45.26
C MET A 182 -14.76 13.46 -44.03
N MET A 183 -14.14 13.37 -42.84
CA MET A 183 -14.90 13.57 -41.59
C MET A 183 -15.56 14.95 -41.53
N LYS A 184 -14.80 15.96 -41.96
CA LYS A 184 -15.31 17.32 -42.01
C LYS A 184 -16.52 17.44 -42.94
N PHE A 185 -16.54 16.72 -44.06
CA PHE A 185 -17.69 16.76 -44.95
C PHE A 185 -18.97 16.43 -44.16
N TRP A 186 -18.93 15.36 -43.38
CA TRP A 186 -20.09 14.93 -42.60
C TRP A 186 -20.39 15.86 -41.43
N LEU A 187 -19.35 16.27 -40.71
CA LEU A 187 -19.54 17.11 -39.52
C LEU A 187 -20.04 18.50 -39.91
N ASP A 188 -19.60 19.01 -41.05
CA ASP A 188 -20.14 20.29 -41.59
C ASP A 188 -21.63 20.24 -41.92
N LYS A 189 -22.15 19.05 -42.21
CA LYS A 189 -23.59 18.85 -42.47
C LYS A 189 -24.40 18.83 -41.19
N GLY A 190 -23.74 18.67 -40.05
CA GLY A 190 -24.37 18.78 -38.75
C GLY A 190 -24.66 17.43 -38.12
N ILE A 191 -24.00 16.37 -38.54
CA ILE A 191 -24.17 15.09 -37.82
C ILE A 191 -23.60 15.26 -36.41
N ASP A 192 -24.11 14.45 -35.49
CA ASP A 192 -23.89 14.71 -34.07
C ASP A 192 -22.83 13.83 -33.42
N GLY A 193 -22.20 12.95 -34.19
CA GLY A 193 -21.16 12.10 -33.63
C GLY A 193 -20.80 10.95 -34.53
N PHE A 194 -19.73 10.28 -34.12
CA PHE A 194 -19.21 9.10 -34.80
C PHE A 194 -18.97 7.97 -33.81
N ARG A 195 -19.35 6.75 -34.20
CA ARG A 195 -18.79 5.56 -33.57
C ARG A 195 -17.59 5.18 -34.43
N MET A 196 -16.42 5.14 -33.80
CA MET A 196 -15.17 4.89 -34.53
C MET A 196 -14.92 3.40 -34.50
N ASP A 197 -15.13 2.77 -35.65
CA ASP A 197 -15.11 1.33 -35.77
C ASP A 197 -13.70 0.74 -35.65
N VAL A 198 -13.59 -0.31 -34.84
CA VAL A 198 -12.34 -1.00 -34.52
C VAL A 198 -11.14 -0.05 -34.57
N ILE A 199 -11.30 1.06 -33.87
CA ILE A 199 -10.37 2.19 -34.04
C ILE A 199 -9.02 1.89 -33.41
N ASN A 200 -8.97 0.93 -32.47
CA ASN A 200 -7.67 0.43 -31.98
C ASN A 200 -6.97 -0.63 -32.87
N PHE A 201 -7.46 -0.83 -34.10
CA PHE A 201 -6.78 -1.69 -35.11
C PHE A 201 -5.88 -0.90 -36.08
N ILE A 202 -5.86 0.42 -35.95
CA ILE A 202 -5.23 1.25 -37.00
C ILE A 202 -3.73 1.43 -36.88
N SER A 203 -3.12 0.98 -35.78
CA SER A 203 -1.67 1.09 -35.64
C SER A 203 -1.06 -0.30 -35.70
N LYS A 204 -0.58 -0.67 -36.89
CA LYS A 204 0.03 -1.97 -37.12
C LYS A 204 1.50 -1.99 -36.70
N ASN A 205 1.96 -3.16 -36.28
CA ASN A 205 3.40 -3.45 -36.26
C ASN A 205 3.81 -3.70 -37.72
N THR A 206 4.41 -2.69 -38.34
CA THR A 206 4.70 -2.75 -39.77
C THR A 206 5.79 -3.76 -40.18
N ASP A 207 6.45 -4.37 -39.20
CA ASP A 207 7.33 -5.52 -39.45
C ASP A 207 6.52 -6.80 -39.73
N PHE A 208 5.23 -6.81 -39.41
CA PHE A 208 4.34 -7.97 -39.64
C PHE A 208 5.02 -9.29 -39.25
N PRO A 209 5.37 -9.42 -37.96
CA PRO A 209 5.90 -10.70 -37.51
C PRO A 209 4.88 -11.83 -37.57
N ASP A 210 5.38 -13.06 -37.65
CA ASP A 210 4.54 -14.25 -37.55
C ASP A 210 4.03 -14.38 -36.13
N GLY A 211 2.81 -14.88 -35.99
CA GLY A 211 2.22 -15.19 -34.70
C GLY A 211 2.37 -16.67 -34.40
N PRO A 212 2.26 -17.05 -33.12
CA PRO A 212 2.28 -18.47 -32.78
C PRO A 212 0.98 -19.14 -33.25
N VAL A 213 1.13 -20.30 -33.89
CA VAL A 213 0.01 -21.05 -34.41
C VAL A 213 -0.44 -22.05 -33.34
N PRO A 214 -1.66 -21.90 -32.78
CA PRO A 214 -2.11 -22.88 -31.80
C PRO A 214 -2.18 -24.30 -32.38
N ASP A 215 -2.18 -25.29 -31.51
CA ASP A 215 -2.28 -26.69 -31.94
C ASP A 215 -3.64 -26.89 -32.60
N GLY A 216 -3.66 -27.60 -33.72
CA GLY A 216 -4.87 -27.78 -34.52
C GLY A 216 -5.33 -26.48 -35.17
N GLN A 217 -4.38 -25.66 -35.60
CA GLN A 217 -4.69 -24.42 -36.32
C GLN A 217 -3.70 -24.17 -37.45
N ILE A 218 -4.07 -23.23 -38.31
CA ILE A 218 -3.28 -22.85 -39.49
C ILE A 218 -2.67 -21.44 -39.36
N TYR A 219 -3.39 -20.49 -38.76
CA TYR A 219 -2.94 -19.09 -38.72
C TYR A 219 -2.34 -18.69 -37.37
N GLY A 220 -1.40 -17.73 -37.42
CA GLY A 220 -0.71 -17.28 -36.23
C GLY A 220 -1.52 -16.24 -35.48
N ASP A 221 -1.54 -16.35 -34.16
CA ASP A 221 -2.23 -15.41 -33.28
C ASP A 221 -1.55 -14.04 -33.45
N ALA A 222 -2.33 -13.02 -33.78
CA ALA A 222 -1.78 -11.68 -34.05
C ALA A 222 -1.34 -10.91 -32.79
N GLY A 223 -1.80 -11.32 -31.61
CA GLY A 223 -1.38 -10.70 -30.36
C GLY A 223 -1.74 -9.24 -30.39
N ASN A 224 -0.76 -8.38 -30.14
CA ASN A 224 -0.92 -6.93 -30.29
C ASN A 224 -0.08 -6.43 -31.44
N ASP A 225 -0.08 -7.14 -32.56
CA ASP A 225 0.66 -6.69 -33.74
C ASP A 225 -0.20 -6.04 -34.81
N PHE A 226 -1.53 -6.08 -34.67
CA PHE A 226 -2.38 -5.08 -35.32
C PHE A 226 -3.23 -4.27 -34.35
N CYS A 227 -3.67 -4.90 -33.27
CA CYS A 227 -4.47 -4.30 -32.21
CA CYS A 227 -4.46 -4.17 -32.29
C CYS A 227 -3.55 -3.57 -31.21
N ASN A 228 -4.03 -2.50 -30.59
CA ASN A 228 -3.29 -1.80 -29.52
C ASN A 228 -1.87 -1.43 -29.92
N GLY A 229 -1.69 -0.93 -31.14
CA GLY A 229 -0.39 -0.49 -31.56
C GLY A 229 0.03 0.82 -30.89
N PRO A 230 1.30 1.19 -31.07
CA PRO A 230 1.84 2.33 -30.32
C PRO A 230 1.24 3.69 -30.64
N ARG A 231 0.65 3.87 -31.84
CA ARG A 231 0.26 5.19 -32.33
C ARG A 231 -1.24 5.52 -32.19
N ILE A 232 -2.02 4.66 -31.53
CA ILE A 232 -3.47 4.88 -31.44
CA ILE A 232 -3.47 4.90 -31.46
C ILE A 232 -3.77 6.23 -30.75
N HIS A 233 -3.16 6.45 -29.57
CA HIS A 233 -3.39 7.71 -28.83
C HIS A 233 -2.97 8.91 -29.67
N GLU A 234 -1.80 8.80 -30.30
CA GLU A 234 -1.33 9.83 -31.22
C GLU A 234 -2.37 10.15 -32.29
N PHE A 235 -2.88 9.12 -32.95
CA PHE A 235 -3.79 9.32 -34.06
C PHE A 235 -5.12 9.91 -33.58
N LEU A 236 -5.61 9.42 -32.46
CA LEU A 236 -6.85 9.95 -31.88
C LEU A 236 -6.72 11.40 -31.45
N GLN A 237 -5.59 11.77 -30.85
CA GLN A 237 -5.33 13.19 -30.50
C GLN A 237 -5.28 14.05 -31.75
N GLU A 238 -4.59 13.57 -32.77
CA GLU A 238 -4.46 14.30 -34.06
C GLU A 238 -5.83 14.49 -34.73
N MET A 239 -6.64 13.44 -34.70
CA MET A 239 -8.01 13.50 -35.22
C MET A 239 -8.87 14.48 -34.44
N ASN A 240 -8.72 14.43 -33.12
CA ASN A 240 -9.46 15.32 -32.24
C ASN A 240 -9.10 16.78 -32.53
N GLN A 241 -7.82 17.08 -32.66
CA GLN A 241 -7.40 18.46 -32.81
C GLN A 241 -7.67 18.99 -34.24
N GLU A 242 -7.56 18.14 -35.25
CA GLU A 242 -7.84 18.53 -36.65
C GLU A 242 -9.34 18.60 -36.98
N VAL A 243 -10.13 17.75 -36.34
CA VAL A 243 -11.51 17.53 -36.74
C VAL A 243 -12.52 17.67 -35.61
N THR A 244 -12.57 16.69 -34.72
CA THR A 244 -13.74 16.53 -33.89
C THR A 244 -13.89 17.61 -32.82
N SER A 245 -12.78 18.24 -32.42
CA SER A 245 -12.82 19.32 -31.44
C SER A 245 -13.53 20.57 -31.97
N LYS A 246 -13.67 20.69 -33.28
CA LYS A 246 -14.26 21.87 -33.90
C LYS A 246 -15.79 21.80 -34.02
N TYR A 247 -16.41 20.75 -33.48
CA TYR A 247 -17.87 20.52 -33.58
C TYR A 247 -18.39 20.04 -32.25
N ASP A 248 -19.69 20.21 -32.02
CA ASP A 248 -20.30 19.78 -30.78
C ASP A 248 -20.85 18.36 -30.97
N VAL A 249 -20.00 17.37 -30.86
CA VAL A 249 -20.34 16.00 -31.23
C VAL A 249 -19.90 15.02 -30.16
N MET A 250 -20.45 13.82 -30.22
CA MET A 250 -20.03 12.73 -29.33
C MET A 250 -19.19 11.73 -30.13
N THR A 251 -18.16 11.19 -29.47
CA THR A 251 -17.33 10.19 -30.11
C THR A 251 -17.28 8.92 -29.25
N VAL A 252 -17.37 7.79 -29.93
CA VAL A 252 -17.38 6.48 -29.30
C VAL A 252 -16.28 5.66 -29.94
N GLY A 253 -15.40 5.08 -29.12
CA GLY A 253 -14.32 4.23 -29.62
C GLY A 253 -14.65 2.76 -29.45
N GLU A 254 -14.93 2.08 -30.57
CA GLU A 254 -15.13 0.63 -30.57
C GLU A 254 -13.75 0.00 -30.56
N MET A 255 -13.44 -0.71 -29.48
CA MET A 255 -12.07 -1.18 -29.27
C MET A 255 -12.01 -2.60 -28.70
N PRO A 256 -12.14 -3.61 -29.57
CA PRO A 256 -11.87 -5.00 -29.16
C PRO A 256 -10.46 -5.15 -28.59
N GLY A 257 -10.36 -5.68 -27.39
CA GLY A 257 -9.06 -5.92 -26.77
C GLY A 257 -8.39 -4.76 -26.05
N ALA A 258 -9.03 -3.58 -26.02
CA ALA A 258 -8.49 -2.47 -25.26
C ALA A 258 -8.80 -2.70 -23.79
N SER A 259 -7.83 -2.56 -22.92
CA SER A 259 -8.04 -2.83 -21.49
C SER A 259 -8.76 -1.68 -20.77
N THR A 260 -9.23 -1.96 -19.55
CA THR A 260 -9.76 -0.92 -18.68
C THR A 260 -8.79 0.25 -18.48
N THR A 261 -7.52 -0.10 -18.24
N THR A 261 -7.52 -0.06 -18.30
CA THR A 261 -6.37 0.84 -18.13
CA THR A 261 -6.51 0.97 -18.07
C THR A 261 -6.27 1.76 -19.34
C THR A 261 -6.16 1.76 -19.34
N ASP A 262 -6.27 1.14 -20.52
CA ASP A 262 -6.20 1.88 -21.79
C ASP A 262 -7.43 2.80 -21.94
N ALA A 263 -8.60 2.28 -21.63
CA ALA A 263 -9.82 3.07 -21.74
C ALA A 263 -9.85 4.27 -20.79
N GLN A 264 -9.23 4.14 -19.62
CA GLN A 264 -9.10 5.27 -18.70
C GLN A 264 -8.34 6.43 -19.35
N ILE A 265 -7.40 6.11 -20.23
CA ILE A 265 -6.65 7.11 -20.97
C ILE A 265 -7.51 7.68 -22.10
N TYR A 266 -8.06 6.80 -22.93
CA TYR A 266 -8.87 7.20 -24.10
C TYR A 266 -10.03 8.10 -23.74
N THR A 267 -10.68 7.84 -22.60
CA THR A 267 -11.91 8.53 -22.28
C THR A 267 -11.75 9.63 -21.24
N ASN A 268 -10.53 9.89 -20.78
CA ASN A 268 -10.28 11.02 -19.88
C ASN A 268 -10.40 12.29 -20.73
N PRO A 269 -11.34 13.19 -20.39
CA PRO A 269 -11.48 14.44 -21.18
C PRO A 269 -10.20 15.26 -21.34
N ALA A 270 -9.30 15.19 -20.36
CA ALA A 270 -8.04 15.90 -20.42
C ALA A 270 -7.16 15.46 -21.59
N ASN A 271 -7.38 14.24 -22.10
CA ASN A 271 -6.58 13.71 -23.18
C ASN A 271 -7.13 14.01 -24.57
N ASN A 272 -8.36 14.49 -24.65
CA ASN A 272 -8.97 14.90 -25.92
C ASN A 272 -8.85 13.80 -26.97
N GLU A 273 -9.31 12.61 -26.61
CA GLU A 273 -9.31 11.48 -27.54
C GLU A 273 -10.77 11.17 -27.86
N VAL A 274 -11.43 10.30 -27.11
CA VAL A 274 -12.85 10.00 -27.36
C VAL A 274 -13.66 10.18 -26.09
N ASP A 275 -14.98 10.31 -26.26
CA ASP A 275 -15.88 10.53 -25.12
C ASP A 275 -16.18 9.25 -24.33
N MET A 276 -16.35 8.15 -25.04
CA MET A 276 -16.65 6.88 -24.39
C MET A 276 -16.13 5.71 -25.19
N ILE A 277 -15.96 4.63 -24.45
CA ILE A 277 -15.44 3.40 -24.96
C ILE A 277 -16.60 2.47 -25.27
N PHE A 278 -16.40 1.58 -26.21
CA PHE A 278 -17.34 0.55 -26.55
C PHE A 278 -16.51 -0.75 -26.52
N THR A 279 -16.72 -1.57 -25.51
CA THR A 279 -15.91 -2.78 -25.26
C THR A 279 -16.66 -4.08 -25.57
N PHE A 280 -15.91 -5.17 -25.57
CA PHE A 280 -16.44 -6.47 -25.95
C PHE A 280 -16.24 -7.55 -24.90
N GLU A 281 -15.73 -7.20 -23.73
CA GLU A 281 -15.33 -8.24 -22.79
C GLU A 281 -16.54 -9.02 -22.30
N HIS A 282 -17.65 -8.34 -22.09
CA HIS A 282 -18.95 -8.97 -21.75
C HIS A 282 -19.68 -9.70 -22.87
N MET A 283 -19.18 -9.58 -24.11
CA MET A 283 -19.70 -10.26 -25.27
C MET A 283 -18.91 -11.54 -25.60
N ASN A 284 -17.84 -11.83 -24.85
CA ASN A 284 -16.93 -12.92 -25.14
C ASN A 284 -16.75 -13.88 -24.00
N LEU A 285 -17.70 -13.90 -23.06
CA LEU A 285 -17.61 -14.76 -21.88
C LEU A 285 -18.26 -16.12 -22.08
N ASP A 286 -19.22 -16.20 -23.01
CA ASP A 286 -19.96 -17.43 -23.29
C ASP A 286 -19.32 -18.18 -24.46
N SER A 287 -18.01 -18.39 -24.32
CA SER A 287 -17.18 -19.06 -25.30
C SER A 287 -16.15 -19.86 -24.54
N ASP A 288 -15.71 -20.98 -25.11
CA ASP A 288 -14.70 -21.83 -24.45
C ASP A 288 -13.34 -21.16 -24.46
N SER A 289 -13.07 -20.38 -25.49
CA SER A 289 -11.79 -19.69 -25.63
C SER A 289 -11.97 -18.33 -26.30
N ASP A 290 -10.98 -17.86 -27.08
CA ASP A 290 -11.10 -16.61 -27.81
C ASP A 290 -12.03 -16.70 -29.02
N ASN A 291 -12.37 -17.92 -29.46
CA ASN A 291 -13.20 -18.12 -30.64
C ASN A 291 -14.68 -18.16 -30.22
N LYS A 292 -15.44 -17.15 -30.64
CA LYS A 292 -16.87 -17.07 -30.26
C LYS A 292 -17.72 -18.26 -30.66
N TRP A 293 -17.30 -18.97 -31.71
CA TRP A 293 -18.06 -20.09 -32.22
C TRP A 293 -17.92 -21.34 -31.34
N ASP A 294 -16.89 -21.38 -30.48
CA ASP A 294 -16.70 -22.48 -29.52
C ASP A 294 -17.53 -22.16 -28.28
N LEU A 295 -18.73 -22.71 -28.21
CA LEU A 295 -19.71 -22.25 -27.27
C LEU A 295 -19.47 -22.77 -25.87
N LYS A 296 -19.79 -21.92 -24.89
CA LYS A 296 -19.82 -22.32 -23.47
CA LYS A 296 -19.79 -22.29 -23.45
C LYS A 296 -20.93 -21.50 -22.81
N PRO A 297 -21.77 -22.13 -21.97
CA PRO A 297 -22.77 -21.28 -21.30
C PRO A 297 -22.16 -20.17 -20.43
N ILE A 298 -22.86 -19.04 -20.35
CA ILE A 298 -22.46 -17.95 -19.49
C ILE A 298 -22.44 -18.41 -18.04
N TYR A 299 -21.44 -17.95 -17.31
CA TYR A 299 -21.39 -18.14 -15.85
C TYR A 299 -21.61 -16.74 -15.25
N LEU A 300 -22.69 -16.56 -14.48
CA LEU A 300 -23.09 -15.21 -14.09
C LEU A 300 -22.00 -14.40 -13.36
N PRO A 301 -21.32 -15.00 -12.36
CA PRO A 301 -20.23 -14.27 -11.70
C PRO A 301 -19.16 -13.70 -12.66
N ASP A 302 -18.85 -14.39 -13.75
CA ASP A 302 -17.91 -13.85 -14.77
C ASP A 302 -18.47 -12.58 -15.39
N LEU A 303 -19.75 -12.60 -15.74
CA LEU A 303 -20.40 -11.46 -16.37
C LEU A 303 -20.43 -10.28 -15.41
N LYS A 304 -20.84 -10.55 -14.18
CA LYS A 304 -20.93 -9.52 -13.14
C LYS A 304 -19.57 -8.88 -12.87
N GLU A 305 -18.55 -9.72 -12.74
CA GLU A 305 -17.20 -9.23 -12.46
C GLU A 305 -16.71 -8.35 -13.58
N ASN A 306 -16.92 -8.80 -14.81
CA ASN A 306 -16.42 -8.05 -15.95
C ASN A 306 -17.13 -6.71 -16.09
N MET A 307 -18.46 -6.71 -16.07
CA MET A 307 -19.19 -5.45 -16.23
C MET A 307 -18.87 -4.48 -15.09
N SER A 308 -18.71 -5.01 -13.87
CA SER A 308 -18.36 -4.20 -12.71
C SER A 308 -16.95 -3.61 -12.81
N GLU A 309 -15.99 -4.36 -13.32
CA GLU A 309 -14.62 -3.86 -13.54
C GLU A 309 -14.63 -2.60 -14.40
N TRP A 310 -15.45 -2.60 -15.46
CA TRP A 310 -15.55 -1.46 -16.36
C TRP A 310 -16.25 -0.25 -15.71
N GLN A 311 -17.27 -0.53 -14.90
CA GLN A 311 -17.94 0.51 -14.11
C GLN A 311 -16.94 1.22 -13.21
N VAL A 312 -16.26 0.44 -12.38
CA VAL A 312 -15.33 0.98 -11.39
C VAL A 312 -14.16 1.68 -12.05
N ALA A 313 -13.63 1.09 -13.13
CA ALA A 313 -12.48 1.67 -13.82
C ALA A 313 -12.75 3.06 -14.40
N LEU A 314 -13.93 3.26 -14.96
CA LEU A 314 -14.21 4.52 -15.66
C LEU A 314 -15.08 5.53 -14.91
N GLN A 315 -15.52 5.20 -13.69
CA GLN A 315 -16.50 6.07 -13.03
C GLN A 315 -15.95 7.43 -12.62
N GLU A 316 -14.66 7.49 -12.27
CA GLU A 316 -14.04 8.76 -11.85
C GLU A 316 -13.96 9.79 -12.97
N ASN A 317 -13.30 9.44 -14.07
CA ASN A 317 -13.01 10.37 -15.18
C ASN A 317 -13.57 9.98 -16.54
N GLY A 318 -13.89 8.71 -16.74
CA GLY A 318 -14.19 8.18 -18.07
C GLY A 318 -15.67 7.94 -18.27
N TRP A 319 -15.98 7.18 -19.31
CA TRP A 319 -17.39 6.90 -19.63
C TRP A 319 -17.52 5.64 -20.47
N ASN A 320 -18.53 4.82 -20.13
CA ASN A 320 -18.82 3.55 -20.80
C ASN A 320 -20.05 3.68 -21.70
N SER A 321 -19.96 3.05 -22.86
CA SER A 321 -21.15 2.65 -23.62
C SER A 321 -21.77 1.45 -22.91
N LEU A 322 -23.08 1.46 -22.63
CA LEU A 322 -23.76 0.32 -22.02
C LEU A 322 -24.59 -0.34 -23.10
N TYR A 323 -24.28 -1.59 -23.44
CA TYR A 323 -25.06 -2.33 -24.42
C TYR A 323 -25.05 -3.81 -24.15
N TRP A 324 -26.14 -4.45 -24.58
CA TRP A 324 -26.28 -5.90 -24.57
C TRP A 324 -26.15 -6.50 -25.98
N ASN A 325 -26.57 -5.75 -26.99
CA ASN A 325 -26.60 -6.28 -28.33
C ASN A 325 -26.60 -5.19 -29.37
N ASN A 326 -26.39 -5.62 -30.61
CA ASN A 326 -26.26 -4.75 -31.77
C ASN A 326 -26.25 -5.66 -33.00
N HIS A 327 -25.96 -5.08 -34.15
CA HIS A 327 -25.89 -5.82 -35.42
C HIS A 327 -24.81 -6.92 -35.53
N ASP A 328 -23.91 -6.99 -34.52
CA ASP A 328 -22.87 -8.01 -34.47
C ASP A 328 -23.11 -9.11 -33.43
N GLN A 329 -24.22 -9.05 -32.68
CA GLN A 329 -24.44 -9.94 -31.56
C GLN A 329 -25.79 -10.62 -31.65
N PRO A 330 -25.89 -11.82 -31.08
CA PRO A 330 -27.23 -12.40 -30.89
C PRO A 330 -28.11 -11.47 -30.05
N ARG A 331 -29.42 -11.68 -30.14
CA ARG A 331 -30.36 -10.86 -29.42
C ARG A 331 -30.39 -11.31 -27.97
N ILE A 332 -30.36 -10.32 -27.08
CA ILE A 332 -30.07 -10.58 -25.68
C ILE A 332 -31.10 -11.42 -24.96
N VAL A 333 -32.38 -11.27 -25.30
CA VAL A 333 -33.39 -12.07 -24.59
C VAL A 333 -33.17 -13.57 -24.84
N SER A 334 -32.77 -13.91 -26.05
CA SER A 334 -32.38 -15.27 -26.40
C SER A 334 -31.02 -15.67 -25.78
N ARG A 335 -30.07 -14.74 -25.81
CA ARG A 335 -28.71 -15.06 -25.38
C ARG A 335 -28.64 -15.34 -23.88
N PHE A 336 -29.09 -14.37 -23.08
CA PHE A 336 -28.98 -14.44 -21.62
C PHE A 336 -30.32 -14.54 -20.90
N GLY A 337 -31.44 -14.31 -21.58
CA GLY A 337 -32.76 -14.38 -20.94
C GLY A 337 -33.43 -15.69 -21.25
N ASN A 338 -34.76 -15.68 -21.17
CA ASN A 338 -35.58 -16.82 -21.53
C ASN A 338 -36.48 -16.31 -22.64
N ASP A 339 -36.42 -16.89 -23.83
CA ASP A 339 -37.22 -16.37 -24.95
C ASP A 339 -38.54 -17.12 -25.20
N ASN A 340 -38.97 -17.87 -24.19
CA ASN A 340 -40.23 -18.60 -24.22
C ASN A 340 -41.25 -17.93 -23.29
N ARG A 341 -41.78 -18.63 -22.30
CA ARG A 341 -42.84 -18.03 -21.51
C ARG A 341 -42.37 -16.81 -20.73
N PHE A 342 -41.11 -16.79 -20.32
CA PHE A 342 -40.56 -15.67 -19.57
C PHE A 342 -39.85 -14.65 -20.46
N ARG A 343 -40.20 -14.61 -21.76
CA ARG A 343 -39.59 -13.65 -22.69
C ARG A 343 -39.84 -12.21 -22.24
N VAL A 344 -41.09 -11.87 -21.99
CA VAL A 344 -41.43 -10.49 -21.56
C VAL A 344 -40.77 -10.14 -20.21
N ARG A 345 -40.89 -11.01 -19.24
CA ARG A 345 -40.36 -10.72 -17.91
C ARG A 345 -38.84 -10.61 -17.92
N SER A 346 -38.20 -11.55 -18.61
CA SER A 346 -36.74 -11.58 -18.65
C SER A 346 -36.15 -10.45 -19.48
N ALA A 347 -36.83 -10.07 -20.56
CA ALA A 347 -36.41 -8.91 -21.32
C ALA A 347 -36.41 -7.67 -20.43
N LYS A 348 -37.46 -7.49 -19.65
CA LYS A 348 -37.54 -6.36 -18.73
C LYS A 348 -36.45 -6.41 -17.66
N MET A 349 -36.14 -7.61 -17.16
CA MET A 349 -35.08 -7.78 -16.17
C MET A 349 -33.73 -7.33 -16.76
N LEU A 350 -33.41 -7.83 -17.94
CA LEU A 350 -32.14 -7.50 -18.61
C LEU A 350 -32.02 -5.98 -18.87
N ALA A 351 -33.12 -5.38 -19.30
CA ALA A 351 -33.16 -3.94 -19.51
C ALA A 351 -32.88 -3.16 -18.22
N THR A 352 -33.48 -3.59 -17.11
CA THR A 352 -33.24 -2.95 -15.80
C THR A 352 -31.76 -3.05 -15.38
N CYS A 353 -31.21 -4.24 -15.51
CA CYS A 353 -29.82 -4.54 -15.18
C CYS A 353 -28.83 -3.61 -15.89
N LEU A 354 -29.02 -3.42 -17.19
CA LEU A 354 -28.12 -2.53 -17.96
C LEU A 354 -28.39 -1.06 -17.72
N HIS A 355 -29.66 -0.65 -17.79
CA HIS A 355 -29.99 0.76 -17.75
C HIS A 355 -29.72 1.44 -16.38
N MET A 356 -29.61 0.67 -15.29
CA MET A 356 -29.30 1.27 -14.00
C MET A 356 -27.79 1.37 -13.75
N MET A 357 -26.96 0.98 -14.73
CA MET A 357 -25.53 1.19 -14.63
C MET A 357 -25.16 2.60 -15.05
N LYS A 358 -23.89 2.94 -14.79
CA LYS A 358 -23.36 4.26 -15.12
C LYS A 358 -22.85 4.25 -16.55
N GLY A 359 -23.38 5.14 -17.40
CA GLY A 359 -22.99 5.19 -18.80
C GLY A 359 -24.13 5.58 -19.72
N THR A 360 -23.85 5.48 -21.01
CA THR A 360 -24.81 5.79 -22.08
C THR A 360 -25.39 4.48 -22.62
N PRO A 361 -26.70 4.23 -22.37
CA PRO A 361 -27.31 3.00 -22.88
C PRO A 361 -27.60 3.03 -24.37
N TYR A 362 -27.45 1.86 -24.97
CA TYR A 362 -27.71 1.62 -26.38
C TYR A 362 -28.82 0.59 -26.43
N ILE A 363 -29.88 0.91 -27.18
CA ILE A 363 -30.99 0.03 -27.45
C ILE A 363 -30.88 -0.36 -28.91
N TYR A 364 -30.73 -1.66 -29.19
CA TYR A 364 -30.69 -2.12 -30.58
C TYR A 364 -32.10 -2.25 -31.10
N GLN A 365 -32.32 -1.87 -32.35
CA GLN A 365 -33.65 -1.98 -32.94
C GLN A 365 -34.25 -3.35 -32.67
N GLY A 366 -35.46 -3.36 -32.10
CA GLY A 366 -36.20 -4.58 -31.84
C GLY A 366 -36.00 -5.12 -30.45
N GLU A 367 -34.95 -4.68 -29.75
CA GLU A 367 -34.71 -5.03 -28.35
C GLU A 367 -35.90 -4.58 -27.50
N GLU A 368 -36.42 -3.41 -27.84
CA GLU A 368 -37.52 -2.82 -27.10
C GLU A 368 -38.87 -3.51 -27.28
N ILE A 369 -38.98 -4.45 -28.22
CA ILE A 369 -40.16 -5.34 -28.34
C ILE A 369 -39.81 -6.81 -28.09
N GLY A 370 -38.58 -7.08 -27.61
CA GLY A 370 -38.12 -8.43 -27.31
C GLY A 370 -38.04 -9.34 -28.53
N MET A 371 -37.54 -8.83 -29.65
CA MET A 371 -37.16 -9.71 -30.74
C MET A 371 -36.10 -10.73 -30.26
N THR A 372 -36.07 -11.85 -30.95
CA THR A 372 -35.33 -13.03 -30.54
C THR A 372 -34.38 -13.48 -31.62
N ASN A 373 -33.54 -14.45 -31.29
CA ASN A 373 -32.70 -15.13 -32.28
C ASN A 373 -33.53 -15.92 -33.29
N VAL A 374 -32.92 -16.19 -34.44
CA VAL A 374 -33.57 -16.96 -35.51
C VAL A 374 -32.84 -18.31 -35.63
N HIS A 375 -33.59 -19.32 -36.06
CA HIS A 375 -33.10 -20.69 -36.22
CA HIS A 375 -33.05 -20.66 -36.26
C HIS A 375 -33.55 -21.18 -37.60
N PHE A 376 -32.82 -20.84 -38.65
CA PHE A 376 -33.13 -21.39 -39.98
C PHE A 376 -32.57 -22.80 -40.07
N GLU A 377 -33.32 -23.69 -40.68
CA GLU A 377 -32.93 -25.10 -40.81
C GLU A 377 -31.74 -25.32 -41.71
N THR A 378 -31.53 -24.45 -42.69
CA THR A 378 -30.43 -24.62 -43.64
C THR A 378 -29.59 -23.36 -43.76
N LEU A 379 -28.32 -23.59 -44.08
CA LEU A 379 -27.35 -22.51 -44.26
C LEU A 379 -27.76 -21.52 -45.36
N ASP A 380 -28.48 -22.00 -46.36
CA ASP A 380 -28.94 -21.15 -47.47
C ASP A 380 -29.83 -19.96 -47.08
N ASP A 381 -30.49 -20.01 -45.93
CA ASP A 381 -31.25 -18.86 -45.44
C ASP A 381 -30.40 -17.81 -44.73
N TYR A 382 -29.15 -18.15 -44.39
CA TYR A 382 -28.23 -17.20 -43.79
C TYR A 382 -27.57 -16.35 -44.88
N ARG A 383 -27.03 -15.22 -44.46
CA ARG A 383 -26.53 -14.18 -45.39
C ARG A 383 -25.16 -13.60 -45.07
N ASP A 384 -24.83 -13.51 -43.80
CA ASP A 384 -23.66 -12.79 -43.35
C ASP A 384 -22.39 -13.48 -43.83
N ILE A 385 -21.55 -12.72 -44.51
CA ILE A 385 -20.23 -13.20 -44.95
C ILE A 385 -19.45 -13.93 -43.86
N GLU A 386 -19.47 -13.40 -42.63
CA GLU A 386 -18.74 -14.04 -41.53
C GLU A 386 -19.27 -15.44 -41.27
N THR A 387 -20.59 -15.59 -41.26
CA THR A 387 -21.20 -16.89 -41.01
C THR A 387 -20.91 -17.88 -42.16
N LEU A 388 -21.08 -17.43 -43.39
CA LEU A 388 -20.89 -18.31 -44.55
C LEU A 388 -19.41 -18.71 -44.67
N ASN A 389 -18.50 -17.77 -44.41
CA ASN A 389 -17.08 -18.09 -44.45
C ASN A 389 -16.68 -19.02 -43.33
N MET A 390 -17.24 -18.80 -42.14
CA MET A 390 -16.95 -19.65 -40.99
C MET A 390 -17.43 -21.07 -41.25
N TYR A 391 -18.61 -21.22 -41.84
CA TYR A 391 -19.16 -22.55 -42.04
C TYR A 391 -18.16 -23.38 -42.85
N LYS A 392 -17.71 -22.82 -43.96
CA LYS A 392 -16.76 -23.52 -44.83
C LYS A 392 -15.46 -23.88 -44.13
N GLU A 393 -14.93 -22.97 -43.33
CA GLU A 393 -13.67 -23.19 -42.63
C GLU A 393 -13.78 -24.22 -41.52
N ARG A 394 -14.84 -24.15 -40.74
CA ARG A 394 -15.05 -25.09 -39.63
C ARG A 394 -15.40 -26.48 -40.13
N LYS A 395 -16.17 -26.56 -41.20
CA LYS A 395 -16.48 -27.84 -41.84
C LYS A 395 -15.21 -28.52 -42.38
N GLU A 396 -14.35 -27.78 -43.07
CA GLU A 396 -13.07 -28.37 -43.54
C GLU A 396 -12.13 -28.73 -42.36
N GLN A 397 -12.24 -28.01 -41.25
CA GLN A 397 -11.51 -28.34 -40.00
C GLN A 397 -12.05 -29.53 -39.20
N GLY A 398 -13.18 -30.11 -39.61
CA GLY A 398 -13.71 -31.33 -38.98
C GLY A 398 -14.89 -31.17 -38.03
N HIS A 399 -15.41 -29.95 -37.86
CA HIS A 399 -16.62 -29.75 -37.05
C HIS A 399 -17.82 -30.26 -37.81
N SER A 400 -18.75 -30.90 -37.10
CA SER A 400 -19.96 -31.45 -37.71
C SER A 400 -20.90 -30.36 -38.17
N HIS A 401 -21.69 -30.65 -39.19
CA HIS A 401 -22.74 -29.74 -39.64
C HIS A 401 -23.61 -29.28 -38.48
N GLU A 402 -24.01 -30.22 -37.65
CA GLU A 402 -24.90 -29.93 -36.52
C GLU A 402 -24.23 -28.96 -35.52
N SER A 403 -22.96 -29.17 -35.25
CA SER A 403 -22.18 -28.31 -34.32
C SER A 403 -22.09 -26.86 -34.84
N ILE A 404 -21.77 -26.74 -36.12
CA ILE A 404 -21.63 -25.44 -36.77
C ILE A 404 -22.96 -24.69 -36.76
N MET A 405 -24.05 -25.38 -37.07
CA MET A 405 -25.36 -24.75 -37.04
C MET A 405 -25.69 -24.25 -35.63
N GLN A 406 -25.36 -25.04 -34.61
CA GLN A 406 -25.57 -24.59 -33.23
CA GLN A 406 -25.58 -24.58 -33.22
C GLN A 406 -24.78 -23.30 -32.96
N SER A 407 -23.55 -23.23 -33.46
CA SER A 407 -22.73 -22.03 -33.32
C SER A 407 -23.38 -20.81 -34.00
N ILE A 408 -23.95 -21.03 -35.18
CA ILE A 408 -24.68 -19.98 -35.89
C ILE A 408 -25.91 -19.55 -35.10
N TYR A 409 -26.68 -20.51 -34.62
CA TYR A 409 -27.88 -20.19 -33.85
C TYR A 409 -27.58 -19.37 -32.60
N THR A 410 -26.46 -19.64 -31.94
CA THR A 410 -26.13 -18.96 -30.69
C THR A 410 -25.37 -17.65 -30.90
N LYS A 411 -24.54 -17.56 -31.94
CA LYS A 411 -23.64 -16.39 -32.11
C LYS A 411 -23.69 -15.68 -33.45
N GLY A 412 -24.40 -16.21 -34.44
CA GLY A 412 -24.38 -15.62 -35.77
C GLY A 412 -24.94 -14.23 -35.78
N ARG A 413 -24.36 -13.38 -36.63
CA ARG A 413 -24.81 -11.99 -36.68
C ARG A 413 -26.20 -11.83 -37.35
N ASP A 414 -26.61 -12.77 -38.20
CA ASP A 414 -27.93 -12.63 -38.82
C ASP A 414 -29.07 -12.72 -37.79
N ASN A 415 -28.82 -13.31 -36.62
CA ASN A 415 -29.77 -13.20 -35.50
C ASN A 415 -30.29 -11.76 -35.27
N ALA A 416 -29.40 -10.80 -35.43
CA ALA A 416 -29.65 -9.38 -35.23
C ALA A 416 -30.20 -8.65 -36.45
N ARG A 417 -30.16 -9.32 -37.60
CA ARG A 417 -30.38 -8.65 -38.87
C ARG A 417 -31.68 -9.04 -39.56
N THR A 418 -32.43 -10.00 -39.02
CA THR A 418 -33.72 -10.32 -39.62
C THR A 418 -34.62 -9.09 -39.51
N PRO A 419 -35.49 -8.86 -40.50
CA PRO A 419 -36.19 -7.59 -40.50
C PRO A 419 -36.99 -7.28 -39.22
N TYR A 420 -36.98 -6.01 -38.83
CA TYR A 420 -37.76 -5.53 -37.70
C TYR A 420 -39.23 -5.92 -37.87
N GLN A 421 -39.83 -6.38 -36.77
CA GLN A 421 -41.18 -6.94 -36.77
C GLN A 421 -42.21 -5.85 -36.39
N TRP A 422 -42.80 -5.22 -37.40
CA TRP A 422 -43.71 -4.10 -37.16
C TRP A 422 -45.12 -4.53 -36.78
N ASP A 423 -45.61 -5.59 -37.41
CA ASP A 423 -47.00 -6.03 -37.21
C ASP A 423 -47.15 -7.49 -37.62
N ASN A 424 -48.39 -7.98 -37.67
CA ASN A 424 -48.60 -9.39 -38.01
C ASN A 424 -49.02 -9.60 -39.47
N SER A 425 -48.85 -8.58 -40.31
CA SER A 425 -49.11 -8.72 -41.75
C SER A 425 -47.94 -9.47 -42.39
N GLU A 426 -48.06 -9.73 -43.69
CA GLU A 426 -47.03 -10.45 -44.44
C GLU A 426 -45.65 -9.79 -44.25
N ASN A 427 -44.64 -10.61 -44.01
CA ASN A 427 -43.29 -10.13 -43.73
C ASN A 427 -43.25 -9.14 -42.54
N ALA A 428 -44.17 -9.32 -41.60
CA ALA A 428 -44.30 -8.47 -40.42
C ALA A 428 -44.42 -6.96 -40.70
N GLY A 429 -44.93 -6.62 -41.89
CA GLY A 429 -45.08 -5.23 -42.30
C GLY A 429 -43.76 -4.52 -42.60
N PHE A 430 -42.66 -5.25 -42.69
CA PHE A 430 -41.36 -4.66 -43.03
C PHE A 430 -41.31 -4.26 -44.50
N THR A 431 -41.92 -5.09 -45.35
CA THR A 431 -41.87 -4.91 -46.79
C THR A 431 -43.05 -5.59 -47.44
N THR A 432 -43.45 -5.04 -48.59
CA THR A 432 -44.40 -5.68 -49.50
C THR A 432 -43.71 -6.63 -50.49
N GLY A 433 -42.38 -6.59 -50.57
CA GLY A 433 -41.62 -7.44 -51.49
C GLY A 433 -41.10 -8.68 -50.80
N THR A 434 -40.01 -9.22 -51.33
CA THR A 434 -39.32 -10.38 -50.74
C THR A 434 -38.16 -9.85 -49.90
N PRO A 435 -38.22 -10.01 -48.57
CA PRO A 435 -37.12 -9.47 -47.77
C PRO A 435 -35.76 -10.08 -48.09
N TRP A 436 -34.73 -9.24 -48.03
CA TRP A 436 -33.35 -9.65 -48.35
C TRP A 436 -32.85 -10.80 -47.46
N LEU A 437 -33.37 -10.83 -46.23
CA LEU A 437 -33.15 -11.88 -45.25
C LEU A 437 -34.52 -12.20 -44.66
N LYS A 438 -34.84 -13.48 -44.51
CA LYS A 438 -36.18 -13.88 -44.03
C LYS A 438 -36.54 -13.32 -42.66
N VAL A 439 -37.82 -12.99 -42.51
CA VAL A 439 -38.35 -12.50 -41.23
C VAL A 439 -38.41 -13.68 -40.26
N ASN A 440 -38.12 -13.43 -38.99
CA ASN A 440 -38.27 -14.47 -37.98
C ASN A 440 -39.76 -14.88 -37.93
N PRO A 441 -40.06 -16.20 -38.03
CA PRO A 441 -41.47 -16.64 -38.00
C PRO A 441 -42.26 -16.30 -36.75
N ARG A 442 -41.57 -15.95 -35.67
CA ARG A 442 -42.26 -15.52 -34.45
C ARG A 442 -42.88 -14.13 -34.55
N TYR A 443 -42.73 -13.44 -35.68
CA TYR A 443 -43.34 -12.12 -35.86
C TYR A 443 -44.86 -12.10 -35.62
N THR A 444 -45.55 -13.23 -35.84
CA THR A 444 -47.00 -13.29 -35.63
C THR A 444 -47.37 -12.99 -34.18
N GLU A 445 -46.47 -13.31 -33.25
CA GLU A 445 -46.66 -13.07 -31.82
C GLU A 445 -45.83 -11.88 -31.28
N ILE A 446 -44.68 -11.63 -31.89
CA ILE A 446 -43.71 -10.61 -31.43
C ILE A 446 -43.63 -9.51 -32.47
N ASN A 447 -44.29 -8.38 -32.21
CA ASN A 447 -44.24 -7.28 -33.16
C ASN A 447 -44.62 -5.96 -32.50
N ASN A 448 -44.27 -4.88 -33.17
CA ASN A 448 -44.40 -3.53 -32.63
C ASN A 448 -45.86 -3.18 -32.31
N GLU A 449 -46.76 -3.44 -33.24
CA GLU A 449 -48.17 -3.16 -33.01
C GLU A 449 -48.71 -3.89 -31.77
N GLU A 450 -48.40 -5.18 -31.63
CA GLU A 450 -48.86 -5.96 -30.48
C GLU A 450 -48.31 -5.33 -29.20
N ALA A 451 -47.04 -4.93 -29.26
CA ALA A 451 -46.37 -4.34 -28.09
C ALA A 451 -47.02 -3.00 -27.69
N LEU A 452 -47.36 -2.16 -28.65
CA LEU A 452 -48.07 -0.91 -28.29
C LEU A 452 -49.49 -1.15 -27.74
N LYS A 453 -50.18 -2.17 -28.25
CA LYS A 453 -51.53 -2.47 -27.73
C LYS A 453 -51.53 -3.09 -26.34
N ASN A 454 -50.45 -3.79 -26.01
CA ASN A 454 -50.36 -4.52 -24.74
C ASN A 454 -49.72 -3.67 -23.64
N PRO A 455 -50.50 -3.25 -22.63
CA PRO A 455 -49.92 -2.35 -21.65
C PRO A 455 -48.77 -2.95 -20.83
N ASP A 456 -48.69 -4.28 -20.77
CA ASP A 456 -47.61 -4.96 -20.06
C ASP A 456 -46.43 -5.32 -20.94
N SER A 457 -46.32 -4.71 -22.12
CA SER A 457 -45.30 -5.08 -23.06
C SER A 457 -43.93 -4.57 -22.64
N ILE A 458 -42.92 -5.12 -23.32
CA ILE A 458 -41.55 -4.69 -23.15
C ILE A 458 -41.39 -3.21 -23.57
N PHE A 459 -42.16 -2.78 -24.57
CA PHE A 459 -42.07 -1.41 -25.04
C PHE A 459 -42.29 -0.40 -23.93
N TYR A 460 -43.37 -0.55 -23.16
CA TYR A 460 -43.68 0.43 -22.12
C TYR A 460 -42.62 0.40 -21.02
N TYR A 461 -42.03 -0.75 -20.79
CA TYR A 461 -40.95 -0.85 -19.81
C TYR A 461 -39.72 -0.07 -20.25
N TYR A 462 -39.33 -0.21 -21.52
CA TYR A 462 -38.19 0.56 -22.05
C TYR A 462 -38.49 2.06 -22.04
N GLN A 463 -39.69 2.43 -22.47
CA GLN A 463 -40.13 3.84 -22.46
C GLN A 463 -39.94 4.45 -21.07
N ASN A 464 -40.33 3.72 -20.03
CA ASN A 464 -40.18 4.17 -18.67
C ASN A 464 -38.71 4.23 -18.19
N LEU A 465 -37.90 3.22 -18.53
CA LEU A 465 -36.46 3.26 -18.18
C LEU A 465 -35.77 4.51 -18.76
N ILE A 466 -36.15 4.85 -19.99
CA ILE A 466 -35.60 6.01 -20.66
C ILE A 466 -36.00 7.26 -19.88
N LYS A 467 -37.28 7.33 -19.49
CA LYS A 467 -37.77 8.45 -18.69
C LYS A 467 -37.05 8.57 -17.34
N LEU A 468 -36.80 7.44 -16.70
CA LEU A 468 -36.08 7.44 -15.43
C LEU A 468 -34.69 8.06 -15.56
N ARG A 469 -33.99 7.78 -16.66
CA ARG A 469 -32.67 8.35 -16.88
C ARG A 469 -32.74 9.87 -17.03
N LYS A 470 -33.80 10.36 -17.68
CA LYS A 470 -34.05 11.81 -17.77
C LYS A 470 -34.30 12.46 -16.41
N THR A 471 -35.00 11.77 -15.52
CA THR A 471 -35.54 12.39 -14.31
C THR A 471 -34.85 12.03 -12.99
N THR A 472 -33.96 11.04 -12.99
CA THR A 472 -33.39 10.49 -11.77
C THR A 472 -31.88 10.72 -11.82
N GLU A 473 -31.46 11.79 -11.19
CA GLU A 473 -30.06 12.24 -11.26
C GLU A 473 -29.03 11.13 -10.97
N ILE A 474 -29.28 10.34 -9.93
CA ILE A 474 -28.29 9.34 -9.47
C ILE A 474 -27.95 8.31 -10.53
N ILE A 475 -28.88 8.04 -11.44
CA ILE A 475 -28.60 7.11 -12.54
C ILE A 475 -27.38 7.61 -13.34
N THR A 476 -27.22 8.92 -13.47
CA THR A 476 -26.05 9.51 -14.11
C THR A 476 -24.88 9.72 -13.16
N THR A 477 -25.13 10.36 -12.02
CA THR A 477 -24.06 10.81 -11.13
C THR A 477 -23.52 9.76 -10.16
N GLY A 478 -24.24 8.66 -9.94
CA GLY A 478 -23.80 7.71 -8.94
C GLY A 478 -22.55 6.95 -9.32
N ASN A 479 -21.73 6.62 -8.32
CA ASN A 479 -20.70 5.60 -8.48
C ASN A 479 -21.41 4.22 -8.49
N TYR A 480 -20.64 3.15 -8.68
CA TYR A 480 -21.15 1.78 -8.79
C TYR A 480 -20.31 0.88 -7.91
N ARG A 481 -20.97 -0.06 -7.23
CA ARG A 481 -20.26 -1.18 -6.62
C ARG A 481 -21.07 -2.47 -6.70
N LEU A 482 -20.38 -3.55 -6.99
CA LEU A 482 -20.99 -4.87 -7.10
C LEU A 482 -21.33 -5.40 -5.71
N LEU A 483 -22.51 -5.99 -5.56
CA LEU A 483 -22.91 -6.71 -4.34
C LEU A 483 -23.01 -8.20 -4.68
N LEU A 484 -23.08 -9.07 -3.67
CA LEU A 484 -23.26 -10.53 -3.88
C LEU A 484 -22.46 -11.07 -5.08
N PRO A 485 -21.14 -10.86 -5.07
CA PRO A 485 -20.36 -11.11 -6.30
C PRO A 485 -20.35 -12.56 -6.74
N LYS A 486 -20.36 -13.50 -5.80
CA LYS A 486 -20.30 -14.92 -6.12
C LYS A 486 -21.63 -15.56 -6.48
N ASP A 487 -22.73 -14.87 -6.23
CA ASP A 487 -24.06 -15.46 -6.43
C ASP A 487 -24.23 -15.87 -7.90
N GLU A 488 -24.64 -17.11 -8.12
CA GLU A 488 -24.78 -17.65 -9.46
C GLU A 488 -26.10 -17.30 -10.14
N ALA A 489 -27.05 -16.72 -9.39
CA ALA A 489 -28.39 -16.36 -9.91
C ALA A 489 -28.71 -14.87 -9.88
N ILE A 490 -28.23 -14.16 -8.87
CA ILE A 490 -28.60 -12.76 -8.67
C ILE A 490 -27.49 -11.83 -9.12
N PHE A 491 -27.83 -10.88 -9.97
CA PHE A 491 -26.97 -9.74 -10.28
C PHE A 491 -27.49 -8.58 -9.44
N ALA A 492 -26.77 -8.27 -8.36
CA ALA A 492 -27.12 -7.18 -7.45
C ALA A 492 -25.97 -6.19 -7.40
N TYR A 493 -26.30 -4.91 -7.42
CA TYR A 493 -25.30 -3.86 -7.30
C TYR A 493 -25.91 -2.60 -6.73
N GLU A 494 -25.07 -1.66 -6.34
CA GLU A 494 -25.59 -0.39 -5.91
C GLU A 494 -24.99 0.76 -6.69
N ARG A 495 -25.79 1.81 -6.81
CA ARG A 495 -25.33 3.09 -7.31
C ARG A 495 -25.38 4.03 -6.11
N TYR A 496 -24.39 4.89 -5.96
CA TYR A 496 -24.32 5.72 -4.77
C TYR A 496 -23.71 7.09 -4.98
N THR A 497 -24.28 8.07 -4.29
CA THR A 497 -23.73 9.40 -4.17
C THR A 497 -23.58 9.68 -2.69
N GLU A 498 -23.15 10.90 -2.36
CA GLU A 498 -23.06 11.37 -0.97
C GLU A 498 -24.25 11.01 -0.06
N ASN A 499 -25.46 11.31 -0.51
CA ASN A 499 -26.66 11.10 0.32
C ASN A 499 -27.78 10.27 -0.33
N GLU A 500 -27.45 9.46 -1.34
CA GLU A 500 -28.46 8.65 -2.02
C GLU A 500 -27.89 7.34 -2.53
N LYS A 501 -28.73 6.29 -2.59
CA LYS A 501 -28.35 5.00 -3.13
C LYS A 501 -29.45 4.43 -3.97
N LEU A 502 -29.07 3.68 -5.00
CA LEU A 502 -29.96 2.72 -5.62
C LEU A 502 -29.43 1.33 -5.34
N VAL A 503 -30.32 0.39 -5.04
CA VAL A 503 -29.95 -1.02 -4.91
C VAL A 503 -30.71 -1.74 -6.01
N VAL A 504 -29.96 -2.35 -6.92
CA VAL A 504 -30.50 -2.99 -8.11
C VAL A 504 -30.36 -4.51 -7.91
N LEU A 505 -31.49 -5.22 -8.03
CA LEU A 505 -31.57 -6.66 -7.76
C LEU A 505 -32.23 -7.34 -8.96
N CYS A 506 -31.47 -8.15 -9.70
CA CYS A 506 -31.93 -8.79 -10.93
C CYS A 506 -31.70 -10.31 -10.84
N ASN A 507 -32.75 -11.08 -11.03
CA ASN A 507 -32.63 -12.52 -11.06
C ASN A 507 -32.40 -12.94 -12.50
N PHE A 508 -31.22 -13.49 -12.78
CA PHE A 508 -30.91 -14.04 -14.11
C PHE A 508 -31.39 -15.48 -14.35
N THR A 509 -32.21 -16.00 -13.44
CA THR A 509 -32.63 -17.39 -13.55
C THR A 509 -34.13 -17.53 -13.47
N GLU A 510 -34.58 -18.70 -13.89
CA GLU A 510 -35.97 -19.12 -13.74
C GLU A 510 -36.35 -19.64 -12.33
N GLU A 511 -35.45 -19.52 -11.34
CA GLU A 511 -35.66 -20.06 -10.01
C GLU A 511 -35.82 -18.92 -9.01
N GLU A 512 -36.80 -19.08 -8.10
CA GLU A 512 -37.01 -18.11 -7.03
C GLU A 512 -35.76 -18.01 -6.16
N GLN A 513 -35.40 -16.79 -5.77
CA GLN A 513 -34.22 -16.53 -4.93
C GLN A 513 -34.66 -15.76 -3.69
N VAL A 514 -34.25 -16.20 -2.51
CA VAL A 514 -34.55 -15.49 -1.26
C VAL A 514 -33.25 -14.89 -0.78
N ILE A 515 -33.21 -13.57 -0.64
CA ILE A 515 -32.01 -12.87 -0.19
C ILE A 515 -31.90 -12.99 1.34
N SER A 516 -30.76 -13.49 1.84
CA SER A 516 -30.46 -13.54 3.27
C SER A 516 -29.45 -12.49 3.74
N ASP A 517 -28.79 -11.80 2.82
CA ASP A 517 -27.79 -10.79 3.15
C ASP A 517 -28.40 -9.66 3.98
N GLU A 518 -28.02 -9.59 5.25
CA GLU A 518 -28.58 -8.60 6.19
C GLU A 518 -28.40 -7.16 5.72
N THR A 519 -27.25 -6.86 5.12
CA THR A 519 -26.97 -5.49 4.70
C THR A 519 -27.94 -5.05 3.61
N ILE A 520 -28.13 -5.90 2.59
CA ILE A 520 -29.13 -5.63 1.54
C ILE A 520 -30.56 -5.54 2.11
N LEU A 521 -30.94 -6.50 2.94
CA LEU A 521 -32.30 -6.52 3.51
C LEU A 521 -32.60 -5.25 4.32
N ASN A 522 -31.64 -4.81 5.12
CA ASN A 522 -31.80 -3.56 5.88
C ASN A 522 -31.92 -2.33 4.98
N GLU A 523 -31.07 -2.24 3.96
CA GLU A 523 -31.09 -1.13 3.00
C GLU A 523 -32.43 -0.98 2.29
N ILE A 524 -32.88 -2.07 1.67
CA ILE A 524 -34.12 -2.05 0.91
C ILE A 524 -35.37 -1.79 1.77
N GLN A 525 -35.34 -2.17 3.05
CA GLN A 525 -36.42 -1.79 3.97
C GLN A 525 -36.55 -0.25 4.11
N LYS A 526 -35.43 0.46 4.05
CA LYS A 526 -35.39 1.92 4.13
C LYS A 526 -35.75 2.63 2.82
N GLY A 527 -35.84 1.90 1.72
CA GLY A 527 -35.99 2.52 0.40
C GLY A 527 -37.40 2.40 -0.10
N SER A 528 -37.63 2.98 -1.28
CA SER A 528 -38.88 2.81 -2.00
C SER A 528 -38.54 2.23 -3.36
N VAL A 529 -39.51 1.56 -3.97
CA VAL A 529 -39.30 0.91 -5.25
C VAL A 529 -39.37 1.97 -6.37
N LEU A 530 -38.27 2.11 -7.10
CA LEU A 530 -38.16 3.04 -8.20
C LEU A 530 -38.79 2.44 -9.46
N VAL A 531 -38.52 1.16 -9.70
CA VAL A 531 -39.01 0.46 -10.87
C VAL A 531 -38.92 -1.03 -10.57
N ASN A 532 -39.84 -1.80 -11.15
CA ASN A 532 -39.84 -3.25 -10.93
C ASN A 532 -40.64 -3.90 -12.05
N ASN A 533 -40.38 -5.17 -12.36
CA ASN A 533 -41.05 -5.83 -13.51
C ASN A 533 -42.15 -6.84 -13.14
N VAL A 534 -42.33 -7.16 -11.86
CA VAL A 534 -43.39 -8.09 -11.45
C VAL A 534 -44.17 -7.44 -10.31
N PRO A 535 -45.50 -7.30 -10.45
CA PRO A 535 -46.33 -6.74 -9.37
C PRO A 535 -46.36 -7.59 -8.10
N ASN A 536 -46.73 -6.95 -6.99
CA ASN A 536 -46.93 -7.63 -5.71
C ASN A 536 -45.65 -8.26 -5.17
N ILE A 537 -44.65 -7.39 -4.99
CA ILE A 537 -43.33 -7.77 -4.49
C ILE A 537 -43.44 -8.35 -3.09
N ILE A 538 -42.65 -9.38 -2.84
CA ILE A 538 -42.41 -9.86 -1.49
C ILE A 538 -40.99 -9.44 -1.18
N GLU A 539 -40.87 -8.55 -0.20
CA GLU A 539 -39.56 -7.93 0.08
C GLU A 539 -38.52 -8.98 0.45
N GLY A 540 -37.36 -8.90 -0.21
CA GLY A 540 -36.26 -9.80 0.04
C GLY A 540 -36.29 -11.06 -0.81
N THR A 541 -37.30 -11.20 -1.67
CA THR A 541 -37.44 -12.36 -2.54
C THR A 541 -37.49 -11.87 -3.98
N LEU A 542 -36.80 -12.59 -4.86
CA LEU A 542 -36.91 -12.37 -6.28
C LEU A 542 -37.55 -13.59 -6.94
N ARG A 543 -38.73 -13.39 -7.51
CA ARG A 543 -39.34 -14.41 -8.33
C ARG A 543 -38.48 -14.69 -9.59
N PRO A 544 -38.78 -15.80 -10.31
CA PRO A 544 -38.09 -16.05 -11.57
C PRO A 544 -38.02 -14.79 -12.44
N TYR A 545 -36.80 -14.42 -12.85
CA TYR A 545 -36.53 -13.27 -13.73
C TYR A 545 -37.07 -11.94 -13.20
N GLU A 546 -37.20 -11.82 -11.88
CA GLU A 546 -37.65 -10.58 -11.30
C GLU A 546 -36.50 -9.59 -11.23
N ALA A 547 -36.84 -8.31 -11.43
CA ALA A 547 -35.95 -7.18 -11.25
C ALA A 547 -36.65 -6.15 -10.38
N ILE A 548 -35.92 -5.59 -9.42
CA ILE A 548 -36.44 -4.55 -8.54
C ILE A 548 -35.32 -3.55 -8.32
N VAL A 549 -35.63 -2.26 -8.37
CA VAL A 549 -34.68 -1.22 -8.01
C VAL A 549 -35.26 -0.46 -6.83
N TYR A 550 -34.49 -0.38 -5.73
CA TYR A 550 -34.86 0.42 -4.55
C TYR A 550 -34.08 1.72 -4.55
N GLN A 551 -34.72 2.82 -4.17
CA GLN A 551 -34.07 4.12 -4.04
C GLN A 551 -34.08 4.48 -2.56
N ILE A 552 -32.90 4.78 -2.02
CA ILE A 552 -32.74 5.08 -0.58
C ILE A 552 -32.17 6.48 -0.45
N LYS A 553 -32.97 7.42 0.07
CA LYS A 553 -32.50 8.79 0.23
C LYS A 553 -32.08 9.04 1.67
N GLY A 554 -30.84 9.49 1.86
CA GLY A 554 -30.37 9.95 3.17
C GLY A 554 -30.95 11.32 3.50
N ALA A 555 -30.41 11.96 4.53
CA ALA A 555 -30.87 13.31 4.92
C ALA A 555 -30.27 14.39 4.00
N GLU B 3 4.75 -25.61 -22.20
CA GLU B 3 5.75 -26.31 -23.06
C GLU B 3 7.01 -26.70 -22.27
N LYS B 4 7.77 -27.63 -22.84
CA LYS B 4 9.03 -28.08 -22.23
C LYS B 4 9.94 -26.87 -21.99
N ASP B 5 10.42 -26.73 -20.76
CA ASP B 5 11.28 -25.61 -20.34
C ASP B 5 10.72 -24.25 -20.77
N TRP B 6 9.42 -24.07 -20.53
CA TRP B 6 8.71 -22.81 -20.82
C TRP B 6 9.40 -21.55 -20.29
N TRP B 7 10.03 -21.70 -19.13
CA TRP B 7 10.73 -20.63 -18.43
C TRP B 7 11.94 -20.04 -19.18
N LYS B 8 12.51 -20.78 -20.13
CA LYS B 8 13.60 -20.27 -20.94
C LYS B 8 13.21 -19.06 -21.80
N LYS B 9 11.99 -19.05 -22.31
CA LYS B 9 11.48 -17.96 -23.16
C LYS B 9 10.59 -16.99 -22.42
N SER B 10 10.34 -17.22 -21.14
CA SER B 10 9.49 -16.34 -20.34
C SER B 10 10.15 -14.99 -20.14
N VAL B 11 9.34 -13.96 -19.96
CA VAL B 11 9.81 -12.70 -19.47
C VAL B 11 9.11 -12.44 -18.16
N VAL B 12 9.91 -12.19 -17.13
CA VAL B 12 9.45 -12.00 -15.76
C VAL B 12 9.28 -10.51 -15.48
N TYR B 13 8.15 -10.16 -14.88
CA TYR B 13 7.92 -8.80 -14.37
C TYR B 13 7.83 -8.92 -12.86
N GLN B 14 8.69 -8.20 -12.13
CA GLN B 14 8.69 -8.22 -10.67
C GLN B 14 7.79 -7.13 -10.09
N ILE B 15 6.83 -7.54 -9.28
CA ILE B 15 6.02 -6.62 -8.50
C ILE B 15 6.47 -6.56 -7.04
N TYR B 16 6.68 -5.32 -6.59
CA TYR B 16 6.96 -4.99 -5.21
C TYR B 16 5.64 -4.51 -4.64
N PRO B 17 4.88 -5.42 -4.04
CA PRO B 17 3.48 -5.16 -3.76
C PRO B 17 3.20 -3.93 -2.89
N LYS B 18 4.09 -3.57 -1.96
CA LYS B 18 3.88 -2.37 -1.13
C LYS B 18 3.79 -1.08 -1.96
N SER B 19 4.38 -1.09 -3.16
CA SER B 19 4.54 0.11 -3.96
C SER B 19 3.97 0.03 -5.38
N PHE B 20 3.20 -0.99 -5.70
CA PHE B 20 2.72 -1.11 -7.08
C PHE B 20 1.40 -0.32 -7.27
N ASN B 21 0.35 -0.70 -6.54
CA ASN B 21 -0.95 -0.02 -6.65
C ASN B 21 -1.84 -0.18 -5.41
N ASP B 22 -2.20 0.95 -4.82
CA ASP B 22 -3.09 0.99 -3.65
C ASP B 22 -4.52 1.14 -4.18
N SER B 23 -5.38 0.18 -3.86
CA SER B 23 -6.76 0.26 -4.28
C SER B 23 -7.71 0.74 -3.18
N ASN B 24 -7.25 0.86 -1.93
CA ASN B 24 -8.16 1.27 -0.82
C ASN B 24 -7.77 2.53 -0.03
N GLY B 25 -6.75 3.24 -0.47
CA GLY B 25 -6.39 4.54 0.11
C GLY B 25 -5.65 4.59 1.43
N ASP B 26 -5.13 3.46 1.91
CA ASP B 26 -4.33 3.45 3.13
C ASP B 26 -2.85 3.77 2.88
N GLY B 27 -2.46 4.01 1.63
CA GLY B 27 -1.09 4.36 1.30
C GLY B 27 -0.13 3.21 0.98
N VAL B 28 -0.55 1.96 1.20
N VAL B 28 -0.62 1.98 1.11
CA VAL B 28 0.28 0.81 0.81
CA VAL B 28 0.16 0.77 0.87
C VAL B 28 -0.39 0.09 -0.33
C VAL B 28 -0.43 0.08 -0.34
N GLY B 29 0.41 -0.43 -1.25
CA GLY B 29 -0.08 -1.23 -2.36
C GLY B 29 -0.71 -2.50 -1.85
N ASP B 30 -1.66 -3.05 -2.61
CA ASP B 30 -2.37 -4.24 -2.19
C ASP B 30 -2.65 -5.18 -3.35
N ILE B 31 -3.11 -6.39 -3.03
CA ILE B 31 -3.35 -7.40 -4.06
C ILE B 31 -4.45 -7.00 -5.04
N GLN B 32 -5.54 -6.42 -4.53
CA GLN B 32 -6.60 -5.92 -5.39
C GLN B 32 -6.03 -4.89 -6.37
N GLY B 33 -5.10 -4.06 -5.91
CA GLY B 33 -4.40 -3.10 -6.78
C GLY B 33 -3.67 -3.78 -7.94
N ILE B 34 -3.04 -4.92 -7.66
CA ILE B 34 -2.38 -5.70 -8.70
C ILE B 34 -3.40 -6.28 -9.69
N ILE B 35 -4.51 -6.81 -9.18
CA ILE B 35 -5.54 -7.42 -10.02
C ILE B 35 -6.06 -6.41 -11.05
N GLU B 36 -6.18 -5.16 -10.61
CA GLU B 36 -6.64 -4.07 -11.48
C GLU B 36 -5.71 -3.79 -12.67
N LYS B 37 -4.45 -4.22 -12.57
CA LYS B 37 -3.46 -3.97 -13.62
C LYS B 37 -3.04 -5.23 -14.39
N LEU B 38 -3.76 -6.35 -14.23
CA LEU B 38 -3.39 -7.59 -14.92
C LEU B 38 -3.45 -7.45 -16.45
N ASP B 39 -4.45 -6.72 -16.95
CA ASP B 39 -4.55 -6.49 -18.40
C ASP B 39 -3.45 -5.58 -18.92
N TYR B 40 -3.02 -4.60 -18.12
CA TYR B 40 -1.84 -3.81 -18.47
C TYR B 40 -0.60 -4.73 -18.61
N LEU B 41 -0.39 -5.59 -17.62
CA LEU B 41 0.76 -6.49 -17.66
C LEU B 41 0.72 -7.44 -18.87
N LYS B 42 -0.47 -7.95 -19.17
CA LYS B 42 -0.64 -8.83 -20.32
C LYS B 42 -0.33 -8.07 -21.61
N GLU B 43 -0.77 -6.83 -21.68
CA GLU B 43 -0.49 -5.96 -22.84
C GLU B 43 1.01 -5.66 -23.03
N LEU B 44 1.73 -5.44 -21.94
CA LEU B 44 3.19 -5.33 -22.01
C LEU B 44 3.81 -6.61 -22.62
N GLY B 45 3.24 -7.77 -22.26
CA GLY B 45 3.62 -9.06 -22.90
C GLY B 45 4.37 -9.99 -21.97
N VAL B 46 4.55 -9.61 -20.73
CA VAL B 46 5.21 -10.47 -19.74
C VAL B 46 4.34 -11.70 -19.46
N ASP B 47 4.97 -12.84 -19.21
CA ASP B 47 4.17 -14.02 -18.90
C ASP B 47 4.37 -14.60 -17.52
N VAL B 48 5.35 -14.08 -16.78
CA VAL B 48 5.59 -14.49 -15.40
C VAL B 48 5.63 -13.24 -14.52
N ILE B 49 4.84 -13.25 -13.45
CA ILE B 49 4.91 -12.21 -12.42
C ILE B 49 5.68 -12.80 -11.24
N TRP B 50 6.77 -12.16 -10.88
CA TRP B 50 7.44 -12.45 -9.62
C TRP B 50 6.90 -11.45 -8.60
N LEU B 51 6.14 -11.97 -7.65
CA LEU B 51 5.54 -11.19 -6.59
C LEU B 51 6.46 -11.24 -5.37
N SER B 52 6.98 -10.08 -4.95
CA SER B 52 7.72 -10.02 -3.68
C SER B 52 6.77 -10.29 -2.51
N PRO B 53 7.32 -10.59 -1.32
CA PRO B 53 6.48 -11.20 -0.29
C PRO B 53 5.22 -10.47 0.14
N VAL B 54 4.10 -11.20 0.09
CA VAL B 54 2.84 -10.77 0.67
C VAL B 54 2.49 -11.61 1.88
N TYR B 55 3.44 -12.41 2.36
CA TYR B 55 3.21 -13.31 3.50
C TYR B 55 3.11 -12.50 4.77
N ASP B 56 2.39 -13.03 5.74
CA ASP B 56 2.31 -12.35 7.02
C ASP B 56 3.72 -12.12 7.59
N SER B 57 3.94 -10.90 8.07
CA SER B 57 5.26 -10.35 8.42
C SER B 57 5.05 -9.06 9.19
N PRO B 58 5.84 -8.82 10.25
CA PRO B 58 5.79 -7.48 10.85
C PRO B 58 6.48 -6.36 10.02
N GLN B 59 7.03 -6.70 8.86
CA GLN B 59 7.59 -5.74 7.92
C GLN B 59 8.90 -5.10 8.38
N ASP B 60 9.67 -5.77 9.25
CA ASP B 60 10.99 -5.25 9.61
C ASP B 60 11.87 -5.13 8.35
N ASP B 61 11.77 -6.12 7.48
CA ASP B 61 12.45 -6.11 6.16
C ASP B 61 11.40 -6.25 5.05
N ASN B 62 10.28 -5.52 5.18
CA ASN B 62 9.19 -5.50 4.22
C ASN B 62 8.81 -6.85 3.61
N GLY B 63 8.58 -7.82 4.49
CA GLY B 63 8.02 -9.11 4.09
C GLY B 63 9.04 -10.21 3.92
N TYR B 64 10.33 -9.87 3.84
CA TYR B 64 11.38 -10.88 3.85
C TYR B 64 11.70 -11.40 5.25
N ASP B 65 10.98 -10.89 6.25
CA ASP B 65 10.97 -11.39 7.63
C ASP B 65 9.61 -12.02 7.88
N ILE B 66 9.49 -13.33 7.66
CA ILE B 66 8.18 -13.99 7.63
C ILE B 66 7.70 -14.51 8.99
N ARG B 67 6.49 -14.10 9.37
CA ARG B 67 5.87 -14.50 10.63
C ARG B 67 4.96 -15.74 10.46
N ASP B 68 4.35 -15.90 9.30
CA ASP B 68 3.55 -17.09 8.97
C ASP B 68 3.65 -17.31 7.47
N TYR B 69 4.29 -18.41 7.08
CA TYR B 69 4.50 -18.71 5.67
C TYR B 69 3.21 -18.95 4.87
N GLN B 70 2.11 -19.29 5.55
CA GLN B 70 0.90 -19.72 4.86
C GLN B 70 -0.27 -18.75 5.02
N LYS B 71 0.02 -17.52 5.43
CA LYS B 71 -1.02 -16.52 5.64
C LYS B 71 -0.64 -15.27 4.89
N ILE B 72 -1.64 -14.57 4.36
CA ILE B 72 -1.43 -13.33 3.66
C ILE B 72 -1.38 -12.19 4.69
N TYR B 73 -0.41 -11.31 4.55
CA TYR B 73 -0.36 -10.13 5.41
C TYR B 73 -1.64 -9.30 5.23
N GLU B 74 -2.29 -8.94 6.34
CA GLU B 74 -3.64 -8.36 6.29
C GLU B 74 -3.77 -7.10 5.41
N GLU B 75 -2.74 -6.24 5.42
CA GLU B 75 -2.75 -5.01 4.59
C GLU B 75 -2.81 -5.31 3.09
N TYR B 76 -2.24 -6.45 2.67
CA TYR B 76 -2.27 -6.83 1.25
C TYR B 76 -3.59 -7.44 0.78
N GLY B 77 -4.30 -8.10 1.69
CA GLY B 77 -5.58 -8.70 1.37
C GLY B 77 -5.79 -9.96 2.19
N ASP B 78 -6.69 -10.80 1.72
CA ASP B 78 -6.94 -12.10 2.36
C ASP B 78 -6.61 -13.20 1.37
N MET B 79 -6.69 -14.44 1.82
CA MET B 79 -6.36 -15.57 0.94
C MET B 79 -7.27 -15.61 -0.28
N ALA B 80 -8.55 -15.28 -0.11
CA ALA B 80 -9.48 -15.25 -1.26
C ALA B 80 -8.98 -14.26 -2.36
N THR B 81 -8.47 -13.12 -1.94
CA THR B 81 -7.97 -12.12 -2.90
C THR B 81 -6.66 -12.60 -3.54
N PHE B 82 -5.80 -13.24 -2.75
CA PHE B 82 -4.63 -13.89 -3.32
C PHE B 82 -5.02 -14.90 -4.39
N ASP B 83 -6.02 -15.74 -4.09
CA ASP B 83 -6.49 -16.76 -5.01
C ASP B 83 -7.04 -16.13 -6.31
N GLN B 84 -7.69 -14.98 -6.18
CA GLN B 84 -8.19 -14.23 -7.33
C GLN B 84 -7.05 -13.72 -8.19
N LEU B 85 -5.95 -13.31 -7.58
CA LEU B 85 -4.78 -12.90 -8.36
C LEU B 85 -4.18 -14.09 -9.14
N LEU B 86 -4.01 -15.20 -8.46
CA LEU B 86 -3.45 -16.38 -9.10
C LEU B 86 -4.32 -16.84 -10.26
N GLN B 87 -5.63 -16.93 -10.02
CA GLN B 87 -6.55 -17.38 -11.07
C GLN B 87 -6.59 -16.39 -12.24
N GLY B 88 -6.58 -15.10 -11.90
CA GLY B 88 -6.50 -14.04 -12.89
C GLY B 88 -5.29 -14.14 -13.80
N LEU B 89 -4.13 -14.49 -13.24
CA LEU B 89 -2.94 -14.72 -14.04
C LEU B 89 -3.12 -15.94 -14.94
N HIS B 90 -3.54 -17.05 -14.34
CA HIS B 90 -3.77 -18.28 -15.07
C HIS B 90 -4.78 -18.11 -16.21
N ASP B 91 -5.85 -17.33 -15.99
CA ASP B 91 -6.85 -17.05 -17.03
C ASP B 91 -6.25 -16.33 -18.24
N ARG B 92 -5.19 -15.56 -18.02
CA ARG B 92 -4.49 -14.84 -19.09
C ARG B 92 -3.23 -15.58 -19.57
N ASP B 93 -3.13 -16.87 -19.23
CA ASP B 93 -1.97 -17.73 -19.50
C ASP B 93 -0.67 -17.11 -18.99
N MET B 94 -0.75 -16.48 -17.82
CA MET B 94 0.39 -15.94 -17.11
C MET B 94 0.63 -16.79 -15.90
N LYS B 95 1.80 -16.61 -15.29
CA LYS B 95 2.25 -17.46 -14.19
C LYS B 95 2.67 -16.61 -13.03
N LEU B 96 2.65 -17.20 -11.84
CA LEU B 96 3.01 -16.51 -10.60
C LEU B 96 4.16 -17.22 -9.91
N VAL B 97 5.25 -16.48 -9.70
CA VAL B 97 6.41 -16.95 -8.93
C VAL B 97 6.49 -16.13 -7.64
N MET B 98 6.85 -16.78 -6.54
CA MET B 98 6.99 -16.07 -5.26
C MET B 98 8.35 -16.36 -4.66
N ASP B 99 8.73 -15.57 -3.67
CA ASP B 99 9.98 -15.78 -2.94
C ASP B 99 9.81 -16.88 -1.92
N LEU B 100 10.77 -17.81 -1.91
CA LEU B 100 10.93 -18.80 -0.86
C LEU B 100 11.99 -18.24 0.08
N VAL B 101 11.58 -17.88 1.30
CA VAL B 101 12.46 -17.18 2.23
C VAL B 101 12.71 -18.11 3.39
N VAL B 102 13.71 -18.96 3.25
CA VAL B 102 13.93 -20.04 4.21
C VAL B 102 15.35 -20.08 4.76
N ASN B 103 16.14 -19.02 4.54
CA ASN B 103 17.35 -18.85 5.32
C ASN B 103 17.05 -18.43 6.77
N HIS B 104 15.92 -17.77 6.97
CA HIS B 104 15.57 -17.16 8.25
C HIS B 104 14.06 -16.94 8.29
N THR B 105 13.55 -16.72 9.50
CA THR B 105 12.17 -16.27 9.69
C THR B 105 12.18 -14.99 10.45
N SER B 106 10.98 -14.43 10.63
CA SER B 106 10.76 -13.38 11.61
C SER B 106 11.03 -13.97 12.98
N ASP B 107 11.49 -13.14 13.91
CA ASP B 107 11.52 -13.56 15.32
C ASP B 107 10.13 -13.71 15.94
N GLU B 108 9.09 -13.28 15.22
CA GLU B 108 7.70 -13.46 15.63
C GLU B 108 7.04 -14.73 15.07
N HIS B 109 7.78 -15.49 14.25
CA HIS B 109 7.30 -16.76 13.75
C HIS B 109 7.15 -17.72 14.93
N LYS B 110 6.12 -18.56 14.91
CA LYS B 110 5.86 -19.46 16.05
C LYS B 110 7.04 -20.38 16.39
N TRP B 111 7.77 -20.84 15.39
CA TRP B 111 9.00 -21.62 15.63
C TRP B 111 10.00 -20.89 16.51
N PHE B 112 10.23 -19.60 16.27
CA PHE B 112 11.18 -18.85 17.06
C PHE B 112 10.61 -18.45 18.43
N GLU B 113 9.33 -18.11 18.46
CA GLU B 113 8.58 -17.89 19.72
C GLU B 113 8.80 -19.06 20.66
N GLU B 114 8.69 -20.26 20.11
CA GLU B 114 8.93 -21.48 20.88
C GLU B 114 10.41 -21.71 21.17
N SER B 115 11.24 -21.60 20.14
CA SER B 115 12.67 -21.80 20.24
C SER B 115 13.32 -21.00 21.37
N ARG B 116 12.97 -19.72 21.48
CA ARG B 116 13.60 -18.83 22.42
C ARG B 116 13.18 -19.06 23.89
N LYS B 117 12.08 -19.80 24.11
CA LYS B 117 11.52 -19.99 25.45
C LYS B 117 12.47 -20.66 26.45
N SER B 118 13.14 -21.72 25.99
CA SER B 118 14.02 -22.52 26.86
C SER B 118 14.96 -23.39 26.06
N LYS B 119 16.04 -23.82 26.70
CA LYS B 119 17.02 -24.70 26.05
C LYS B 119 16.47 -26.08 25.71
N ASP B 120 15.44 -26.54 26.44
CA ASP B 120 14.80 -27.84 26.20
C ASP B 120 13.53 -27.77 25.34
N ASN B 121 13.22 -26.61 24.76
CA ASN B 121 12.05 -26.49 23.90
C ASN B 121 12.25 -27.31 22.62
N PRO B 122 11.21 -28.01 22.12
CA PRO B 122 11.40 -28.84 20.91
C PRO B 122 11.87 -28.11 19.66
N TYR B 123 11.63 -26.80 19.61
CA TYR B 123 12.11 -25.95 18.55
C TYR B 123 13.45 -25.27 18.83
N ARG B 124 14.15 -25.65 19.90
CA ARG B 124 15.39 -24.95 20.23
C ARG B 124 16.39 -24.98 19.08
N ASP B 125 16.61 -26.15 18.49
CA ASP B 125 17.60 -26.28 17.38
C ASP B 125 17.00 -26.07 15.98
N TYR B 126 15.84 -25.39 15.89
CA TYR B 126 15.39 -24.79 14.62
C TYR B 126 16.20 -23.54 14.26
N TYR B 127 16.91 -22.98 15.25
CA TYR B 127 17.76 -21.82 15.06
C TYR B 127 19.13 -22.09 15.65
N PHE B 128 20.05 -21.13 15.53
CA PHE B 128 21.41 -21.30 16.02
C PHE B 128 21.53 -20.54 17.32
N TRP B 129 21.62 -21.27 18.44
CA TRP B 129 21.74 -20.68 19.78
C TRP B 129 23.09 -21.02 20.35
N ARG B 130 23.80 -20.01 20.85
CA ARG B 130 25.15 -20.21 21.40
C ARG B 130 25.37 -19.41 22.68
N GLU B 131 26.14 -19.99 23.61
CA GLU B 131 26.59 -19.24 24.78
C GLU B 131 27.60 -18.18 24.34
N GLU B 132 27.77 -17.15 25.16
CA GLU B 132 28.67 -16.01 24.89
C GLU B 132 30.07 -16.42 24.41
N ASN B 133 30.70 -17.40 25.06
CA ASN B 133 32.05 -17.80 24.66
C ASN B 133 32.09 -18.67 23.39
N GLU B 134 30.94 -18.98 22.81
CA GLU B 134 30.82 -19.76 21.59
C GLU B 134 30.36 -18.94 20.39
N ILE B 135 30.02 -17.66 20.58
CA ILE B 135 29.72 -16.81 19.42
C ILE B 135 31.03 -16.44 18.71
N ASN B 136 30.92 -15.86 17.52
CA ASN B 136 32.10 -15.43 16.79
C ASN B 136 31.96 -13.94 16.43
N ASN B 137 32.86 -13.47 15.59
CA ASN B 137 32.99 -12.05 15.29
C ASN B 137 32.32 -11.62 13.99
N TRP B 138 31.36 -12.40 13.49
CA TRP B 138 30.66 -12.02 12.24
C TRP B 138 29.80 -10.79 12.48
N GLY B 139 29.69 -9.97 11.45
CA GLY B 139 28.73 -8.88 11.43
C GLY B 139 27.48 -9.24 10.66
N SER B 140 26.36 -8.62 11.04
CA SER B 140 25.13 -8.69 10.26
C SER B 140 25.27 -7.93 8.96
N ILE B 141 24.61 -8.41 7.92
CA ILE B 141 24.55 -7.70 6.64
C ILE B 141 23.81 -6.34 6.77
N PHE B 142 22.96 -6.22 7.79
CA PHE B 142 22.26 -4.99 8.10
C PHE B 142 22.86 -4.27 9.33
N SER B 143 24.19 -4.34 9.44
CA SER B 143 24.99 -3.58 10.44
C SER B 143 24.97 -4.22 11.82
N GLY B 144 26.00 -3.92 12.61
CA GLY B 144 26.14 -4.50 13.95
C GLY B 144 26.55 -5.96 13.92
N PRO B 145 26.57 -6.59 15.10
CA PRO B 145 26.97 -8.00 15.21
C PRO B 145 25.93 -8.96 14.62
N ALA B 146 26.36 -10.15 14.23
CA ALA B 146 25.48 -11.20 13.76
C ALA B 146 24.83 -12.04 14.87
N TRP B 147 25.19 -11.77 16.12
CA TRP B 147 24.69 -12.53 17.25
C TRP B 147 23.95 -11.60 18.19
N GLU B 148 22.74 -11.99 18.59
CA GLU B 148 21.90 -11.18 19.50
C GLU B 148 21.59 -11.93 20.78
N LEU B 149 21.80 -11.28 21.92
CA LEU B 149 21.52 -11.87 23.23
C LEU B 149 20.03 -11.96 23.49
N ASP B 150 19.58 -13.13 23.96
CA ASP B 150 18.22 -13.29 24.48
C ASP B 150 18.30 -13.60 25.97
N GLU B 151 17.76 -12.67 26.76
CA GLU B 151 17.83 -12.76 28.23
C GLU B 151 17.00 -13.91 28.76
N LYS B 152 15.99 -14.34 28.00
CA LYS B 152 15.14 -15.48 28.37
C LYS B 152 15.93 -16.75 28.71
N THR B 153 16.98 -17.03 27.93
CA THR B 153 17.90 -18.14 28.20
C THR B 153 19.34 -17.72 28.47
N GLY B 154 19.68 -16.45 28.21
CA GLY B 154 21.06 -15.99 28.31
C GLY B 154 22.00 -16.46 27.19
N GLU B 155 21.45 -16.98 26.10
CA GLU B 155 22.26 -17.38 24.94
C GLU B 155 21.98 -16.41 23.80
N TYR B 156 22.84 -16.44 22.78
CA TYR B 156 22.75 -15.55 21.63
C TYR B 156 22.24 -16.35 20.45
N TYR B 157 21.42 -15.72 19.61
CA TYR B 157 21.00 -16.34 18.34
C TYR B 157 21.66 -15.66 17.16
N LEU B 158 21.85 -16.44 16.10
CA LEU B 158 22.45 -15.93 14.87
C LEU B 158 21.41 -15.26 14.00
N HIS B 159 21.80 -14.11 13.44
CA HIS B 159 21.03 -13.44 12.41
C HIS B 159 22.00 -12.79 11.42
N LEU B 160 22.06 -13.32 10.21
CA LEU B 160 22.81 -12.70 9.13
C LEU B 160 22.19 -11.38 8.69
N PHE B 161 20.85 -11.28 8.72
CA PHE B 161 20.17 -10.03 8.37
C PHE B 161 19.72 -9.29 9.64
N SER B 162 18.48 -8.80 9.76
CA SER B 162 18.12 -7.96 10.90
C SER B 162 18.05 -8.82 12.17
N LYS B 163 18.07 -8.17 13.32
CA LYS B 163 17.87 -8.85 14.60
C LYS B 163 16.53 -9.58 14.66
N LYS B 164 15.54 -9.09 13.88
CA LYS B 164 14.25 -9.74 13.76
C LYS B 164 14.20 -10.76 12.63
N GLN B 165 15.36 -11.23 12.16
CA GLN B 165 15.45 -12.28 11.14
C GLN B 165 16.42 -13.40 11.57
N PRO B 166 16.09 -14.12 12.66
CA PRO B 166 16.92 -15.25 13.09
C PRO B 166 17.06 -16.32 12.02
N ASP B 167 18.30 -16.75 11.81
CA ASP B 167 18.60 -17.80 10.82
C ASP B 167 18.11 -19.19 11.21
N LEU B 168 17.57 -19.90 10.22
CA LEU B 168 17.09 -21.26 10.42
C LEU B 168 18.25 -22.22 10.36
N ASN B 169 18.16 -23.30 11.12
CA ASN B 169 19.18 -24.32 11.18
C ASN B 169 18.87 -25.48 10.24
N TRP B 170 19.43 -25.40 9.03
CA TRP B 170 19.24 -26.45 8.03
C TRP B 170 19.92 -27.79 8.37
N GLU B 171 20.76 -27.82 9.39
CA GLU B 171 21.32 -29.08 9.86
C GLU B 171 20.23 -29.95 10.49
N ASN B 172 19.12 -29.34 10.90
CA ASN B 172 18.05 -30.05 11.57
C ASN B 172 17.09 -30.64 10.52
N PRO B 173 17.03 -32.00 10.38
CA PRO B 173 16.14 -32.59 9.38
C PRO B 173 14.63 -32.33 9.56
N LYS B 174 14.18 -32.14 10.80
CA LYS B 174 12.77 -31.81 11.05
C LYS B 174 12.43 -30.40 10.51
N LEU B 175 13.36 -29.47 10.63
CA LEU B 175 13.20 -28.14 10.05
C LEU B 175 13.08 -28.27 8.54
N ARG B 176 13.97 -29.04 7.93
CA ARG B 176 13.96 -29.16 6.47
C ARG B 176 12.61 -29.70 5.99
N GLN B 177 12.12 -30.75 6.67
CA GLN B 177 10.82 -31.32 6.32
C GLN B 177 9.64 -30.32 6.50
N ASP B 178 9.70 -29.52 7.56
CA ASP B 178 8.67 -28.49 7.78
C ASP B 178 8.71 -27.46 6.65
N VAL B 179 9.91 -27.08 6.21
CA VAL B 179 10.01 -26.20 5.05
C VAL B 179 9.40 -26.87 3.80
N TYR B 180 9.74 -28.13 3.56
CA TYR B 180 9.21 -28.85 2.40
C TYR B 180 7.68 -28.95 2.44
N ASN B 181 7.12 -29.16 3.63
CA ASN B 181 5.65 -29.21 3.77
C ASN B 181 5.00 -27.86 3.48
N MET B 182 5.68 -26.80 3.90
CA MET B 182 5.20 -25.44 3.63
C MET B 182 5.25 -25.14 2.15
N MET B 183 6.31 -25.56 1.48
CA MET B 183 6.40 -25.39 0.01
C MET B 183 5.25 -26.10 -0.70
N LYS B 184 4.96 -27.33 -0.29
CA LYS B 184 3.86 -28.08 -0.89
C LYS B 184 2.52 -27.37 -0.72
N PHE B 185 2.32 -26.67 0.41
CA PHE B 185 1.10 -25.88 0.58
C PHE B 185 0.89 -24.92 -0.59
N TRP B 186 1.95 -24.19 -0.94
CA TRP B 186 1.88 -23.22 -2.03
C TRP B 186 1.83 -23.86 -3.42
N LEU B 187 2.64 -24.89 -3.62
CA LEU B 187 2.68 -25.55 -4.93
C LEU B 187 1.36 -26.30 -5.19
N ASP B 188 0.74 -26.83 -4.14
CA ASP B 188 -0.60 -27.46 -4.29
C ASP B 188 -1.69 -26.47 -4.71
N LYS B 189 -1.52 -25.19 -4.36
CA LYS B 189 -2.44 -24.14 -4.79
C LYS B 189 -2.24 -23.77 -6.26
N GLY B 190 -1.09 -24.14 -6.82
CA GLY B 190 -0.81 -23.97 -8.23
C GLY B 190 0.09 -22.77 -8.52
N ILE B 191 0.85 -22.28 -7.55
CA ILE B 191 1.86 -21.27 -7.88
C ILE B 191 2.89 -21.90 -8.81
N ASP B 192 3.52 -21.07 -9.64
CA ASP B 192 4.27 -21.57 -10.78
C ASP B 192 5.77 -21.59 -10.58
N GLY B 193 6.20 -21.21 -9.39
CA GLY B 193 7.63 -21.31 -9.07
C GLY B 193 8.03 -20.50 -7.87
N PHE B 194 9.33 -20.62 -7.54
CA PHE B 194 9.91 -19.94 -6.41
C PHE B 194 11.23 -19.34 -6.80
N ARG B 195 11.48 -18.12 -6.34
CA ARG B 195 12.84 -17.59 -6.22
C ARG B 195 13.36 -17.96 -4.82
N MET B 196 14.38 -18.79 -4.79
CA MET B 196 14.93 -19.28 -3.52
C MET B 196 15.95 -18.29 -3.00
N ASP B 197 15.55 -17.55 -1.97
CA ASP B 197 16.31 -16.38 -1.52
C ASP B 197 17.60 -16.76 -0.79
N VAL B 198 18.69 -16.08 -1.13
CA VAL B 198 20.04 -16.32 -0.59
C VAL B 198 20.22 -17.79 -0.22
N ILE B 199 19.86 -18.65 -1.16
CA ILE B 199 19.74 -20.07 -0.87
C ILE B 199 21.12 -20.73 -0.71
N ASN B 200 22.17 -20.07 -1.16
CA ASN B 200 23.54 -20.51 -0.83
C ASN B 200 24.09 -20.04 0.54
N PHE B 201 23.24 -19.49 1.40
CA PHE B 201 23.62 -19.06 2.77
C PHE B 201 23.22 -20.10 3.81
N ILE B 202 22.57 -21.19 3.40
CA ILE B 202 21.90 -22.12 4.34
C ILE B 202 22.80 -23.20 4.91
N SER B 203 24.02 -23.33 4.41
CA SER B 203 24.99 -24.30 4.93
C SER B 203 26.04 -23.55 5.75
N LYS B 204 25.85 -23.56 7.07
CA LYS B 204 26.76 -22.89 8.01
C LYS B 204 27.83 -23.85 8.51
N ASN B 205 28.98 -23.31 8.90
CA ASN B 205 29.95 -24.05 9.70
C ASN B 205 29.50 -23.89 11.16
N THR B 206 28.91 -24.95 11.72
CA THR B 206 28.32 -24.87 13.07
C THR B 206 29.35 -24.81 14.21
N ASP B 207 30.64 -24.94 13.89
CA ASP B 207 31.68 -24.55 14.86
C ASP B 207 31.85 -23.04 15.01
N PHE B 208 31.30 -22.26 14.07
CA PHE B 208 31.33 -20.79 14.09
C PHE B 208 32.68 -20.24 14.55
N PRO B 209 33.74 -20.51 13.78
CA PRO B 209 35.03 -19.94 14.13
C PRO B 209 35.02 -18.46 13.78
N ASP B 210 35.91 -17.69 14.42
CA ASP B 210 36.11 -16.29 14.02
C ASP B 210 36.63 -16.25 12.61
N GLY B 211 36.28 -15.19 11.88
CA GLY B 211 36.86 -14.90 10.59
C GLY B 211 37.99 -13.89 10.71
N PRO B 212 38.83 -13.77 9.67
CA PRO B 212 39.86 -12.73 9.69
C PRO B 212 39.21 -11.35 9.59
N VAL B 213 39.66 -10.42 10.42
CA VAL B 213 39.16 -9.05 10.40
C VAL B 213 40.11 -8.19 9.56
N PRO B 214 39.66 -7.72 8.38
CA PRO B 214 40.56 -6.90 7.55
C PRO B 214 40.97 -5.59 8.23
N ASP B 215 42.12 -5.04 7.83
CA ASP B 215 42.58 -3.73 8.33
C ASP B 215 41.46 -2.69 8.28
N GLY B 216 41.25 -1.98 9.38
CA GLY B 216 40.25 -0.90 9.46
C GLY B 216 38.80 -1.35 9.51
N GLN B 217 38.56 -2.61 9.89
CA GLN B 217 37.22 -3.18 10.03
C GLN B 217 37.03 -3.67 11.47
N ILE B 218 35.80 -4.04 11.79
CA ILE B 218 35.40 -4.55 13.10
C ILE B 218 35.05 -6.04 13.07
N TYR B 219 34.38 -6.49 12.02
CA TYR B 219 33.85 -7.85 11.95
C TYR B 219 34.67 -8.77 11.05
N GLY B 220 34.59 -10.06 11.37
CA GLY B 220 35.33 -11.08 10.66
C GLY B 220 34.66 -11.53 9.37
N ASP B 221 35.47 -11.70 8.32
CA ASP B 221 35.00 -12.26 7.06
C ASP B 221 34.69 -13.74 7.23
N ALA B 222 33.46 -14.12 6.95
CA ALA B 222 33.01 -15.50 7.12
C ALA B 222 33.44 -16.43 5.99
N GLY B 223 33.53 -15.89 4.77
CA GLY B 223 33.73 -16.69 3.54
C GLY B 223 32.85 -17.91 3.51
N ASN B 224 33.48 -19.07 3.37
CA ASN B 224 32.73 -20.33 3.23
C ASN B 224 32.02 -20.85 4.48
N ASP B 225 32.16 -20.17 5.61
CA ASP B 225 31.48 -20.60 6.82
C ASP B 225 30.01 -20.26 6.90
N PHE B 226 29.52 -19.39 6.01
CA PHE B 226 28.06 -19.37 5.71
C PHE B 226 27.69 -19.25 4.23
N CYS B 227 28.56 -18.67 3.42
CA CYS B 227 28.28 -18.50 2.00
C CYS B 227 28.95 -19.62 1.21
N ASN B 228 28.18 -20.34 0.39
CA ASN B 228 28.71 -21.49 -0.39
C ASN B 228 29.33 -22.55 0.51
N GLY B 229 28.58 -22.93 1.53
CA GLY B 229 28.97 -24.01 2.40
C GLY B 229 28.83 -25.35 1.72
N PRO B 230 29.33 -26.41 2.36
CA PRO B 230 29.44 -27.70 1.68
C PRO B 230 28.12 -28.37 1.30
N ARG B 231 27.05 -28.11 2.05
CA ARG B 231 25.78 -28.85 1.90
C ARG B 231 24.74 -28.26 0.94
N ILE B 232 25.08 -27.25 0.16
CA ILE B 232 24.07 -26.60 -0.67
C ILE B 232 23.54 -27.56 -1.76
N HIS B 233 24.44 -28.22 -2.49
CA HIS B 233 24.00 -29.20 -3.50
C HIS B 233 23.12 -30.29 -2.87
N GLU B 234 23.53 -30.81 -1.72
CA GLU B 234 22.77 -31.83 -1.01
C GLU B 234 21.36 -31.33 -0.69
N PHE B 235 21.26 -30.14 -0.10
CA PHE B 235 19.97 -29.59 0.30
C PHE B 235 19.06 -29.31 -0.91
N LEU B 236 19.63 -28.78 -1.97
CA LEU B 236 18.87 -28.53 -3.20
C LEU B 236 18.36 -29.83 -3.85
N GLN B 237 19.19 -30.86 -3.85
CA GLN B 237 18.78 -32.18 -4.35
C GLN B 237 17.64 -32.75 -3.52
N GLU B 238 17.77 -32.60 -2.20
CA GLU B 238 16.77 -33.11 -1.27
C GLU B 238 15.43 -32.41 -1.47
N MET B 239 15.50 -31.09 -1.58
CA MET B 239 14.33 -30.27 -1.83
C MET B 239 13.67 -30.62 -3.17
N ASN B 240 14.50 -30.82 -4.20
CA ASN B 240 13.98 -31.16 -5.51
C ASN B 240 13.27 -32.51 -5.48
N GLN B 241 13.88 -33.50 -4.83
CA GLN B 241 13.29 -34.83 -4.76
C GLN B 241 11.98 -34.83 -3.94
N GLU B 242 11.95 -34.11 -2.82
CA GLU B 242 10.80 -34.15 -1.92
C GLU B 242 9.66 -33.24 -2.39
N VAL B 243 10.00 -32.14 -3.07
CA VAL B 243 9.01 -31.12 -3.44
C VAL B 243 8.97 -30.77 -4.93
N THR B 244 9.98 -30.06 -5.44
CA THR B 244 9.81 -29.33 -6.70
C THR B 244 9.70 -30.20 -7.96
N SER B 245 10.33 -31.38 -7.95
CA SER B 245 10.21 -32.39 -9.02
C SER B 245 8.77 -32.81 -9.30
N LYS B 246 7.87 -32.62 -8.33
CA LYS B 246 6.51 -33.10 -8.43
C LYS B 246 5.52 -32.09 -9.07
N TYR B 247 6.01 -30.92 -9.47
CA TYR B 247 5.19 -29.86 -10.04
C TYR B 247 5.86 -29.29 -11.27
N ASP B 248 5.06 -28.67 -12.14
CA ASP B 248 5.59 -28.05 -13.35
C ASP B 248 5.89 -26.60 -13.00
N VAL B 249 7.06 -26.36 -12.42
CA VAL B 249 7.38 -25.05 -11.88
C VAL B 249 8.80 -24.62 -12.27
N MET B 250 9.07 -23.32 -12.16
CA MET B 250 10.41 -22.79 -12.39
C MET B 250 11.06 -22.46 -11.05
N THR B 251 12.32 -22.84 -10.88
CA THR B 251 13.02 -22.56 -9.66
C THR B 251 14.23 -21.72 -10.00
N VAL B 252 14.43 -20.68 -9.21
CA VAL B 252 15.51 -19.71 -9.40
C VAL B 252 16.30 -19.69 -8.10
N GLY B 253 17.61 -19.92 -8.18
CA GLY B 253 18.48 -19.83 -7.00
C GLY B 253 19.16 -18.48 -6.90
N GLU B 254 18.79 -17.70 -5.89
CA GLU B 254 19.46 -16.45 -5.59
C GLU B 254 20.72 -16.75 -4.77
N MET B 255 21.89 -16.50 -5.35
CA MET B 255 23.14 -16.94 -4.78
C MET B 255 24.28 -15.93 -4.89
N PRO B 256 24.34 -14.97 -3.96
CA PRO B 256 25.46 -14.01 -3.87
C PRO B 256 26.77 -14.75 -3.72
N GLY B 257 27.70 -14.46 -4.62
CA GLY B 257 29.03 -15.02 -4.55
C GLY B 257 29.16 -16.46 -4.99
N ALA B 258 28.15 -17.03 -5.63
CA ALA B 258 28.29 -18.38 -6.20
C ALA B 258 29.38 -18.41 -7.26
N SER B 259 30.07 -19.52 -7.37
CA SER B 259 31.07 -19.71 -8.42
C SER B 259 30.34 -20.16 -9.69
N THR B 260 30.91 -19.87 -10.86
CA THR B 260 30.39 -20.46 -12.09
C THR B 260 30.49 -22.00 -12.06
N THR B 261 31.51 -22.52 -11.41
CA THR B 261 31.70 -23.97 -11.30
C THR B 261 30.51 -24.65 -10.62
N ASP B 262 30.10 -24.11 -9.47
CA ASP B 262 28.92 -24.64 -8.80
C ASP B 262 27.63 -24.31 -9.57
N ALA B 263 27.58 -23.14 -10.21
CA ALA B 263 26.38 -22.77 -10.97
C ALA B 263 26.15 -23.72 -12.14
N GLN B 264 27.24 -24.18 -12.78
CA GLN B 264 27.11 -25.17 -13.85
C GLN B 264 26.47 -26.46 -13.37
N ILE B 265 26.77 -26.85 -12.13
CA ILE B 265 26.17 -28.01 -11.49
C ILE B 265 24.71 -27.72 -11.09
N TYR B 266 24.47 -26.60 -10.40
CA TYR B 266 23.12 -26.22 -9.93
C TYR B 266 22.09 -26.18 -11.04
N THR B 267 22.49 -25.66 -12.20
CA THR B 267 21.53 -25.39 -13.29
C THR B 267 21.58 -26.41 -14.45
N ASN B 268 22.39 -27.47 -14.33
CA ASN B 268 22.36 -28.57 -15.31
C ASN B 268 21.07 -29.34 -15.02
N PRO B 269 20.16 -29.44 -16.02
CA PRO B 269 18.88 -30.15 -15.79
C PRO B 269 19.05 -31.61 -15.31
N ALA B 270 20.13 -32.26 -15.74
CA ALA B 270 20.45 -33.62 -15.30
C ALA B 270 20.65 -33.74 -13.78
N ASN B 271 21.01 -32.64 -13.12
CA ASN B 271 21.24 -32.63 -11.67
C ASN B 271 20.02 -32.38 -10.80
N ASN B 272 18.93 -31.92 -11.39
CA ASN B 272 17.68 -31.74 -10.64
C ASN B 272 17.91 -30.95 -9.35
N GLU B 273 18.50 -29.77 -9.51
CA GLU B 273 18.72 -28.85 -8.41
C GLU B 273 17.84 -27.62 -8.65
N VAL B 274 18.29 -26.64 -9.42
CA VAL B 274 17.41 -25.51 -9.80
C VAL B 274 17.42 -25.28 -11.29
N ASP B 275 16.44 -24.52 -11.79
CA ASP B 275 16.37 -24.26 -13.22
C ASP B 275 17.32 -23.15 -13.67
N MET B 276 17.46 -22.12 -12.86
CA MET B 276 18.34 -21.00 -13.23
C MET B 276 18.90 -20.31 -12.01
N ILE B 277 19.99 -19.59 -12.25
CA ILE B 277 20.70 -18.92 -11.18
C ILE B 277 20.45 -17.41 -11.26
N PHE B 278 20.51 -16.76 -10.11
CA PHE B 278 20.32 -15.32 -9.99
C PHE B 278 21.55 -14.87 -9.19
N THR B 279 22.45 -14.17 -9.86
CA THR B 279 23.75 -13.82 -9.31
C THR B 279 23.94 -12.30 -9.28
N PHE B 280 25.08 -11.87 -8.76
CA PHE B 280 25.32 -10.48 -8.39
C PHE B 280 26.65 -9.92 -8.89
N GLU B 281 27.31 -10.63 -9.81
CA GLU B 281 28.64 -10.23 -10.35
C GLU B 281 28.65 -8.83 -10.98
N HIS B 282 27.49 -8.43 -11.46
CA HIS B 282 27.29 -7.16 -12.17
C HIS B 282 26.68 -6.08 -11.29
N MET B 283 26.41 -6.40 -10.02
CA MET B 283 25.65 -5.51 -9.13
C MET B 283 26.46 -4.88 -8.01
N ASN B 284 27.75 -5.19 -7.91
CA ASN B 284 28.57 -4.53 -6.89
C ASN B 284 29.93 -4.13 -7.45
N LEU B 285 29.95 -3.77 -8.73
CA LEU B 285 31.19 -3.34 -9.41
C LEU B 285 31.49 -1.85 -9.25
N ASP B 286 30.44 -1.05 -9.03
CA ASP B 286 30.53 0.38 -8.85
C ASP B 286 30.72 0.72 -7.36
N SER B 287 31.75 0.11 -6.79
CA SER B 287 32.09 0.19 -5.40
C SER B 287 33.60 0.03 -5.27
N ASP B 288 34.17 0.62 -4.23
CA ASP B 288 35.62 0.54 -4.00
C ASP B 288 36.07 -0.88 -3.80
N SER B 289 35.32 -1.61 -2.98
CA SER B 289 35.65 -2.99 -2.73
C SER B 289 34.37 -3.76 -2.48
N ASP B 290 34.30 -4.55 -1.41
CA ASP B 290 33.12 -5.38 -1.15
C ASP B 290 31.91 -4.61 -0.55
N ASN B 291 32.15 -3.41 -0.05
CA ASN B 291 31.10 -2.61 0.62
C ASN B 291 30.43 -1.69 -0.39
N LYS B 292 29.15 -1.93 -0.68
CA LYS B 292 28.41 -1.14 -1.69
C LYS B 292 28.32 0.35 -1.42
N TRP B 293 28.43 0.73 -0.16
CA TRP B 293 28.29 2.12 0.22
C TRP B 293 29.57 2.92 -0.11
N ASP B 294 30.70 2.24 -0.31
CA ASP B 294 31.94 2.93 -0.69
C ASP B 294 31.92 3.05 -2.21
N LEU B 295 31.50 4.22 -2.68
CA LEU B 295 31.16 4.40 -4.10
C LEU B 295 32.38 4.48 -4.99
N LYS B 296 32.25 3.92 -6.19
N LYS B 296 32.26 3.94 -6.19
CA LYS B 296 33.27 4.05 -7.23
CA LYS B 296 33.25 4.08 -7.24
C LYS B 296 32.53 4.02 -8.57
C LYS B 296 32.47 4.07 -8.54
N PRO B 297 32.85 4.92 -9.51
CA PRO B 297 32.14 4.84 -10.80
C PRO B 297 32.38 3.50 -11.49
N ILE B 298 31.36 3.01 -12.20
CA ILE B 298 31.50 1.77 -12.95
C ILE B 298 32.61 1.93 -13.99
N TYR B 299 33.37 0.86 -14.19
CA TYR B 299 34.37 0.78 -15.25
C TYR B 299 33.81 -0.23 -16.23
N LEU B 300 33.48 0.20 -17.45
CA LEU B 300 32.67 -0.66 -18.33
C LEU B 300 33.29 -2.05 -18.59
N PRO B 301 34.62 -2.13 -18.80
CA PRO B 301 35.14 -3.49 -19.04
C PRO B 301 34.93 -4.48 -17.87
N ASP B 302 34.90 -3.99 -16.62
CA ASP B 302 34.53 -4.85 -15.47
C ASP B 302 33.12 -5.43 -15.62
N LEU B 303 32.17 -4.56 -15.97
CA LEU B 303 30.77 -4.98 -16.16
C LEU B 303 30.66 -6.02 -17.27
N LYS B 304 31.36 -5.75 -18.38
CA LYS B 304 31.29 -6.61 -19.54
C LYS B 304 31.93 -7.98 -19.28
N GLU B 305 33.10 -7.99 -18.66
N GLU B 305 33.10 -7.98 -18.67
CA GLU B 305 33.80 -9.24 -18.30
CA GLU B 305 33.78 -9.23 -18.36
C GLU B 305 32.91 -10.09 -17.44
C GLU B 305 32.96 -10.10 -17.43
N ASN B 306 32.38 -9.49 -16.38
CA ASN B 306 31.56 -10.23 -15.44
C ASN B 306 30.29 -10.81 -16.03
N MET B 307 29.51 -10.01 -16.76
CA MET B 307 28.29 -10.50 -17.38
C MET B 307 28.59 -11.60 -18.42
N SER B 308 29.69 -11.42 -19.17
CA SER B 308 30.06 -12.34 -20.22
C SER B 308 30.52 -13.66 -19.62
N GLU B 309 31.23 -13.62 -18.48
CA GLU B 309 31.71 -14.84 -17.84
C GLU B 309 30.54 -15.79 -17.54
N TRP B 310 29.46 -15.20 -17.03
CA TRP B 310 28.27 -15.96 -16.69
C TRP B 310 27.53 -16.48 -17.92
N GLN B 311 27.48 -15.67 -18.97
CA GLN B 311 26.92 -16.16 -20.26
C GLN B 311 27.68 -17.39 -20.75
N VAL B 312 28.99 -17.29 -20.83
CA VAL B 312 29.80 -18.39 -21.38
C VAL B 312 29.77 -19.64 -20.50
N ALA B 313 29.79 -19.45 -19.18
CA ALA B 313 29.83 -20.57 -18.26
C ALA B 313 28.57 -21.43 -18.36
N LEU B 314 27.42 -20.78 -18.55
CA LEU B 314 26.12 -21.47 -18.47
C LEU B 314 25.41 -21.69 -19.80
N GLN B 315 26.01 -21.26 -20.91
CA GLN B 315 25.34 -21.41 -22.20
C GLN B 315 25.15 -22.85 -22.66
N GLU B 316 26.09 -23.74 -22.31
CA GLU B 316 26.04 -25.11 -22.83
C GLU B 316 24.81 -25.85 -22.31
N ASN B 317 24.60 -25.86 -21.01
CA ASN B 317 23.35 -26.45 -20.48
C ASN B 317 22.76 -25.86 -19.20
N GLY B 318 23.31 -24.73 -18.73
CA GLY B 318 22.79 -24.05 -17.56
C GLY B 318 21.87 -22.93 -18.01
N TRP B 319 21.54 -22.04 -17.08
CA TRP B 319 20.63 -20.94 -17.40
C TRP B 319 20.78 -19.80 -16.39
N ASN B 320 20.77 -18.56 -16.92
CA ASN B 320 20.94 -17.33 -16.10
C ASN B 320 19.63 -16.56 -16.06
N SER B 321 19.31 -15.99 -14.90
CA SER B 321 18.39 -14.87 -14.79
C SER B 321 19.07 -13.64 -15.34
N LEU B 322 18.40 -12.86 -16.17
CA LEU B 322 18.98 -11.62 -16.67
C LEU B 322 18.27 -10.44 -16.02
N TYR B 323 19.01 -9.60 -15.28
CA TYR B 323 18.38 -8.44 -14.68
C TYR B 323 19.36 -7.30 -14.51
N TRP B 324 18.81 -6.08 -14.50
CA TRP B 324 19.54 -4.87 -14.15
C TRP B 324 19.19 -4.34 -12.76
N ASN B 325 17.96 -4.60 -12.31
CA ASN B 325 17.44 -3.99 -11.11
C ASN B 325 16.26 -4.73 -10.55
N ASN B 326 15.99 -4.42 -9.29
CA ASN B 326 14.96 -5.05 -8.52
C ASN B 326 14.79 -4.20 -7.26
N HIS B 327 14.01 -4.71 -6.30
CA HIS B 327 13.77 -4.05 -5.02
C HIS B 327 14.98 -3.85 -4.11
N ASP B 328 16.12 -4.46 -4.48
CA ASP B 328 17.38 -4.35 -3.75
C ASP B 328 18.40 -3.44 -4.42
N GLN B 329 18.09 -2.86 -5.59
CA GLN B 329 19.06 -2.15 -6.39
C GLN B 329 18.55 -0.76 -6.79
N PRO B 330 19.49 0.18 -7.00
CA PRO B 330 19.07 1.44 -7.59
C PRO B 330 18.51 1.20 -8.99
N ARG B 331 17.71 2.15 -9.48
CA ARG B 331 17.11 2.04 -10.80
C ARG B 331 18.14 2.24 -11.89
N ILE B 332 18.09 1.37 -12.88
CA ILE B 332 19.19 1.22 -13.83
C ILE B 332 19.42 2.47 -14.70
N VAL B 333 18.36 3.15 -15.10
CA VAL B 333 18.57 4.35 -15.91
C VAL B 333 19.36 5.41 -15.15
N SER B 334 19.15 5.52 -13.84
CA SER B 334 19.95 6.41 -13.00
C SER B 334 21.36 5.87 -12.73
N ARG B 335 21.47 4.55 -12.51
CA ARG B 335 22.74 3.96 -12.10
C ARG B 335 23.77 3.96 -13.24
N PHE B 336 23.39 3.43 -14.41
CA PHE B 336 24.33 3.27 -15.55
C PHE B 336 23.95 4.08 -16.78
N GLY B 337 22.72 4.62 -16.81
CA GLY B 337 22.30 5.48 -17.90
C GLY B 337 22.41 6.97 -17.62
N ASN B 338 21.64 7.75 -18.36
CA ASN B 338 21.52 9.16 -18.15
C ASN B 338 20.05 9.37 -17.81
N ASP B 339 19.75 9.99 -16.67
CA ASP B 339 18.34 10.09 -16.25
C ASP B 339 17.69 11.46 -16.51
N ASN B 340 18.29 12.28 -17.36
CA ASN B 340 17.67 13.51 -17.79
C ASN B 340 17.62 13.64 -19.32
N ARG B 341 18.58 14.29 -19.97
CA ARG B 341 18.36 14.59 -21.40
C ARG B 341 18.42 13.35 -22.32
N PHE B 342 19.03 12.26 -21.85
CA PHE B 342 18.97 10.99 -22.58
C PHE B 342 18.29 9.86 -21.79
N ARG B 343 17.28 10.21 -20.97
CA ARG B 343 16.60 9.21 -20.16
C ARG B 343 15.92 8.10 -20.98
N VAL B 344 15.11 8.52 -21.92
CA VAL B 344 14.36 7.57 -22.76
C VAL B 344 15.34 6.76 -23.62
N ARG B 345 16.23 7.46 -24.31
CA ARG B 345 17.23 6.78 -25.15
C ARG B 345 18.12 5.82 -24.37
N SER B 346 18.67 6.27 -23.25
CA SER B 346 19.58 5.43 -22.48
C SER B 346 18.84 4.26 -21.84
N ALA B 347 17.59 4.45 -21.43
CA ALA B 347 16.78 3.33 -20.93
C ALA B 347 16.57 2.26 -22.02
N LYS B 348 16.30 2.71 -23.24
CA LYS B 348 16.16 1.79 -24.38
C LYS B 348 17.46 1.05 -24.66
N MET B 349 18.59 1.76 -24.60
CA MET B 349 19.91 1.14 -24.77
C MET B 349 20.12 0.01 -23.75
N LEU B 350 19.86 0.32 -22.48
CA LEU B 350 20.10 -0.63 -21.42
C LEU B 350 19.20 -1.87 -21.55
N ALA B 351 17.94 -1.65 -21.95
CA ALA B 351 17.03 -2.74 -22.24
C ALA B 351 17.54 -3.67 -23.34
N THR B 352 18.09 -3.07 -24.40
CA THR B 352 18.62 -3.81 -25.55
C THR B 352 19.78 -4.68 -25.12
N CYS B 353 20.71 -4.07 -24.41
CA CYS B 353 21.92 -4.73 -23.93
C CYS B 353 21.60 -5.99 -23.13
N LEU B 354 20.63 -5.89 -22.21
CA LEU B 354 20.25 -7.03 -21.38
C LEU B 354 19.43 -8.06 -22.14
N HIS B 355 18.40 -7.59 -22.83
CA HIS B 355 17.43 -8.51 -23.43
C HIS B 355 17.98 -9.34 -24.59
N MET B 356 19.09 -8.93 -25.21
CA MET B 356 19.67 -9.71 -26.29
C MET B 356 20.68 -10.75 -25.77
N MET B 357 20.83 -10.86 -24.45
CA MET B 357 21.65 -11.90 -23.84
C MET B 357 20.85 -13.20 -23.70
N LYS B 358 21.58 -14.28 -23.42
CA LYS B 358 20.99 -15.59 -23.24
C LYS B 358 20.52 -15.79 -21.81
N GLY B 359 19.22 -16.03 -21.63
CA GLY B 359 18.65 -16.16 -20.30
C GLY B 359 17.21 -15.70 -20.25
N THR B 360 16.70 -15.63 -19.03
CA THR B 360 15.32 -15.24 -18.77
C THR B 360 15.37 -13.81 -18.25
N PRO B 361 14.85 -12.84 -19.03
CA PRO B 361 14.85 -11.47 -18.57
C PRO B 361 13.83 -11.16 -17.48
N TYR B 362 14.23 -10.30 -16.56
CA TYR B 362 13.41 -9.77 -15.48
C TYR B 362 13.26 -8.26 -15.72
N ILE B 363 12.02 -7.79 -15.71
CA ILE B 363 11.71 -6.37 -15.79
C ILE B 363 11.18 -6.03 -14.41
N TYR B 364 11.82 -5.07 -13.74
CA TYR B 364 11.35 -4.63 -12.44
C TYR B 364 10.27 -3.58 -12.64
N GLN B 365 9.23 -3.59 -11.78
CA GLN B 365 8.16 -2.63 -11.95
C GLN B 365 8.71 -1.21 -12.10
N GLY B 366 8.29 -0.52 -13.15
CA GLY B 366 8.66 0.90 -13.35
C GLY B 366 9.85 1.06 -14.28
N GLU B 367 10.61 -0.03 -14.46
CA GLU B 367 11.72 -0.04 -15.41
C GLU B 367 11.22 0.22 -16.82
N GLU B 368 10.06 -0.34 -17.15
CA GLU B 368 9.44 -0.17 -18.46
C GLU B 368 8.94 1.25 -18.78
N ILE B 369 8.90 2.16 -17.80
CA ILE B 369 8.58 3.57 -18.05
C ILE B 369 9.74 4.47 -17.65
N GLY B 370 10.90 3.87 -17.36
CA GLY B 370 12.09 4.63 -17.02
C GLY B 370 12.00 5.40 -15.72
N MET B 371 11.42 4.80 -14.69
CA MET B 371 11.49 5.35 -13.35
C MET B 371 12.97 5.50 -12.93
N THR B 372 13.18 6.46 -12.05
CA THR B 372 14.53 6.91 -11.69
C THR B 372 14.77 6.77 -10.19
N ASN B 373 16.01 6.96 -9.80
CA ASN B 373 16.36 7.09 -8.41
C ASN B 373 15.68 8.30 -7.76
N VAL B 374 15.57 8.25 -6.44
CA VAL B 374 14.99 9.33 -5.67
C VAL B 374 16.08 10.02 -4.85
N HIS B 375 15.80 11.26 -4.47
CA HIS B 375 16.78 12.10 -3.78
C HIS B 375 16.06 12.91 -2.70
N PHE B 376 15.79 12.28 -1.57
CA PHE B 376 15.20 13.02 -0.44
C PHE B 376 16.28 13.73 0.37
N GLU B 377 15.94 14.89 0.94
CA GLU B 377 16.91 15.71 1.66
C GLU B 377 17.34 15.06 2.98
N THR B 378 16.39 14.47 3.70
CA THR B 378 16.66 13.94 5.04
C THR B 378 16.35 12.45 5.15
N LEU B 379 17.02 11.84 6.11
CA LEU B 379 16.87 10.41 6.40
C LEU B 379 15.44 10.07 6.81
N ASP B 380 14.78 11.07 7.38
CA ASP B 380 13.36 11.01 7.76
C ASP B 380 12.39 10.55 6.64
N ASP B 381 12.73 10.80 5.38
CA ASP B 381 11.90 10.29 4.26
C ASP B 381 12.33 8.92 3.75
N TYR B 382 13.46 8.41 4.24
CA TYR B 382 13.87 7.04 3.91
C TYR B 382 13.21 6.03 4.86
N ARG B 383 13.21 4.77 4.46
CA ARG B 383 12.44 3.72 5.13
C ARG B 383 13.17 2.39 5.38
N ASP B 384 14.08 2.03 4.50
CA ASP B 384 14.68 0.70 4.50
C ASP B 384 15.59 0.51 5.71
N ILE B 385 15.33 -0.55 6.46
CA ILE B 385 16.15 -0.92 7.63
C ILE B 385 17.64 -0.92 7.28
N GLU B 386 17.98 -1.42 6.09
CA GLU B 386 19.39 -1.50 5.69
C GLU B 386 20.00 -0.10 5.64
N THR B 387 19.26 0.83 5.05
CA THR B 387 19.72 2.23 4.93
C THR B 387 19.79 2.92 6.29
N LEU B 388 18.74 2.75 7.09
CA LEU B 388 18.67 3.38 8.40
C LEU B 388 19.78 2.85 9.33
N ASN B 389 20.00 1.55 9.30
CA ASN B 389 21.05 0.93 10.14
C ASN B 389 22.44 1.35 9.67
N MET B 390 22.63 1.42 8.35
CA MET B 390 23.92 1.85 7.80
C MET B 390 24.22 3.29 8.23
N TYR B 391 23.23 4.18 8.08
CA TYR B 391 23.41 5.56 8.47
C TYR B 391 23.93 5.66 9.91
N LYS B 392 23.24 5.00 10.83
CA LYS B 392 23.62 5.03 12.24
C LYS B 392 25.04 4.50 12.45
N GLU B 393 25.38 3.39 11.78
CA GLU B 393 26.68 2.78 12.00
C GLU B 393 27.79 3.66 11.46
N ARG B 394 27.65 4.11 10.21
CA ARG B 394 28.67 4.95 9.59
C ARG B 394 28.81 6.32 10.24
N LYS B 395 27.70 6.90 10.69
CA LYS B 395 27.77 8.19 11.42
C LYS B 395 28.54 8.05 12.72
N GLU B 396 28.27 6.98 13.46
CA GLU B 396 29.02 6.70 14.70
C GLU B 396 30.53 6.49 14.44
N GLN B 397 30.87 5.88 13.30
CA GLN B 397 32.28 5.66 12.93
C GLN B 397 33.01 6.93 12.46
N GLY B 398 32.27 8.01 12.23
CA GLY B 398 32.85 9.29 11.87
C GLY B 398 32.68 9.71 10.42
N HIS B 399 31.88 8.99 9.64
CA HIS B 399 31.62 9.38 8.25
C HIS B 399 30.75 10.62 8.23
N SER B 400 30.91 11.42 7.20
CA SER B 400 30.18 12.67 7.06
C SER B 400 28.74 12.40 6.66
N HIS B 401 27.84 13.23 7.17
CA HIS B 401 26.44 13.19 6.79
C HIS B 401 26.27 13.24 5.28
N GLU B 402 27.02 14.15 4.66
CA GLU B 402 26.99 14.39 3.23
C GLU B 402 27.32 13.15 2.41
N SER B 403 28.40 12.46 2.79
CA SER B 403 28.84 11.28 2.05
C SER B 403 27.91 10.08 2.29
N ILE B 404 27.40 9.95 3.51
CA ILE B 404 26.41 8.91 3.80
C ILE B 404 25.16 9.10 2.95
N MET B 405 24.69 10.35 2.83
CA MET B 405 23.53 10.61 1.99
C MET B 405 23.82 10.26 0.53
N GLN B 406 25.03 10.58 0.05
N GLN B 406 25.03 10.59 0.07
CA GLN B 406 25.38 10.25 -1.33
CA GLN B 406 25.43 10.25 -1.28
C GLN B 406 25.41 8.73 -1.54
C GLN B 406 25.36 8.74 -1.51
N SER B 407 25.86 7.97 -0.55
CA SER B 407 25.82 6.50 -0.60
C SER B 407 24.37 6.01 -0.73
N ILE B 408 23.48 6.61 0.03
CA ILE B 408 22.03 6.30 -0.04
C ILE B 408 21.45 6.67 -1.39
N TYR B 409 21.79 7.85 -1.90
CA TYR B 409 21.27 8.28 -3.20
C TYR B 409 21.70 7.32 -4.29
N THR B 410 22.94 6.81 -4.22
CA THR B 410 23.48 5.98 -5.28
C THR B 410 23.09 4.50 -5.15
N LYS B 411 22.99 3.98 -3.92
CA LYS B 411 22.82 2.55 -3.70
C LYS B 411 21.62 2.14 -2.84
N GLY B 412 20.94 3.09 -2.22
CA GLY B 412 19.87 2.78 -1.28
C GLY B 412 18.76 2.00 -1.91
N ARG B 413 18.20 1.03 -1.18
CA ARG B 413 17.14 0.19 -1.74
C ARG B 413 15.82 0.96 -1.93
N ASP B 414 15.62 2.02 -1.17
CA ASP B 414 14.39 2.82 -1.33
C ASP B 414 14.30 3.48 -2.71
N ASN B 415 15.41 3.67 -3.41
CA ASN B 415 15.36 4.08 -4.80
C ASN B 415 14.42 3.24 -5.66
N ALA B 416 14.33 1.96 -5.34
CA ALA B 416 13.51 1.01 -6.07
C ALA B 416 12.06 0.88 -5.55
N ARG B 417 11.76 1.49 -4.41
CA ARG B 417 10.57 1.20 -3.66
C ARG B 417 9.60 2.35 -3.59
N THR B 418 9.93 3.49 -4.21
CA THR B 418 8.99 4.61 -4.29
C THR B 418 7.81 4.16 -5.15
N PRO B 419 6.60 4.65 -4.83
CA PRO B 419 5.38 4.18 -5.54
C PRO B 419 5.46 4.26 -7.07
N TYR B 420 4.95 3.22 -7.71
CA TYR B 420 4.87 3.17 -9.15
C TYR B 420 4.12 4.42 -9.66
N GLN B 421 4.64 5.03 -10.72
CA GLN B 421 4.11 6.28 -11.22
C GLN B 421 3.08 6.03 -12.35
N TRP B 422 1.81 5.94 -11.98
CA TRP B 422 0.75 5.58 -12.93
C TRP B 422 0.33 6.74 -13.84
N ASP B 423 0.20 7.93 -13.30
CA ASP B 423 -0.26 9.08 -14.09
C ASP B 423 0.21 10.38 -13.44
N ASN B 424 -0.26 11.53 -13.92
CA ASN B 424 0.14 12.81 -13.31
C ASN B 424 -0.84 13.38 -12.27
N SER B 425 -1.77 12.57 -11.78
CA SER B 425 -2.67 12.97 -10.67
C SER B 425 -1.89 12.92 -9.36
N GLU B 426 -2.55 13.34 -8.27
CA GLU B 426 -1.87 13.40 -6.99
C GLU B 426 -1.27 12.02 -6.62
N ASN B 427 -0.05 12.06 -6.13
CA ASN B 427 0.74 10.87 -5.83
C ASN B 427 0.79 9.87 -6.99
N ALA B 428 0.83 10.44 -8.19
CA ALA B 428 0.98 9.68 -9.42
C ALA B 428 -0.07 8.58 -9.61
N GLY B 429 -1.26 8.76 -9.01
CA GLY B 429 -2.34 7.78 -9.13
C GLY B 429 -2.08 6.45 -8.44
N PHE B 430 -1.05 6.40 -7.60
CA PHE B 430 -0.74 5.20 -6.85
C PHE B 430 -1.75 5.01 -5.73
N THR B 431 -2.13 6.10 -5.09
CA THR B 431 -3.01 6.10 -3.93
C THR B 431 -3.84 7.39 -3.87
N THR B 432 -5.02 7.30 -3.27
CA THR B 432 -5.81 8.48 -2.93
C THR B 432 -5.46 9.00 -1.54
N GLY B 433 -4.68 8.24 -0.76
CA GLY B 433 -4.28 8.63 0.58
C GLY B 433 -2.85 9.17 0.60
N THR B 434 -2.13 8.86 1.66
CA THR B 434 -0.75 9.29 1.86
C THR B 434 0.16 8.08 1.69
N PRO B 435 1.04 8.08 0.67
CA PRO B 435 1.84 6.88 0.43
C PRO B 435 2.81 6.57 1.58
N TRP B 436 3.08 5.28 1.78
CA TRP B 436 3.96 4.82 2.86
C TRP B 436 5.40 5.36 2.68
N LEU B 437 5.79 5.58 1.42
CA LEU B 437 7.06 6.20 1.04
C LEU B 437 6.70 7.20 -0.05
N LYS B 438 7.34 8.36 0.04
N LYS B 438 7.27 8.40 -0.06
CA LYS B 438 7.07 9.46 -0.86
CA LYS B 438 6.78 9.47 -1.00
C LYS B 438 7.30 9.02 -2.29
C LYS B 438 6.96 9.16 -2.50
N VAL B 439 6.36 9.46 -3.11
N VAL B 439 6.06 9.65 -3.36
CA VAL B 439 6.47 9.38 -4.54
CA VAL B 439 6.27 9.49 -4.77
C VAL B 439 7.61 10.27 -5.03
C VAL B 439 7.43 10.37 -5.23
N ASN B 440 8.30 9.83 -6.08
CA ASN B 440 9.33 10.63 -6.72
C ASN B 440 8.68 11.84 -7.41
N PRO B 441 9.14 13.07 -7.10
CA PRO B 441 8.49 14.28 -7.66
C PRO B 441 8.50 14.40 -9.17
N ARG B 442 9.36 13.64 -9.83
CA ARG B 442 9.39 13.59 -11.30
C ARG B 442 8.20 12.89 -11.94
N TYR B 443 7.29 12.38 -11.12
CA TYR B 443 6.13 11.65 -11.66
C TYR B 443 5.30 12.51 -12.61
N THR B 444 5.33 13.84 -12.47
CA THR B 444 4.56 14.67 -13.39
C THR B 444 5.02 14.53 -14.83
N GLU B 445 6.30 14.18 -15.03
CA GLU B 445 6.87 13.94 -16.37
C GLU B 445 7.04 12.48 -16.71
N ILE B 446 7.21 11.62 -15.70
CA ILE B 446 7.57 10.23 -15.87
C ILE B 446 6.44 9.40 -15.31
N ASN B 447 5.58 8.88 -16.17
CA ASN B 447 4.48 8.07 -15.67
C ASN B 447 3.91 7.18 -16.74
N ASN B 448 3.14 6.20 -16.31
CA ASN B 448 2.64 5.16 -17.20
C ASN B 448 1.73 5.73 -18.28
N GLU B 449 0.80 6.59 -17.89
CA GLU B 449 -0.10 7.23 -18.85
C GLU B 449 0.65 7.98 -19.97
N GLU B 450 1.61 8.84 -19.62
N GLU B 450 1.60 8.84 -19.61
CA GLU B 450 2.41 9.55 -20.64
CA GLU B 450 2.45 9.54 -20.60
C GLU B 450 3.16 8.55 -21.53
C GLU B 450 3.16 8.55 -21.53
N ALA B 451 3.70 7.49 -20.94
CA ALA B 451 4.40 6.47 -21.71
C ALA B 451 3.45 5.74 -22.69
N LEU B 452 2.25 5.37 -22.24
CA LEU B 452 1.29 4.73 -23.15
C LEU B 452 0.81 5.66 -24.30
N LYS B 453 0.74 6.95 -24.03
CA LYS B 453 0.32 7.90 -25.08
C LYS B 453 1.40 8.19 -26.10
N ASN B 454 2.66 8.06 -25.70
CA ASN B 454 3.80 8.39 -26.55
C ASN B 454 4.33 7.13 -27.28
N PRO B 455 4.21 7.07 -28.61
CA PRO B 455 4.70 5.86 -29.34
C PRO B 455 6.21 5.63 -29.27
N ASP B 456 6.96 6.70 -28.98
N ASP B 456 7.00 6.66 -29.00
CA ASP B 456 8.42 6.68 -28.80
CA ASP B 456 8.43 6.46 -28.86
C ASP B 456 8.87 6.32 -27.38
C ASP B 456 8.85 6.40 -27.37
N SER B 457 7.94 5.95 -26.51
CA SER B 457 8.23 5.77 -25.09
C SER B 457 9.04 4.52 -24.85
N ILE B 458 9.58 4.46 -23.64
CA ILE B 458 10.30 3.28 -23.17
C ILE B 458 9.36 2.06 -23.13
N PHE B 459 8.10 2.29 -22.80
CA PHE B 459 7.12 1.19 -22.73
C PHE B 459 7.04 0.40 -24.03
N TYR B 460 6.84 1.08 -25.15
CA TYR B 460 6.71 0.36 -26.41
C TYR B 460 8.00 -0.32 -26.80
N TYR B 461 9.15 0.25 -26.42
CA TYR B 461 10.43 -0.40 -26.69
C TYR B 461 10.58 -1.72 -25.92
N TYR B 462 10.22 -1.75 -24.65
CA TYR B 462 10.19 -2.99 -23.86
C TYR B 462 9.18 -3.98 -24.43
N GLN B 463 7.98 -3.52 -24.74
CA GLN B 463 6.96 -4.36 -25.37
C GLN B 463 7.51 -5.06 -26.62
N ASN B 464 8.24 -4.33 -27.43
CA ASN B 464 8.81 -4.87 -28.65
C ASN B 464 9.95 -5.84 -28.41
N LEU B 465 10.78 -5.59 -27.40
CA LEU B 465 11.85 -6.55 -27.05
C LEU B 465 11.26 -7.88 -26.60
N ILE B 466 10.14 -7.79 -25.88
CA ILE B 466 9.43 -9.00 -25.43
C ILE B 466 8.88 -9.77 -26.65
N LYS B 467 8.29 -9.05 -27.61
CA LYS B 467 7.84 -9.67 -28.85
C LYS B 467 8.97 -10.38 -29.58
N LEU B 468 10.14 -9.73 -29.64
CA LEU B 468 11.28 -10.29 -30.37
C LEU B 468 11.76 -11.58 -29.75
N ARG B 469 11.73 -11.67 -28.42
CA ARG B 469 12.09 -12.91 -27.75
C ARG B 469 11.11 -14.04 -28.09
N LYS B 470 9.83 -13.69 -28.25
CA LYS B 470 8.85 -14.70 -28.69
C LYS B 470 9.08 -15.18 -30.13
N THR B 471 9.53 -14.29 -31.02
CA THR B 471 9.54 -14.56 -32.45
C THR B 471 10.91 -14.84 -33.08
N THR B 472 12.00 -14.64 -32.33
CA THR B 472 13.35 -14.68 -32.89
C THR B 472 14.15 -15.75 -32.13
N GLU B 473 14.21 -16.96 -32.71
CA GLU B 473 14.75 -18.15 -32.01
C GLU B 473 16.17 -17.97 -31.45
N ILE B 474 17.06 -17.38 -32.24
CA ILE B 474 18.45 -17.11 -31.78
C ILE B 474 18.56 -16.38 -30.42
N ILE B 475 17.60 -15.54 -30.09
CA ILE B 475 17.63 -14.85 -28.80
C ILE B 475 17.66 -15.88 -27.66
N THR B 476 16.96 -16.99 -27.84
CA THR B 476 17.00 -18.11 -26.89
C THR B 476 18.15 -19.09 -27.14
N THR B 477 18.32 -19.54 -28.38
CA THR B 477 19.22 -20.66 -28.68
C THR B 477 20.68 -20.30 -28.93
N GLY B 478 20.98 -19.04 -29.18
CA GLY B 478 22.34 -18.65 -29.49
C GLY B 478 23.32 -18.81 -28.32
N ASN B 479 24.56 -19.15 -28.65
CA ASN B 479 25.65 -18.91 -27.73
C ASN B 479 25.99 -17.41 -27.68
N TYR B 480 26.98 -17.07 -26.88
CA TYR B 480 27.36 -15.68 -26.62
C TYR B 480 28.87 -15.53 -26.71
N ARG B 481 29.34 -14.45 -27.31
CA ARG B 481 30.73 -14.03 -27.14
C ARG B 481 30.87 -12.53 -27.01
N LEU B 482 31.72 -12.12 -26.08
CA LEU B 482 32.02 -10.71 -25.86
C LEU B 482 32.96 -10.23 -26.95
N LEU B 483 32.64 -9.07 -27.49
CA LEU B 483 33.51 -8.38 -28.46
C LEU B 483 34.07 -7.13 -27.77
N LEU B 484 35.05 -6.47 -28.37
CA LEU B 484 35.64 -5.23 -27.84
C LEU B 484 35.72 -5.19 -26.29
N PRO B 485 36.40 -6.18 -25.69
CA PRO B 485 36.30 -6.33 -24.23
C PRO B 485 36.84 -5.16 -23.43
N LYS B 486 37.88 -4.51 -23.94
CA LYS B 486 38.53 -3.42 -23.20
C LYS B 486 37.97 -2.04 -23.51
N ASP B 487 37.04 -1.94 -24.47
CA ASP B 487 36.47 -0.64 -24.82
C ASP B 487 35.77 -0.03 -23.60
N GLU B 488 36.08 1.24 -23.32
CA GLU B 488 35.51 1.93 -22.14
C GLU B 488 34.12 2.52 -22.39
N ALA B 489 33.65 2.51 -23.64
CA ALA B 489 32.37 3.13 -24.01
C ALA B 489 31.36 2.16 -24.60
N ILE B 490 31.80 1.20 -25.42
CA ILE B 490 30.88 0.33 -26.16
C ILE B 490 30.81 -1.06 -25.54
N PHE B 491 29.59 -1.54 -25.33
CA PHE B 491 29.33 -2.93 -24.94
C PHE B 491 28.85 -3.60 -26.21
N ALA B 492 29.74 -4.39 -26.81
CA ALA B 492 29.50 -5.13 -28.06
C ALA B 492 29.59 -6.62 -27.77
N TYR B 493 28.64 -7.39 -28.29
CA TYR B 493 28.71 -8.85 -28.19
C TYR B 493 27.97 -9.51 -29.33
N GLU B 494 28.20 -10.81 -29.46
CA GLU B 494 27.62 -11.57 -30.52
C GLU B 494 26.77 -12.69 -29.92
N ARG B 495 25.61 -12.95 -30.52
CA ARG B 495 24.88 -14.19 -30.29
C ARG B 495 25.01 -15.01 -31.56
N TYR B 496 25.22 -16.32 -31.44
CA TYR B 496 25.43 -17.14 -32.64
C TYR B 496 24.85 -18.52 -32.49
N THR B 497 24.22 -18.99 -33.56
CA THR B 497 23.86 -20.39 -33.73
C THR B 497 24.76 -20.94 -34.85
N GLU B 498 24.51 -22.19 -35.27
CA GLU B 498 25.29 -22.78 -36.36
C GLU B 498 25.24 -21.95 -37.67
N ASN B 499 24.09 -21.31 -37.91
N ASN B 499 24.10 -21.33 -37.98
CA ASN B 499 23.70 -20.73 -39.21
CA ASN B 499 23.92 -20.66 -39.28
C ASN B 499 23.49 -19.21 -39.22
C ASN B 499 23.46 -19.20 -39.24
N GLU B 500 23.49 -18.56 -38.07
CA GLU B 500 23.16 -17.14 -37.99
C GLU B 500 23.74 -16.46 -36.77
N LYS B 501 23.78 -15.14 -36.83
CA LYS B 501 24.32 -14.31 -35.76
C LYS B 501 23.49 -13.08 -35.49
N LEU B 502 23.55 -12.63 -34.23
CA LEU B 502 23.24 -11.26 -33.85
C LEU B 502 24.52 -10.53 -33.41
N VAL B 503 24.66 -9.27 -33.81
CA VAL B 503 25.74 -8.41 -33.29
C VAL B 503 25.05 -7.26 -32.58
N VAL B 504 25.28 -7.15 -31.27
CA VAL B 504 24.62 -6.20 -30.42
C VAL B 504 25.64 -5.13 -30.05
N LEU B 505 25.30 -3.86 -30.29
CA LEU B 505 26.23 -2.74 -30.11
C LEU B 505 25.54 -1.68 -29.27
N CYS B 506 26.06 -1.44 -28.07
CA CYS B 506 25.44 -0.49 -27.12
C CYS B 506 26.45 0.54 -26.66
N ASN B 507 26.13 1.83 -26.84
CA ASN B 507 26.96 2.91 -26.32
C ASN B 507 26.53 3.27 -24.89
N PHE B 508 27.42 3.03 -23.91
CA PHE B 508 27.17 3.39 -22.51
C PHE B 508 27.54 4.84 -22.16
N THR B 509 27.84 5.67 -23.16
CA THR B 509 28.27 7.03 -22.93
C THR B 509 27.43 8.01 -23.72
N GLU B 510 27.55 9.27 -23.31
CA GLU B 510 26.90 10.39 -23.99
C GLU B 510 27.74 10.94 -25.15
N GLU B 511 28.84 10.28 -25.51
CA GLU B 511 29.71 10.70 -26.62
C GLU B 511 29.52 9.79 -27.83
N GLU B 512 29.62 10.37 -29.03
CA GLU B 512 29.60 9.59 -30.26
C GLU B 512 30.80 8.63 -30.25
N GLN B 513 30.58 7.40 -30.67
CA GLN B 513 31.63 6.38 -30.74
C GLN B 513 31.65 5.85 -32.16
N VAL B 514 32.76 6.04 -32.86
CA VAL B 514 32.91 5.55 -34.23
C VAL B 514 33.70 4.25 -34.17
N ILE B 515 33.08 3.16 -34.62
CA ILE B 515 33.67 1.82 -34.48
C ILE B 515 34.85 1.69 -35.44
N SER B 516 35.97 1.16 -34.93
CA SER B 516 37.19 0.95 -35.72
C SER B 516 37.58 -0.51 -35.88
N ASP B 517 36.79 -1.41 -35.31
CA ASP B 517 37.08 -2.83 -35.35
C ASP B 517 36.66 -3.42 -36.70
N GLU B 518 37.64 -3.91 -37.46
CA GLU B 518 37.38 -4.37 -38.81
C GLU B 518 36.34 -5.52 -38.85
N THR B 519 36.40 -6.44 -37.89
CA THR B 519 35.50 -7.60 -37.90
C THR B 519 34.03 -7.21 -37.65
N ILE B 520 33.79 -6.34 -36.65
CA ILE B 520 32.44 -5.81 -36.39
C ILE B 520 31.95 -5.05 -37.59
N LEU B 521 32.80 -4.20 -38.16
CA LEU B 521 32.37 -3.42 -39.32
C LEU B 521 31.96 -4.35 -40.48
N ASN B 522 32.71 -5.42 -40.73
CA ASN B 522 32.30 -6.44 -41.75
C ASN B 522 30.92 -7.02 -41.47
N GLU B 523 30.66 -7.38 -40.22
CA GLU B 523 29.33 -7.89 -39.85
C GLU B 523 28.21 -6.87 -40.00
N ILE B 524 28.45 -5.64 -39.56
CA ILE B 524 27.51 -4.53 -39.75
C ILE B 524 27.16 -4.42 -41.23
N GLN B 525 28.18 -4.45 -42.08
CA GLN B 525 27.98 -4.25 -43.52
C GLN B 525 27.08 -5.33 -44.12
N LYS B 526 27.19 -6.57 -43.66
CA LYS B 526 26.37 -7.66 -44.20
C LYS B 526 25.04 -7.94 -43.47
N GLY B 527 24.79 -7.29 -42.33
CA GLY B 527 23.60 -7.59 -41.52
C GLY B 527 22.44 -6.67 -41.82
N SER B 528 21.26 -7.03 -41.33
CA SER B 528 20.09 -6.16 -41.35
C SER B 528 19.79 -5.74 -39.91
N VAL B 529 19.04 -4.66 -39.74
CA VAL B 529 18.82 -4.13 -38.40
C VAL B 529 17.58 -4.79 -37.81
N LEU B 530 17.75 -5.49 -36.70
CA LEU B 530 16.62 -6.14 -36.01
C LEU B 530 15.85 -5.18 -35.11
N VAL B 531 16.59 -4.41 -34.31
CA VAL B 531 15.99 -3.40 -33.44
C VAL B 531 17.05 -2.35 -33.19
N ASN B 532 16.60 -1.13 -32.96
CA ASN B 532 17.52 -0.02 -32.73
C ASN B 532 16.76 1.12 -32.06
N ASN B 533 17.47 1.91 -31.26
CA ASN B 533 16.80 2.95 -30.48
C ASN B 533 16.89 4.36 -31.03
N VAL B 534 17.68 4.61 -32.09
CA VAL B 534 17.81 5.98 -32.65
C VAL B 534 17.60 5.88 -34.17
N PRO B 535 16.60 6.60 -34.72
CA PRO B 535 16.34 6.49 -36.17
C PRO B 535 17.50 6.97 -37.05
N ASN B 536 17.54 6.51 -38.30
CA ASN B 536 18.53 6.97 -39.30
C ASN B 536 19.98 6.70 -38.88
N ILE B 537 20.25 5.41 -38.71
CA ILE B 537 21.56 4.90 -38.33
C ILE B 537 22.64 5.40 -39.29
N ILE B 538 23.77 5.77 -38.70
CA ILE B 538 24.99 6.06 -39.45
C ILE B 538 25.81 4.79 -39.34
N GLU B 539 26.03 4.13 -40.48
CA GLU B 539 26.67 2.81 -40.46
C GLU B 539 28.06 2.93 -39.85
N GLY B 540 28.34 2.15 -38.80
CA GLY B 540 29.67 2.14 -38.15
C GLY B 540 29.87 3.09 -36.99
N THR B 541 28.84 3.87 -36.70
CA THR B 541 28.87 4.86 -35.63
C THR B 541 27.76 4.54 -34.63
N LEU B 542 28.06 4.76 -33.35
CA LEU B 542 27.03 4.80 -32.30
C LEU B 542 26.96 6.22 -31.80
N ARG B 543 25.80 6.85 -32.00
CA ARG B 543 25.53 8.15 -31.44
C ARG B 543 25.35 8.01 -29.91
N PRO B 544 25.27 9.13 -29.16
CA PRO B 544 25.14 9.07 -27.70
C PRO B 544 24.04 8.10 -27.27
N TYR B 545 24.39 7.19 -26.36
CA TYR B 545 23.49 6.16 -25.87
C TYR B 545 22.77 5.33 -26.94
N GLU B 546 23.37 5.16 -28.12
CA GLU B 546 22.71 4.41 -29.19
C GLU B 546 22.91 2.90 -29.00
N ALA B 547 21.87 2.14 -29.32
CA ALA B 547 21.93 0.68 -29.38
C ALA B 547 21.42 0.25 -30.74
N ILE B 548 22.12 -0.71 -31.34
CA ILE B 548 21.71 -1.33 -32.59
C ILE B 548 21.97 -2.82 -32.48
N VAL B 549 21.02 -3.61 -32.98
CA VAL B 549 21.19 -5.06 -33.11
C VAL B 549 21.11 -5.38 -34.60
N TYR B 550 22.19 -5.95 -35.10
CA TYR B 550 22.26 -6.46 -36.46
C TYR B 550 22.05 -7.95 -36.49
N GLN B 551 21.32 -8.41 -37.49
CA GLN B 551 21.09 -9.81 -37.68
C GLN B 551 21.79 -10.25 -38.98
N ILE B 552 22.59 -11.32 -38.90
CA ILE B 552 23.27 -11.90 -40.07
C ILE B 552 22.74 -13.31 -40.30
N LYS B 553 21.98 -13.51 -41.38
CA LYS B 553 21.44 -14.81 -41.76
C LYS B 553 21.83 -15.25 -43.19
N GLY B 554 22.63 -14.47 -43.91
CA GLY B 554 22.92 -14.68 -45.35
C GLY B 554 22.58 -16.04 -45.94
N LYS C 4 3.00 8.33 64.17
CA LYS C 4 1.69 8.78 63.59
C LYS C 4 1.96 9.76 62.45
N ASP C 5 1.43 9.47 61.27
CA ASP C 5 1.61 10.30 60.08
C ASP C 5 3.06 10.68 59.80
N TRP C 6 3.96 9.72 60.02
CA TRP C 6 5.38 9.82 59.67
C TRP C 6 5.65 10.38 58.26
N TRP C 7 4.80 9.98 57.31
CA TRP C 7 4.88 10.41 55.90
C TRP C 7 4.75 11.94 55.69
N LYS C 8 4.17 12.67 56.64
CA LYS C 8 4.11 14.15 56.55
C LYS C 8 5.48 14.84 56.56
N LYS C 9 6.43 14.27 57.30
CA LYS C 9 7.78 14.85 57.40
C LYS C 9 8.84 14.11 56.56
N SER C 10 8.42 13.06 55.87
CA SER C 10 9.32 12.31 55.00
C SER C 10 9.79 13.12 53.81
N VAL C 11 10.97 12.80 53.32
CA VAL C 11 11.37 13.23 51.99
C VAL C 11 11.55 11.97 51.15
N VAL C 12 10.90 11.96 49.98
CA VAL C 12 10.89 10.80 49.10
C VAL C 12 11.92 10.95 47.98
N TYR C 13 12.66 9.88 47.72
CA TYR C 13 13.57 9.84 46.58
C TYR C 13 13.07 8.78 45.62
N GLN C 14 12.81 9.18 44.38
CA GLN C 14 12.29 8.24 43.38
C GLN C 14 13.44 7.65 42.59
N ILE C 15 13.49 6.32 42.60
CA ILE C 15 14.43 5.56 41.80
C ILE C 15 13.70 4.97 40.58
N TYR C 16 14.30 5.15 39.41
CA TYR C 16 13.85 4.56 38.14
C TYR C 16 14.89 3.46 37.89
N PRO C 17 14.53 2.23 38.28
CA PRO C 17 15.57 1.21 38.44
C PRO C 17 16.31 0.86 37.15
N LYS C 18 15.65 0.94 36.00
CA LYS C 18 16.33 0.68 34.74
C LYS C 18 17.53 1.63 34.51
N SER C 19 17.51 2.80 35.13
CA SER C 19 18.45 3.85 34.84
C SER C 19 19.25 4.32 36.04
N PHE C 20 19.15 3.65 37.19
CA PHE C 20 19.83 4.11 38.40
C PHE C 20 21.28 3.60 38.47
N ASN C 21 21.49 2.30 38.55
CA ASN C 21 22.86 1.76 38.66
C ASN C 21 22.91 0.31 38.21
N ASP C 22 23.67 0.06 37.15
CA ASP C 22 23.90 -1.28 36.63
C ASP C 22 25.08 -1.90 37.39
N SER C 23 24.86 -3.00 38.07
CA SER C 23 25.94 -3.65 38.82
C SER C 23 26.56 -4.85 38.11
N ASN C 24 26.02 -5.28 36.97
CA ASN C 24 26.50 -6.50 36.31
C ASN C 24 26.86 -6.36 34.82
N GLY C 25 26.86 -5.12 34.32
CA GLY C 25 27.38 -4.84 32.99
C GLY C 25 26.51 -5.16 31.81
N ASP C 26 25.23 -5.46 32.01
CA ASP C 26 24.32 -5.74 30.88
C ASP C 26 23.67 -4.48 30.28
N GLY C 27 23.97 -3.30 30.84
CA GLY C 27 23.43 -2.03 30.33
C GLY C 27 22.12 -1.57 30.94
N VAL C 28 21.51 -2.38 31.80
CA VAL C 28 20.30 -1.95 32.54
C VAL C 28 20.57 -1.91 34.04
N GLY C 29 20.01 -0.92 34.71
CA GLY C 29 20.11 -0.85 36.14
C GLY C 29 19.42 -2.05 36.78
N ASP C 30 19.87 -2.39 37.99
CA ASP C 30 19.35 -3.54 38.69
C ASP C 30 19.25 -3.26 40.18
N ILE C 31 18.62 -4.20 40.88
CA ILE C 31 18.34 -4.02 42.32
C ILE C 31 19.66 -4.00 43.13
N GLN C 32 20.62 -4.85 42.77
CA GLN C 32 21.90 -4.88 43.48
C GLN C 32 22.61 -3.54 43.29
N GLY C 33 22.44 -2.91 42.14
CA GLY C 33 22.95 -1.56 41.90
C GLY C 33 22.39 -0.54 42.89
N ILE C 34 21.11 -0.70 43.25
CA ILE C 34 20.47 0.19 44.23
C ILE C 34 21.02 -0.08 45.64
N ILE C 35 21.14 -1.36 45.98
CA ILE C 35 21.64 -1.78 47.28
C ILE C 35 23.02 -1.17 47.55
N GLU C 36 23.86 -1.13 46.52
CA GLU C 36 25.19 -0.54 46.63
C GLU C 36 25.22 0.99 46.88
N LYS C 37 24.10 1.68 46.64
CA LYS C 37 23.99 3.13 46.85
C LYS C 37 23.15 3.51 48.07
N LEU C 38 22.77 2.54 48.92
CA LEU C 38 21.97 2.86 50.10
C LEU C 38 22.67 3.82 51.05
N ASP C 39 23.98 3.67 51.24
CA ASP C 39 24.72 4.62 52.06
C ASP C 39 24.75 6.03 51.46
N TYR C 40 24.78 6.12 50.14
CA TYR C 40 24.69 7.43 49.48
C TYR C 40 23.32 8.12 49.74
N LEU C 41 22.24 7.36 49.63
CA LEU C 41 20.90 7.92 49.86
C LEU C 41 20.73 8.33 51.32
N LYS C 42 21.24 7.49 52.22
CA LYS C 42 21.29 7.84 53.64
C LYS C 42 22.05 9.15 53.88
N GLU C 43 23.21 9.29 53.24
CA GLU C 43 24.00 10.51 53.35
C GLU C 43 23.26 11.75 52.82
N LEU C 44 22.55 11.59 51.70
CA LEU C 44 21.69 12.66 51.17
C LEU C 44 20.65 13.07 52.22
N GLY C 45 20.09 12.08 52.91
CA GLY C 45 19.20 12.28 54.07
C GLY C 45 17.74 11.93 53.82
N VAL C 46 17.43 11.42 52.64
CA VAL C 46 16.07 10.97 52.30
C VAL C 46 15.71 9.77 53.16
N ASP C 47 14.43 9.63 53.49
N ASP C 47 14.44 9.61 53.48
CA ASP C 47 14.00 8.49 54.32
CA ASP C 47 14.03 8.45 54.29
C ASP C 47 13.02 7.54 53.65
C ASP C 47 13.01 7.53 53.65
N VAL C 48 12.48 7.89 52.48
CA VAL C 48 11.57 7.00 51.75
C VAL C 48 12.09 6.85 50.32
N ILE C 49 12.21 5.62 49.85
CA ILE C 49 12.50 5.36 48.45
C ILE C 49 11.23 4.96 47.73
N TRP C 50 10.84 5.70 46.71
CA TRP C 50 9.78 5.24 45.80
C TRP C 50 10.49 4.56 44.62
N LEU C 51 10.30 3.24 44.54
CA LEU C 51 10.90 2.42 43.50
C LEU C 51 9.86 2.26 42.42
N SER C 52 10.20 2.72 41.21
CA SER C 52 9.40 2.47 40.00
C SER C 52 9.43 0.95 39.69
N PRO C 53 8.49 0.46 38.86
CA PRO C 53 8.23 -0.98 38.84
C PRO C 53 9.41 -1.87 38.51
N VAL C 54 9.62 -2.86 39.37
CA VAL C 54 10.57 -3.94 39.12
C VAL C 54 9.85 -5.28 38.87
N TYR C 55 8.53 -5.23 38.67
CA TYR C 55 7.77 -6.46 38.54
C TYR C 55 7.98 -7.05 37.16
N ASP C 56 7.73 -8.34 37.04
CA ASP C 56 7.86 -9.00 35.76
C ASP C 56 6.97 -8.32 34.70
N SER C 57 7.56 -8.05 33.55
CA SER C 57 6.99 -7.18 32.54
C SER C 57 7.79 -7.34 31.25
N PRO C 58 7.11 -7.35 30.09
CA PRO C 58 7.87 -7.31 28.84
C PRO C 58 8.42 -5.95 28.48
N GLN C 59 8.17 -4.93 29.29
CA GLN C 59 8.82 -3.62 29.17
C GLN C 59 8.30 -2.78 27.99
N ASP C 60 7.10 -3.06 27.51
CA ASP C 60 6.46 -2.18 26.50
C ASP C 60 6.34 -0.73 26.99
N ASP C 61 6.04 -0.58 28.28
CA ASP C 61 6.00 0.72 28.97
C ASP C 61 6.92 0.65 30.21
N ASN C 62 8.09 0.05 30.03
CA ASN C 62 9.14 -0.02 31.04
C ASN C 62 8.66 -0.34 32.45
N GLY C 63 7.88 -1.41 32.54
CA GLY C 63 7.46 -1.98 33.82
C GLY C 63 6.07 -1.58 34.26
N TYR C 64 5.48 -0.55 33.63
CA TYR C 64 4.10 -0.17 33.92
C TYR C 64 3.08 -1.01 33.13
N ASP C 65 3.60 -2.01 32.40
CA ASP C 65 2.83 -3.10 31.79
C ASP C 65 3.22 -4.43 32.48
N ILE C 66 2.47 -4.79 33.51
CA ILE C 66 2.84 -5.85 34.42
C ILE C 66 2.34 -7.22 33.93
N ARG C 67 3.27 -8.17 33.81
CA ARG C 67 2.98 -9.52 33.38
C ARG C 67 2.79 -10.45 34.56
N ASP C 68 3.39 -10.15 35.70
CA ASP C 68 3.14 -10.93 36.94
C ASP C 68 3.45 -10.02 38.11
N TYR C 69 2.41 -9.71 38.89
CA TYR C 69 2.52 -8.78 39.99
C TYR C 69 3.40 -9.25 41.14
N GLN C 70 3.64 -10.55 41.24
CA GLN C 70 4.31 -11.13 42.42
C GLN C 70 5.68 -11.71 42.09
N LYS C 71 6.22 -11.35 40.93
CA LYS C 71 7.52 -11.82 40.47
C LYS C 71 8.39 -10.60 40.16
N ILE C 72 9.66 -10.69 40.53
CA ILE C 72 10.65 -9.67 40.13
C ILE C 72 11.07 -9.94 38.69
N TYR C 73 11.13 -8.87 37.89
CA TYR C 73 11.63 -9.00 36.53
C TYR C 73 13.09 -9.48 36.58
N GLU C 74 13.39 -10.49 35.78
CA GLU C 74 14.64 -11.24 35.91
C GLU C 74 15.88 -10.37 35.67
N GLU C 75 15.80 -9.39 34.75
CA GLU C 75 16.90 -8.45 34.55
C GLU C 75 17.24 -7.61 35.79
N TYR C 76 16.27 -7.40 36.68
CA TYR C 76 16.51 -6.62 37.90
C TYR C 76 17.09 -7.42 39.04
N GLY C 77 16.87 -8.73 39.02
CA GLY C 77 17.35 -9.61 40.06
C GLY C 77 16.26 -10.64 40.37
N ASP C 78 16.29 -11.17 41.57
CA ASP C 78 15.31 -12.17 42.00
C ASP C 78 14.65 -11.65 43.26
N MET C 79 13.72 -12.43 43.81
CA MET C 79 13.00 -12.03 45.01
C MET C 79 13.97 -11.88 46.19
N ALA C 80 14.98 -12.74 46.27
CA ALA C 80 15.97 -12.65 47.35
C ALA C 80 16.69 -11.29 47.35
N THR C 81 17.00 -10.80 46.15
CA THR C 81 17.66 -9.49 46.02
C THR C 81 16.70 -8.36 46.39
N PHE C 82 15.45 -8.46 45.96
CA PHE C 82 14.44 -7.52 46.39
C PHE C 82 14.35 -7.51 47.92
N ASP C 83 14.32 -8.69 48.53
CA ASP C 83 14.23 -8.75 49.99
C ASP C 83 15.42 -8.08 50.68
N GLN C 84 16.61 -8.22 50.10
CA GLN C 84 17.80 -7.59 50.65
C GLN C 84 17.71 -6.08 50.51
N LEU C 85 17.14 -5.58 49.41
CA LEU C 85 16.87 -4.16 49.29
C LEU C 85 15.95 -3.65 50.39
N LEU C 86 14.82 -4.34 50.59
CA LEU C 86 13.84 -3.90 51.58
C LEU C 86 14.46 -3.91 52.97
N GLN C 87 15.20 -4.97 53.25
CA GLN C 87 15.86 -5.10 54.53
C GLN C 87 16.97 -4.05 54.73
N GLY C 88 17.78 -3.80 53.70
CA GLY C 88 18.80 -2.77 53.77
C GLY C 88 18.26 -1.37 54.02
N LEU C 89 17.09 -1.09 53.45
CA LEU C 89 16.37 0.17 53.74
C LEU C 89 15.92 0.21 55.20
N HIS C 90 15.19 -0.82 55.63
CA HIS C 90 14.75 -0.86 57.02
C HIS C 90 15.91 -0.80 58.04
N ASP C 91 17.04 -1.42 57.70
CA ASP C 91 18.24 -1.38 58.55
C ASP C 91 18.79 0.03 58.76
N ARG C 92 18.54 0.91 57.79
CA ARG C 92 18.89 2.33 57.87
C ARG C 92 17.74 3.26 58.26
N ASP C 93 16.68 2.70 58.85
N ASP C 93 16.68 2.71 58.87
CA ASP C 93 15.45 3.43 59.20
CA ASP C 93 15.45 3.45 59.21
C ASP C 93 14.88 4.21 58.01
C ASP C 93 14.76 4.14 58.03
N MET C 94 14.93 3.58 56.84
CA MET C 94 14.38 4.10 55.61
C MET C 94 13.23 3.20 55.19
N LYS C 95 12.42 3.68 54.26
CA LYS C 95 11.19 3.00 53.88
C LYS C 95 11.09 2.85 52.38
N LEU C 96 10.32 1.85 51.96
CA LEU C 96 10.14 1.53 50.55
C LEU C 96 8.67 1.66 50.15
N VAL C 97 8.45 2.45 49.10
CA VAL C 97 7.16 2.62 48.47
C VAL C 97 7.28 2.06 47.04
N MET C 98 6.26 1.32 46.61
CA MET C 98 6.21 0.72 45.28
C MET C 98 5.02 1.28 44.51
N ASP C 99 5.04 1.17 43.19
CA ASP C 99 3.90 1.55 42.36
C ASP C 99 2.87 0.43 42.38
N LEU C 100 1.61 0.82 42.57
CA LEU C 100 0.47 -0.07 42.43
C LEU C 100 -0.12 0.22 41.07
N VAL C 101 0.04 -0.72 40.13
CA VAL C 101 -0.36 -0.50 38.74
C VAL C 101 -1.56 -1.40 38.45
N VAL C 102 -2.75 -0.89 38.75
CA VAL C 102 -3.97 -1.71 38.69
C VAL C 102 -5.08 -1.11 37.81
N ASN C 103 -4.76 -0.10 36.99
CA ASN C 103 -5.70 0.29 35.95
C ASN C 103 -5.68 -0.70 34.79
N HIS C 104 -4.53 -1.35 34.60
CA HIS C 104 -4.31 -2.22 33.44
C HIS C 104 -3.18 -3.19 33.77
N THR C 105 -3.08 -4.22 32.94
CA THR C 105 -2.00 -5.20 33.04
C THR C 105 -1.35 -5.25 31.70
N SER C 106 -0.22 -5.95 31.62
CA SER C 106 0.29 -6.42 30.35
C SER C 106 -0.73 -7.30 29.65
N ASP C 107 -0.73 -7.29 28.32
CA ASP C 107 -1.48 -8.31 27.58
C ASP C 107 -0.85 -9.72 27.72
N GLU C 108 0.35 -9.79 28.29
CA GLU C 108 1.00 -11.07 28.60
C GLU C 108 0.72 -11.56 30.02
N HIS C 109 0.00 -10.78 30.82
CA HIS C 109 -0.47 -11.25 32.13
C HIS C 109 -1.41 -12.45 31.94
N LYS C 110 -1.31 -13.46 32.80
CA LYS C 110 -2.14 -14.68 32.67
C LYS C 110 -3.65 -14.37 32.67
N TRP C 111 -4.09 -13.35 33.40
CA TRP C 111 -5.51 -12.93 33.37
C TRP C 111 -5.96 -12.60 31.97
N PHE C 112 -5.16 -11.86 31.22
CA PHE C 112 -5.52 -11.49 29.86
C PHE C 112 -5.30 -12.60 28.84
N GLU C 113 -4.22 -13.35 29.00
CA GLU C 113 -3.96 -14.54 28.18
C GLU C 113 -5.20 -15.44 28.22
N GLU C 114 -5.79 -15.58 29.40
CA GLU C 114 -7.02 -16.37 29.56
C GLU C 114 -8.26 -15.64 29.04
N SER C 115 -8.45 -14.41 29.50
CA SER C 115 -9.58 -13.57 29.09
C SER C 115 -9.81 -13.55 27.58
N ARG C 116 -8.71 -13.42 26.84
CA ARG C 116 -8.80 -13.28 25.39
C ARG C 116 -9.16 -14.57 24.63
N LYS C 117 -9.03 -15.73 25.29
CA LYS C 117 -9.20 -17.01 24.58
C LYS C 117 -10.63 -17.27 24.12
N SER C 118 -11.61 -16.84 24.91
CA SER C 118 -12.99 -17.21 24.63
C SER C 118 -13.93 -16.35 25.44
N LYS C 119 -15.10 -16.08 24.87
N LYS C 119 -15.10 -16.06 24.87
CA LYS C 119 -16.17 -15.40 25.58
CA LYS C 119 -16.17 -15.38 25.60
C LYS C 119 -16.60 -16.15 26.84
C LYS C 119 -16.61 -16.15 26.84
N ASP C 120 -16.42 -17.48 26.83
CA ASP C 120 -16.73 -18.34 27.98
C ASP C 120 -15.57 -18.59 28.96
N ASN C 121 -14.40 -17.98 28.74
CA ASN C 121 -13.30 -18.15 29.69
C ASN C 121 -13.66 -17.47 31.03
N PRO C 122 -13.30 -18.09 32.18
CA PRO C 122 -13.74 -17.44 33.43
C PRO C 122 -13.07 -16.09 33.74
N TYR C 123 -11.97 -15.76 33.06
CA TYR C 123 -11.37 -14.41 33.13
C TYR C 123 -11.89 -13.43 32.07
N ARG C 124 -12.88 -13.81 31.29
CA ARG C 124 -13.32 -12.94 30.21
C ARG C 124 -13.64 -11.53 30.71
N ASP C 125 -14.39 -11.42 31.80
CA ASP C 125 -14.85 -10.15 32.32
C ASP C 125 -13.85 -9.43 33.23
N TYR C 126 -12.59 -9.87 33.23
CA TYR C 126 -11.51 -9.12 33.92
C TYR C 126 -11.10 -7.88 33.14
N TYR C 127 -11.47 -7.82 31.85
CA TYR C 127 -11.13 -6.72 30.97
C TYR C 127 -12.40 -6.27 30.24
N PHE C 128 -12.28 -5.22 29.42
CA PHE C 128 -13.42 -4.66 28.69
C PHE C 128 -13.46 -5.15 27.25
N TRP C 129 -14.42 -6.02 26.93
CA TRP C 129 -14.56 -6.57 25.58
C TRP C 129 -15.86 -6.08 24.96
N ARG C 130 -15.77 -5.60 23.72
CA ARG C 130 -16.94 -5.12 22.98
C ARG C 130 -16.91 -5.55 21.52
N GLU C 131 -18.09 -5.82 20.97
CA GLU C 131 -18.23 -6.02 19.53
C GLU C 131 -18.01 -4.68 18.81
N GLU C 132 -17.68 -4.77 17.53
CA GLU C 132 -17.38 -3.60 16.68
C GLU C 132 -18.39 -2.47 16.84
N ASN C 133 -19.67 -2.81 16.79
CA ASN C 133 -20.74 -1.80 16.89
C ASN C 133 -20.91 -1.16 18.28
N GLU C 134 -20.23 -1.70 19.30
CA GLU C 134 -20.26 -1.18 20.66
C GLU C 134 -18.94 -0.54 21.13
N ILE C 135 -17.91 -0.47 20.28
CA ILE C 135 -16.74 0.36 20.63
C ILE C 135 -17.07 1.85 20.45
N ASN C 136 -16.12 2.72 20.76
CA ASN C 136 -16.34 4.12 20.59
C ASN C 136 -15.12 4.76 19.97
N ASN C 137 -15.10 6.09 19.94
CA ASN C 137 -14.08 6.85 19.23
C ASN C 137 -12.93 7.33 20.12
N TRP C 138 -12.74 6.72 21.28
CA TRP C 138 -11.64 7.14 22.16
C TRP C 138 -10.29 6.82 21.54
N GLY C 139 -9.32 7.69 21.80
CA GLY C 139 -7.94 7.45 21.42
C GLY C 139 -7.14 7.01 22.63
N SER C 140 -6.11 6.22 22.35
CA SER C 140 -5.09 5.87 23.34
C SER C 140 -4.24 7.09 23.69
N ILE C 141 -3.85 7.14 24.95
CA ILE C 141 -2.93 8.17 25.45
C ILE C 141 -1.57 8.05 24.76
N PHE C 142 -1.24 6.87 24.24
CA PHE C 142 -0.03 6.64 23.48
C PHE C 142 -0.32 6.49 21.97
N SER C 143 -1.26 7.28 21.47
CA SER C 143 -1.58 7.40 20.03
C SER C 143 -2.45 6.28 19.50
N GLY C 144 -3.12 6.57 18.38
CA GLY C 144 -4.03 5.62 17.78
C GLY C 144 -5.31 5.38 18.58
N PRO C 145 -6.12 4.39 18.14
CA PRO C 145 -7.40 4.10 18.81
C PRO C 145 -7.24 3.41 20.17
N ALA C 146 -8.22 3.59 21.06
CA ALA C 146 -8.21 2.94 22.37
C ALA C 146 -8.79 1.52 22.37
N TRP C 147 -9.21 1.02 21.21
CA TRP C 147 -9.78 -0.31 21.09
C TRP C 147 -8.99 -1.16 20.11
N GLU C 148 -8.69 -2.39 20.49
CA GLU C 148 -7.89 -3.31 19.67
C GLU C 148 -8.69 -4.59 19.42
N LEU C 149 -8.80 -4.97 18.15
CA LEU C 149 -9.47 -6.21 17.75
C LEU C 149 -8.63 -7.44 18.10
N ASP C 150 -9.29 -8.45 18.67
CA ASP C 150 -8.69 -9.76 18.88
C ASP C 150 -9.43 -10.74 18.00
N GLU C 151 -8.74 -11.23 16.96
CA GLU C 151 -9.32 -12.20 16.00
C GLU C 151 -9.79 -13.52 16.61
N LYS C 152 -9.30 -13.89 17.79
CA LYS C 152 -9.69 -15.15 18.41
C LYS C 152 -11.18 -15.17 18.79
N THR C 153 -11.73 -14.03 19.22
CA THR C 153 -13.17 -13.94 19.55
C THR C 153 -13.94 -12.94 18.67
N GLY C 154 -13.24 -12.15 17.87
CA GLY C 154 -13.88 -11.16 17.04
C GLY C 154 -14.28 -9.89 17.76
N GLU C 155 -13.89 -9.74 19.03
CA GLU C 155 -14.25 -8.59 19.86
C GLU C 155 -13.03 -7.70 20.11
N TYR C 156 -13.29 -6.46 20.53
CA TYR C 156 -12.25 -5.49 20.79
C TYR C 156 -12.05 -5.35 22.27
N TYR C 157 -10.81 -5.16 22.70
CA TYR C 157 -10.56 -4.81 24.11
C TYR C 157 -10.11 -3.37 24.23
N LEU C 158 -10.41 -2.77 25.38
CA LEU C 158 -10.05 -1.40 25.69
C LEU C 158 -8.63 -1.33 26.21
N HIS C 159 -7.88 -0.33 25.71
CA HIS C 159 -6.59 0.02 26.27
C HIS C 159 -6.41 1.55 26.23
N LEU C 160 -6.42 2.18 27.41
CA LEU C 160 -6.19 3.62 27.50
C LEU C 160 -4.74 3.95 27.20
N PHE C 161 -3.83 3.06 27.58
CA PHE C 161 -2.41 3.24 27.28
C PHE C 161 -2.05 2.38 26.07
N SER C 162 -0.98 1.61 26.10
CA SER C 162 -0.53 0.94 24.87
C SER C 162 -1.43 -0.26 24.54
N LYS C 163 -1.33 -0.73 23.30
CA LYS C 163 -1.99 -1.97 22.85
C LYS C 163 -1.69 -3.16 23.76
N LYS C 164 -0.51 -3.17 24.39
CA LYS C 164 -0.12 -4.21 25.33
C LYS C 164 -0.42 -3.88 26.79
N GLN C 165 -1.36 -2.95 27.02
CA GLN C 165 -1.78 -2.57 28.37
C GLN C 165 -3.30 -2.57 28.44
N PRO C 166 -3.93 -3.75 28.28
CA PRO C 166 -5.39 -3.81 28.40
C PRO C 166 -5.91 -3.41 29.78
N ASP C 167 -6.96 -2.59 29.79
CA ASP C 167 -7.54 -2.06 31.04
C ASP C 167 -8.30 -3.12 31.82
N LEU C 168 -8.10 -3.12 33.13
CA LEU C 168 -8.85 -3.98 34.03
C LEU C 168 -10.25 -3.47 34.27
N ASN C 169 -11.18 -4.40 34.40
CA ASN C 169 -12.60 -4.13 34.64
C ASN C 169 -12.90 -4.12 36.14
N TRP C 170 -12.82 -2.92 36.72
CA TRP C 170 -13.09 -2.74 38.16
C TRP C 170 -14.58 -2.90 38.54
N GLU C 171 -15.46 -2.98 37.54
CA GLU C 171 -16.87 -3.29 37.83
C GLU C 171 -17.00 -4.74 38.32
N ASN C 172 -16.01 -5.57 38.02
CA ASN C 172 -16.06 -6.97 38.38
C ASN C 172 -15.49 -7.21 39.80
N PRO C 173 -16.34 -7.60 40.77
CA PRO C 173 -15.81 -7.74 42.15
C PRO C 173 -14.77 -8.84 42.33
N LYS C 174 -14.72 -9.82 41.43
CA LYS C 174 -13.71 -10.87 41.50
C LYS C 174 -12.34 -10.33 41.11
N LEU C 175 -12.30 -9.45 40.11
CA LEU C 175 -11.08 -8.72 39.78
C LEU C 175 -10.62 -7.89 40.96
N ARG C 176 -11.56 -7.16 41.58
CA ARG C 176 -11.17 -6.29 42.69
C ARG C 176 -10.54 -7.11 43.83
N GLN C 177 -11.17 -8.21 44.22
CA GLN C 177 -10.59 -9.08 45.26
C GLN C 177 -9.22 -9.67 44.87
N ASP C 178 -9.04 -10.02 43.60
CA ASP C 178 -7.74 -10.53 43.13
C ASP C 178 -6.66 -9.46 43.26
N VAL C 179 -7.01 -8.23 42.94
CA VAL C 179 -6.10 -7.10 43.16
C VAL C 179 -5.75 -6.95 44.65
N TYR C 180 -6.75 -7.00 45.53
CA TYR C 180 -6.54 -6.87 46.97
C TYR C 180 -5.65 -8.00 47.52
N ASN C 181 -5.85 -9.22 47.04
CA ASN C 181 -4.98 -10.32 47.47
C ASN C 181 -3.53 -10.15 47.01
N MET C 182 -3.35 -9.63 45.81
CA MET C 182 -2.03 -9.29 45.32
C MET C 182 -1.39 -8.20 46.19
N MET C 183 -2.16 -7.20 46.59
CA MET C 183 -1.61 -6.13 47.44
C MET C 183 -1.14 -6.69 48.78
N LYS C 184 -1.91 -7.63 49.33
CA LYS C 184 -1.57 -8.24 50.62
C LYS C 184 -0.25 -8.99 50.51
N PHE C 185 0.01 -9.63 49.37
CA PHE C 185 1.30 -10.29 49.17
C PHE C 185 2.46 -9.33 49.46
N TRP C 186 2.44 -8.13 48.88
CA TRP C 186 3.53 -7.16 49.09
C TRP C 186 3.51 -6.53 50.46
N LEU C 187 2.32 -6.18 50.94
CA LEU C 187 2.19 -5.56 52.27
C LEU C 187 2.62 -6.52 53.37
N ASP C 188 2.34 -7.81 53.21
CA ASP C 188 2.79 -8.83 54.17
C ASP C 188 4.32 -8.94 54.24
N LYS C 189 4.98 -8.62 53.13
CA LYS C 189 6.44 -8.57 53.11
C LYS C 189 7.03 -7.35 53.85
N GLY C 190 6.19 -6.37 54.19
CA GLY C 190 6.61 -5.23 54.99
C GLY C 190 6.98 -4.01 54.18
N ILE C 191 6.54 -3.92 52.92
CA ILE C 191 6.72 -2.64 52.19
C ILE C 191 5.96 -1.53 52.90
N ASP C 192 6.39 -0.28 52.68
CA ASP C 192 5.91 0.85 53.47
C ASP C 192 4.85 1.72 52.78
N GLY C 193 4.45 1.35 51.58
CA GLY C 193 3.39 2.08 50.90
C GLY C 193 3.29 1.84 49.43
N PHE C 194 2.25 2.42 48.83
CA PHE C 194 2.02 2.33 47.39
C PHE C 194 1.76 3.71 46.82
N ARG C 195 2.28 3.98 45.63
CA ARG C 195 1.73 5.05 44.79
C ARG C 195 0.72 4.38 43.86
N MET C 196 -0.53 4.81 43.93
CA MET C 196 -1.61 4.23 43.15
C MET C 196 -1.68 4.94 41.81
N ASP C 197 -1.22 4.25 40.79
CA ASP C 197 -1.06 4.82 39.46
C ASP C 197 -2.39 5.07 38.78
N VAL C 198 -2.51 6.26 38.19
CA VAL C 198 -3.71 6.75 37.50
C VAL C 198 -4.98 6.17 38.10
N ILE C 199 -5.07 6.27 39.43
CA ILE C 199 -6.07 5.52 40.17
C ILE C 199 -7.46 6.12 39.97
N ASN C 200 -7.54 7.37 39.53
CA ASN C 200 -8.81 7.95 39.14
C ASN C 200 -9.27 7.60 37.71
N PHE C 201 -8.59 6.66 37.03
CA PHE C 201 -9.00 6.17 35.70
C PHE C 201 -9.81 4.85 35.76
N ILE C 202 -9.99 4.30 36.95
CA ILE C 202 -10.53 2.94 37.10
C ILE C 202 -12.05 2.82 37.07
N SER C 203 -12.77 3.94 37.09
CA SER C 203 -14.24 3.92 37.03
C SER C 203 -14.69 4.37 35.65
N LYS C 204 -15.01 3.40 34.81
CA LYS C 204 -15.44 3.67 33.43
C LYS C 204 -16.95 3.80 33.31
N ASN C 205 -17.36 4.54 32.29
CA ASN C 205 -18.74 4.49 31.84
C ASN C 205 -18.88 3.31 30.89
N THR C 206 -19.51 2.24 31.35
CA THR C 206 -19.57 0.98 30.58
C THR C 206 -20.46 1.05 29.35
N ASP C 207 -21.27 2.10 29.21
CA ASP C 207 -21.95 2.40 27.94
C ASP C 207 -20.96 2.75 26.82
N PHE C 208 -19.75 3.22 27.18
CA PHE C 208 -18.75 3.66 26.21
C PHE C 208 -19.32 4.53 25.06
N PRO C 209 -19.92 5.66 25.40
CA PRO C 209 -20.42 6.56 24.36
C PRO C 209 -19.28 7.24 23.61
N ASP C 210 -19.53 7.67 22.36
CA ASP C 210 -18.55 8.47 21.62
C ASP C 210 -18.36 9.79 22.35
N GLY C 211 -17.15 10.34 22.28
CA GLY C 211 -16.91 11.70 22.77
C GLY C 211 -17.03 12.70 21.65
N PRO C 212 -17.23 13.99 21.99
CA PRO C 212 -17.15 15.01 20.94
C PRO C 212 -15.72 15.12 20.44
N VAL C 213 -15.58 15.22 19.11
CA VAL C 213 -14.28 15.34 18.48
C VAL C 213 -13.95 16.84 18.40
N PRO C 214 -12.89 17.29 19.13
CA PRO C 214 -12.55 18.72 19.06
C PRO C 214 -12.12 19.16 17.66
N ASP C 215 -12.20 20.46 17.40
CA ASP C 215 -11.76 21.03 16.13
C ASP C 215 -10.30 20.61 15.86
N GLY C 216 -10.06 20.07 14.67
CA GLY C 216 -8.73 19.61 14.26
C GLY C 216 -8.18 18.36 14.94
N GLN C 217 -9.07 17.43 15.31
CA GLN C 217 -8.68 16.19 16.00
C GLN C 217 -9.38 14.97 15.37
N ILE C 218 -8.92 13.78 15.75
CA ILE C 218 -9.48 12.51 15.25
C ILE C 218 -10.37 11.82 16.28
N TYR C 219 -9.92 11.80 17.54
CA TYR C 219 -10.56 10.99 18.59
C TYR C 219 -11.44 11.82 19.51
N GLY C 220 -12.42 11.16 20.11
CA GLY C 220 -13.39 11.82 20.97
C GLY C 220 -12.89 12.09 22.39
N ASP C 221 -13.29 13.25 22.92
CA ASP C 221 -13.00 13.62 24.31
C ASP C 221 -13.89 12.80 25.24
N ALA C 222 -13.24 11.97 26.06
CA ALA C 222 -13.95 11.07 26.97
C ALA C 222 -14.68 11.77 28.13
N GLY C 223 -14.43 13.05 28.38
CA GLY C 223 -15.10 13.78 29.47
C GLY C 223 -14.82 13.09 30.80
N ASN C 224 -15.87 12.64 31.49
CA ASN C 224 -15.74 11.87 32.73
C ASN C 224 -16.02 10.38 32.53
N ASP C 225 -15.97 9.91 31.29
CA ASP C 225 -16.33 8.55 30.99
C ASP C 225 -15.21 7.55 31.29
N PHE C 226 -14.00 8.03 31.56
CA PHE C 226 -13.03 7.20 32.31
C PHE C 226 -12.29 7.89 33.45
N CYS C 227 -12.17 9.21 33.39
CA CYS C 227 -11.42 9.98 34.36
C CYS C 227 -12.41 10.60 35.33
N ASN C 228 -12.20 10.40 36.63
CA ASN C 228 -13.10 10.90 37.67
C ASN C 228 -14.50 10.33 37.52
N GLY C 229 -14.54 9.01 37.34
CA GLY C 229 -15.81 8.31 37.23
C GLY C 229 -16.48 8.23 38.59
N PRO C 230 -17.74 7.79 38.63
CA PRO C 230 -18.49 7.88 39.89
C PRO C 230 -18.06 6.94 41.01
N ARG C 231 -17.36 5.86 40.70
CA ARG C 231 -17.07 4.80 41.69
C ARG C 231 -15.68 4.84 42.28
N ILE C 232 -14.89 5.90 42.04
CA ILE C 232 -13.50 5.94 42.52
CA ILE C 232 -13.50 5.90 42.52
C ILE C 232 -13.46 5.90 44.05
N HIS C 233 -14.25 6.76 44.68
CA HIS C 233 -14.25 6.80 46.16
C HIS C 233 -14.69 5.45 46.74
N GLU C 234 -15.73 4.86 46.16
CA GLU C 234 -16.20 3.54 46.58
C GLU C 234 -15.06 2.50 46.51
N PHE C 235 -14.37 2.47 45.38
CA PHE C 235 -13.29 1.49 45.22
C PHE C 235 -12.14 1.73 46.19
N LEU C 236 -11.76 3.00 46.40
CA LEU C 236 -10.68 3.31 47.34
C LEU C 236 -11.05 2.98 48.79
N GLN C 237 -12.29 3.27 49.17
CA GLN C 237 -12.79 2.85 50.47
C GLN C 237 -12.79 1.33 50.62
N GLU C 238 -13.22 0.61 49.60
CA GLU C 238 -13.25 -0.84 49.66
C GLU C 238 -11.84 -1.44 49.82
N MET C 239 -10.91 -0.92 49.03
CA MET C 239 -9.49 -1.29 49.07
C MET C 239 -8.89 -1.01 50.46
N ASN C 240 -9.19 0.16 51.00
CA ASN C 240 -8.73 0.53 52.35
C ASN C 240 -9.25 -0.40 53.45
N GLN C 241 -10.54 -0.72 53.40
CA GLN C 241 -11.15 -1.64 54.35
C GLN C 241 -10.58 -3.08 54.23
N GLU C 242 -10.45 -3.56 53.01
CA GLU C 242 -9.99 -4.93 52.77
C GLU C 242 -8.48 -5.07 52.95
N VAL C 243 -7.71 -4.00 52.66
CA VAL C 243 -6.24 -4.11 52.55
C VAL C 243 -5.46 -3.10 53.38
N THR C 244 -5.39 -1.84 52.93
CA THR C 244 -4.38 -0.91 53.44
C THR C 244 -4.60 -0.51 54.90
N SER C 245 -5.83 -0.57 55.40
CA SER C 245 -6.13 -0.29 56.82
C SER C 245 -5.45 -1.25 57.78
N LYS C 246 -5.06 -2.43 57.29
CA LYS C 246 -4.41 -3.44 58.12
C LYS C 246 -2.89 -3.33 58.21
N TYR C 247 -2.30 -2.26 57.66
CA TYR C 247 -0.86 -2.08 57.66
C TYR C 247 -0.53 -0.63 57.94
N ASP C 248 0.66 -0.42 58.47
CA ASP C 248 1.17 0.91 58.74
C ASP C 248 1.93 1.40 57.50
N VAL C 249 1.17 1.94 56.56
CA VAL C 249 1.73 2.32 55.26
C VAL C 249 1.23 3.69 54.79
N MET C 250 1.99 4.29 53.89
CA MET C 250 1.56 5.52 53.21
C MET C 250 0.98 5.17 51.84
N THR C 251 -0.04 5.91 51.43
CA THR C 251 -0.62 5.73 50.11
C THR C 251 -0.69 7.11 49.42
N VAL C 252 -0.34 7.13 48.15
CA VAL C 252 -0.29 8.31 47.32
C VAL C 252 -1.20 8.01 46.15
N GLY C 253 -2.15 8.89 45.86
CA GLY C 253 -3.05 8.73 44.72
C GLY C 253 -2.63 9.60 43.57
N GLU C 254 -2.16 8.99 42.47
CA GLU C 254 -1.83 9.69 41.23
C GLU C 254 -3.09 9.89 40.44
N MET C 255 -3.51 11.15 40.28
CA MET C 255 -4.82 11.45 39.76
C MET C 255 -4.83 12.65 38.79
N PRO C 256 -4.46 12.41 37.53
CA PRO C 256 -4.58 13.47 36.51
C PRO C 256 -6.03 13.91 36.37
N GLY C 257 -6.28 15.21 36.49
CA GLY C 257 -7.64 15.74 36.33
C GLY C 257 -8.52 15.79 37.57
N ALA C 258 -8.03 15.30 38.70
CA ALA C 258 -8.81 15.40 39.95
C ALA C 258 -8.78 16.84 40.40
N SER C 259 -9.94 17.38 40.77
CA SER C 259 -10.01 18.74 41.28
C SER C 259 -9.54 18.83 42.72
N THR C 260 -9.27 20.04 43.17
CA THR C 260 -9.00 20.34 44.56
C THR C 260 -10.12 19.84 45.49
N THR C 261 -11.37 20.02 45.06
CA THR C 261 -12.54 19.53 45.82
C THR C 261 -12.49 18.01 46.01
N ASP C 262 -12.26 17.30 44.90
CA ASP C 262 -12.10 15.84 44.90
C ASP C 262 -10.95 15.47 45.83
N ALA C 263 -9.81 16.15 45.70
CA ALA C 263 -8.60 15.84 46.49
C ALA C 263 -8.82 16.00 47.98
N GLN C 264 -9.59 17.03 48.37
CA GLN C 264 -10.01 17.18 49.78
C GLN C 264 -10.73 15.94 50.29
N ILE C 265 -11.54 15.34 49.44
CA ILE C 265 -12.27 14.13 49.84
C ILE C 265 -11.29 12.96 49.94
N TYR C 266 -10.51 12.75 48.89
CA TYR C 266 -9.53 11.63 48.86
C TYR C 266 -8.58 11.62 50.05
N THR C 267 -8.14 12.80 50.48
CA THR C 267 -7.06 12.90 51.48
C THR C 267 -7.55 13.27 52.87
N ASN C 268 -8.86 13.46 53.05
CA ASN C 268 -9.44 13.59 54.39
C ASN C 268 -9.21 12.25 55.13
N PRO C 269 -8.43 12.27 56.23
CA PRO C 269 -8.18 11.01 56.98
C PRO C 269 -9.44 10.26 57.43
N ALA C 270 -10.50 11.00 57.76
CA ALA C 270 -11.79 10.41 58.14
C ALA C 270 -12.45 9.57 57.05
N ASN C 271 -12.06 9.78 55.78
CA ASN C 271 -12.57 8.97 54.68
C ASN C 271 -11.79 7.71 54.40
N ASN C 272 -10.60 7.60 54.96
CA ASN C 272 -9.76 6.41 54.81
C ASN C 272 -9.71 5.98 53.34
N GLU C 273 -9.28 6.90 52.50
CA GLU C 273 -9.06 6.61 51.09
C GLU C 273 -7.55 6.61 50.83
N VAL C 274 -6.94 7.76 50.59
CA VAL C 274 -5.47 7.84 50.48
C VAL C 274 -4.91 8.95 51.35
N ASP C 275 -3.61 8.89 51.58
CA ASP C 275 -2.98 9.84 52.49
C ASP C 275 -2.68 11.16 51.81
N MET C 276 -2.23 11.08 50.57
CA MET C 276 -1.90 12.27 49.84
C MET C 276 -2.19 12.08 48.37
N ILE C 277 -2.37 13.23 47.75
CA ILE C 277 -2.67 13.30 46.35
C ILE C 277 -1.39 13.62 45.56
N PHE C 278 -1.37 13.18 44.31
CA PHE C 278 -0.31 13.49 43.37
C PHE C 278 -1.00 14.03 42.10
N THR C 279 -0.86 15.35 41.87
CA THR C 279 -1.61 16.04 40.82
C THR C 279 -0.68 16.51 39.69
N PHE C 280 -1.29 16.97 38.61
CA PHE C 280 -0.58 17.30 37.36
C PHE C 280 -0.80 18.71 36.85
N GLU C 281 -1.53 19.52 37.60
CA GLU C 281 -1.98 20.79 37.07
C GLU C 281 -0.78 21.72 36.80
N HIS C 282 0.23 21.65 37.66
CA HIS C 282 1.52 22.37 37.46
C HIS C 282 2.48 21.78 36.41
N MET C 283 2.13 20.62 35.84
CA MET C 283 2.92 19.95 34.83
C MET C 283 2.37 20.12 33.41
N ASN C 284 1.22 20.79 33.29
CA ASN C 284 0.51 20.94 32.03
C ASN C 284 0.22 22.38 31.64
N LEU C 285 0.91 23.33 32.28
CA LEU C 285 0.72 24.76 32.03
C LEU C 285 1.54 25.30 30.86
N ASP C 286 2.65 24.63 30.56
CA ASP C 286 3.53 25.03 29.45
C ASP C 286 3.22 24.32 28.14
N SER C 287 1.94 24.39 27.77
CA SER C 287 1.37 23.77 26.60
C SER C 287 0.29 24.70 26.07
N ASP C 288 -0.02 24.60 24.78
CA ASP C 288 -1.03 25.48 24.18
C ASP C 288 -2.41 25.07 24.59
N SER C 289 -2.67 23.77 24.54
CA SER C 289 -3.98 23.25 24.90
C SER C 289 -3.76 22.11 25.86
N ASP C 290 -4.61 21.07 25.81
CA ASP C 290 -4.43 19.89 26.65
C ASP C 290 -3.34 18.93 26.15
N ASN C 291 -2.85 19.14 24.93
CA ASN C 291 -1.83 18.30 24.32
C ASN C 291 -0.43 18.81 24.70
N LYS C 292 0.27 18.03 25.53
CA LYS C 292 1.56 18.46 26.04
C LYS C 292 2.61 18.75 24.97
N TRP C 293 2.44 18.16 23.79
CA TRP C 293 3.42 18.33 22.71
C TRP C 293 3.26 19.66 21.98
N ASP C 294 2.13 20.33 22.18
CA ASP C 294 1.88 21.65 21.60
C ASP C 294 2.48 22.67 22.57
N LEU C 295 3.72 23.08 22.31
CA LEU C 295 4.49 23.81 23.31
C LEU C 295 4.02 25.26 23.48
N LYS C 296 4.14 25.75 24.69
CA LYS C 296 3.98 27.16 24.98
C LYS C 296 4.84 27.46 26.20
N PRO C 297 5.54 28.60 26.19
CA PRO C 297 6.34 28.92 27.38
C PRO C 297 5.47 29.11 28.63
N ILE C 298 6.00 28.69 29.78
CA ILE C 298 5.35 28.90 31.07
C ILE C 298 5.15 30.38 31.35
N TYR C 299 4.00 30.70 31.93
CA TYR C 299 3.72 32.06 32.39
C TYR C 299 3.70 31.96 33.90
N LEU C 300 4.65 32.61 34.56
CA LEU C 300 4.84 32.35 35.99
C LEU C 300 3.58 32.52 36.86
N PRO C 301 2.80 33.61 36.67
CA PRO C 301 1.55 33.71 37.44
C PRO C 301 0.61 32.49 37.35
N ASP C 302 0.59 31.80 36.21
CA ASP C 302 -0.24 30.57 36.08
C ASP C 302 0.29 29.48 37.00
N LEU C 303 1.60 29.30 36.99
CA LEU C 303 2.26 28.33 37.86
C LEU C 303 1.99 28.62 39.33
N LYS C 304 2.18 29.88 39.70
CA LYS C 304 2.04 30.29 41.11
C LYS C 304 0.61 30.11 41.59
N GLU C 305 -0.35 30.57 40.78
CA GLU C 305 -1.77 30.47 41.10
C GLU C 305 -2.16 29.02 41.29
N ASN C 306 -1.74 28.18 40.36
CA ASN C 306 -2.08 26.77 40.41
C ASN C 306 -1.48 26.04 41.64
N MET C 307 -0.19 26.19 41.85
CA MET C 307 0.44 25.56 43.01
C MET C 307 -0.12 26.09 44.34
N SER C 308 -0.43 27.39 44.39
CA SER C 308 -1.02 28.00 45.59
C SER C 308 -2.44 27.47 45.91
N GLU C 309 -3.25 27.28 44.87
CA GLU C 309 -4.61 26.72 45.03
C GLU C 309 -4.59 25.36 45.72
N TRP C 310 -3.66 24.51 45.29
CA TRP C 310 -3.45 23.21 45.91
C TRP C 310 -2.98 23.31 47.36
N GLN C 311 -2.08 24.26 47.63
CA GLN C 311 -1.65 24.51 49.00
C GLN C 311 -2.84 24.87 49.89
N VAL C 312 -3.60 25.86 49.45
CA VAL C 312 -4.73 26.36 50.24
C VAL C 312 -5.84 25.32 50.41
N ALA C 313 -6.15 24.59 49.34
CA ALA C 313 -7.22 23.61 49.37
C ALA C 313 -7.01 22.44 50.35
N LEU C 314 -5.74 22.02 50.53
CA LEU C 314 -5.45 20.85 51.35
C LEU C 314 -4.75 21.13 52.69
N GLN C 315 -4.45 22.39 52.98
CA GLN C 315 -3.65 22.68 54.20
C GLN C 315 -4.35 22.36 55.53
N GLU C 316 -5.67 22.50 55.57
CA GLU C 316 -6.46 22.31 56.80
C GLU C 316 -6.50 20.85 57.27
N ASN C 317 -6.85 19.92 56.38
CA ASN C 317 -6.69 18.49 56.71
C ASN C 317 -6.42 17.52 55.55
N GLY C 318 -5.97 18.03 54.41
CA GLY C 318 -5.51 17.19 53.32
C GLY C 318 -3.99 17.13 53.35
N TRP C 319 -3.41 16.58 52.29
CA TRP C 319 -1.96 16.56 52.14
C TRP C 319 -1.55 16.47 50.68
N ASN C 320 -0.52 17.25 50.31
CA ASN C 320 0.04 17.29 48.96
C ASN C 320 1.36 16.55 48.84
N SER C 321 1.52 15.86 47.71
CA SER C 321 2.82 15.47 47.19
C SER C 321 3.44 16.69 46.54
N LEU C 322 4.68 17.01 46.87
CA LEU C 322 5.35 18.13 46.23
C LEU C 322 6.41 17.59 45.31
N TYR C 323 6.30 17.91 44.02
CA TYR C 323 7.30 17.44 43.06
C TYR C 323 7.40 18.37 41.88
N TRP C 324 8.59 18.39 41.29
CA TRP C 324 8.83 19.10 40.04
C TRP C 324 8.98 18.15 38.85
N ASN C 325 9.45 16.94 39.09
CA ASN C 325 9.72 16.01 38.03
C ASN C 325 9.72 14.56 38.54
N ASN C 326 9.73 13.66 37.59
CA ASN C 326 9.72 12.23 37.82
C ASN C 326 10.05 11.59 36.45
N HIS C 327 9.88 10.29 36.35
CA HIS C 327 10.14 9.52 35.12
C HIS C 327 9.19 9.83 33.97
N ASP C 328 8.15 10.64 34.19
CA ASP C 328 7.24 11.05 33.14
C ASP C 328 7.40 12.50 32.68
N GLN C 329 8.38 13.23 33.22
CA GLN C 329 8.44 14.71 33.01
C GLN C 329 9.84 15.12 32.61
N PRO C 330 9.97 16.22 31.85
CA PRO C 330 11.32 16.74 31.61
C PRO C 330 12.00 17.10 32.92
N ARG C 331 13.33 17.19 32.93
CA ARG C 331 14.05 17.57 34.13
C ARG C 331 13.88 19.07 34.43
N ILE C 332 13.65 19.38 35.71
CA ILE C 332 13.16 20.70 36.11
C ILE C 332 14.16 21.81 35.82
N VAL C 333 15.46 21.57 36.00
CA VAL C 333 16.40 22.64 35.77
C VAL C 333 16.39 23.09 34.29
N SER C 334 16.19 22.13 33.38
CA SER C 334 15.99 22.44 31.96
C SER C 334 14.61 23.05 31.66
N ARG C 335 13.58 22.56 32.33
CA ARG C 335 12.21 22.97 32.02
C ARG C 335 11.92 24.42 32.44
N PHE C 336 12.16 24.70 33.72
CA PHE C 336 11.90 26.02 34.31
C PHE C 336 13.14 26.81 34.73
N GLY C 337 14.29 26.17 34.86
CA GLY C 337 15.54 26.88 35.20
C GLY C 337 16.37 27.28 33.99
N ASN C 338 17.66 27.44 34.22
CA ASN C 338 18.64 27.65 33.18
C ASN C 338 19.60 26.49 33.31
N ASP C 339 19.87 25.77 32.22
CA ASP C 339 20.68 24.56 32.34
C ASP C 339 22.12 24.71 31.83
N ASN C 340 22.59 25.95 31.76
CA ASN C 340 24.03 26.18 31.48
C ASN C 340 24.69 27.12 32.50
N ARG C 341 24.61 28.43 32.24
CA ARG C 341 25.39 29.41 33.00
C ARG C 341 24.90 29.53 34.44
N PHE C 342 23.60 29.29 34.66
CA PHE C 342 23.03 29.35 35.99
C PHE C 342 22.42 28.00 36.35
N ARG C 343 23.01 26.90 35.89
CA ARG C 343 22.45 25.58 36.16
C ARG C 343 22.44 25.29 37.66
N VAL C 344 23.57 25.49 38.32
CA VAL C 344 23.68 25.20 39.75
C VAL C 344 22.76 26.14 40.53
N ARG C 345 22.85 27.44 40.23
CA ARG C 345 22.11 28.40 40.97
C ARG C 345 20.60 28.22 40.79
N SER C 346 20.15 28.02 39.56
CA SER C 346 18.71 27.89 39.29
C SER C 346 18.16 26.57 39.81
N ALA C 347 18.98 25.52 39.83
CA ALA C 347 18.55 24.26 40.44
C ALA C 347 18.27 24.44 41.93
N LYS C 348 19.13 25.21 42.61
CA LYS C 348 18.98 25.48 44.04
C LYS C 348 17.74 26.34 44.29
N MET C 349 17.52 27.34 43.43
CA MET C 349 16.31 28.14 43.48
C MET C 349 15.04 27.27 43.38
N LEU C 350 15.00 26.39 42.38
CA LEU C 350 13.82 25.53 42.19
C LEU C 350 13.56 24.63 43.37
N ALA C 351 14.64 24.11 43.95
CA ALA C 351 14.56 23.25 45.12
C ALA C 351 13.99 23.99 46.32
N THR C 352 14.41 25.24 46.50
CA THR C 352 13.95 26.07 47.61
C THR C 352 12.46 26.34 47.52
N CYS C 353 12.05 26.74 46.32
CA CYS C 353 10.67 27.08 46.01
C CYS C 353 9.71 25.94 46.33
N LEU C 354 10.10 24.72 45.97
CA LEU C 354 9.28 23.53 46.23
C LEU C 354 9.35 23.07 47.68
N HIS C 355 10.56 22.95 48.23
CA HIS C 355 10.73 22.41 49.59
C HIS C 355 10.20 23.25 50.74
N MET C 356 10.00 24.55 50.53
CA MET C 356 9.41 25.41 51.54
C MET C 356 7.87 25.42 51.50
N MET C 357 7.27 24.66 50.58
CA MET C 357 5.82 24.45 50.59
C MET C 357 5.41 23.38 51.60
N LYS C 358 4.11 23.32 51.84
CA LYS C 358 3.52 22.35 52.74
C LYS C 358 3.23 21.07 51.99
N GLY C 359 3.83 19.97 52.43
CA GLY C 359 3.64 18.70 51.75
C GLY C 359 4.85 17.80 51.92
N THR C 360 4.82 16.68 51.23
CA THR C 360 5.88 15.69 51.25
C THR C 360 6.66 15.88 49.96
N PRO C 361 7.91 16.34 50.06
CA PRO C 361 8.69 16.49 48.81
C PRO C 361 9.21 15.19 48.24
N TYR C 362 9.24 15.15 46.90
CA TYR C 362 9.74 14.06 46.09
C TYR C 362 10.96 14.60 45.33
N ILE C 363 12.10 13.92 45.49
CA ILE C 363 13.32 14.21 44.73
C ILE C 363 13.44 13.09 43.72
N TYR C 364 13.48 13.43 42.44
CA TYR C 364 13.66 12.40 41.42
C TYR C 364 15.14 12.12 41.27
N GLN C 365 15.52 10.86 41.05
CA GLN C 365 16.94 10.54 40.88
C GLN C 365 17.63 11.48 39.89
N GLY C 366 18.72 12.07 40.34
CA GLY C 366 19.54 12.97 39.51
C GLY C 366 19.19 14.43 39.63
N GLU C 367 18.02 14.74 40.17
CA GLU C 367 17.64 16.14 40.47
C GLU C 367 18.60 16.76 41.47
N GLU C 368 19.04 15.96 42.43
CA GLU C 368 19.95 16.42 43.47
C GLU C 368 21.36 16.76 42.95
N ILE C 369 21.68 16.37 41.70
CA ILE C 369 22.94 16.76 41.05
C ILE C 369 22.71 17.62 39.79
N GLY C 370 21.49 18.10 39.58
CA GLY C 370 21.18 18.95 38.44
C GLY C 370 21.33 18.31 37.08
N MET C 371 20.93 17.04 36.94
CA MET C 371 20.83 16.43 35.63
C MET C 371 19.82 17.22 34.80
N THR C 372 20.00 17.14 33.48
CA THR C 372 19.34 18.01 32.52
C THR C 372 18.57 17.16 31.53
N ASN C 373 17.78 17.83 30.70
CA ASN C 373 17.20 17.22 29.53
C ASN C 373 18.31 16.77 28.57
N VAL C 374 17.95 15.86 27.67
CA VAL C 374 18.85 15.36 26.64
C VAL C 374 18.33 15.76 25.27
N HIS C 375 19.25 15.89 24.31
CA HIS C 375 18.92 16.37 22.98
C HIS C 375 19.58 15.47 21.97
N PHE C 376 18.99 14.31 21.72
CA PHE C 376 19.50 13.43 20.69
C PHE C 376 19.16 14.00 19.32
N GLU C 377 20.08 13.86 18.37
CA GLU C 377 19.90 14.41 17.05
C GLU C 377 18.87 13.64 16.24
N THR C 378 18.65 12.37 16.56
CA THR C 378 17.77 11.51 15.78
C THR C 378 16.79 10.77 16.70
N LEU C 379 15.63 10.43 16.15
CA LEU C 379 14.59 9.68 16.89
C LEU C 379 15.07 8.31 17.37
N ASP C 380 15.98 7.69 16.62
CA ASP C 380 16.40 6.32 16.92
C ASP C 380 17.26 6.14 18.18
N ASP C 381 17.73 7.24 18.79
CA ASP C 381 18.29 7.19 20.16
C ASP C 381 17.23 7.28 21.26
N TYR C 382 16.01 7.66 20.89
CA TYR C 382 14.90 7.67 21.84
C TYR C 382 14.34 6.24 21.99
N ARG C 383 13.62 6.02 23.08
CA ARG C 383 13.16 4.68 23.46
C ARG C 383 11.71 4.63 23.88
N ASP C 384 11.19 5.69 24.46
CA ASP C 384 9.87 5.66 25.08
C ASP C 384 8.79 5.45 24.02
N ILE C 385 7.99 4.40 24.20
CA ILE C 385 6.85 4.15 23.33
C ILE C 385 5.98 5.39 23.09
N GLU C 386 5.74 6.19 24.13
CA GLU C 386 4.97 7.43 23.98
C GLU C 386 5.58 8.34 22.92
N THR C 387 6.89 8.59 23.05
CA THR C 387 7.59 9.47 22.11
C THR C 387 7.57 8.88 20.71
N LEU C 388 7.90 7.59 20.60
CA LEU C 388 7.99 6.94 19.30
C LEU C 388 6.63 6.90 18.60
N ASN C 389 5.58 6.61 19.35
CA ASN C 389 4.22 6.65 18.78
C ASN C 389 3.80 8.07 18.40
N MET C 390 4.07 9.04 19.27
CA MET C 390 3.74 10.43 18.99
C MET C 390 4.42 10.89 17.71
N TYR C 391 5.68 10.50 17.50
CA TYR C 391 6.42 10.95 16.33
C TYR C 391 5.66 10.58 15.07
N LYS C 392 5.30 9.31 14.97
CA LYS C 392 4.60 8.80 13.80
C LYS C 392 3.31 9.59 13.55
N GLU C 393 2.54 9.80 14.62
CA GLU C 393 1.22 10.43 14.51
C GLU C 393 1.32 11.91 14.13
N ARG C 394 2.16 12.66 14.84
CA ARG C 394 2.34 14.09 14.54
C ARG C 394 2.97 14.29 13.16
N LYS C 395 3.87 13.40 12.75
CA LYS C 395 4.42 13.45 11.37
C LYS C 395 3.32 13.29 10.33
N GLU C 396 2.44 12.31 10.52
CA GLU C 396 1.29 12.11 9.63
C GLU C 396 0.30 13.27 9.62
N GLN C 397 0.21 14.02 10.73
CA GLN C 397 -0.61 15.24 10.80
C GLN C 397 0.05 16.51 10.22
N GLY C 398 1.30 16.40 9.75
CA GLY C 398 1.96 17.50 9.02
C GLY C 398 2.90 18.37 9.84
N HIS C 399 3.24 17.94 11.05
CA HIS C 399 4.23 18.66 11.84
C HIS C 399 5.58 18.34 11.26
N SER C 400 6.47 19.34 11.22
CA SER C 400 7.79 19.15 10.66
C SER C 400 8.63 18.33 11.62
N HIS C 401 9.67 17.72 11.08
CA HIS C 401 10.66 16.98 11.87
C HIS C 401 11.21 17.85 13.00
N GLU C 402 11.66 19.05 12.63
CA GLU C 402 12.15 20.06 13.58
C GLU C 402 11.17 20.34 14.74
N SER C 403 9.90 20.55 14.39
CA SER C 403 8.84 20.80 15.38
C SER C 403 8.66 19.61 16.35
N ILE C 404 8.60 18.41 15.78
CA ILE C 404 8.37 17.22 16.58
C ILE C 404 9.58 17.01 17.49
N MET C 405 10.79 17.21 16.97
CA MET C 405 11.98 17.00 17.78
C MET C 405 12.01 18.01 18.92
N GLN C 406 11.60 19.25 18.64
CA GLN C 406 11.50 20.24 19.69
C GLN C 406 10.54 19.81 20.83
N SER C 407 9.41 19.21 20.45
CA SER C 407 8.43 18.76 21.42
C SER C 407 9.02 17.63 22.30
N ILE C 408 9.78 16.75 21.66
CA ILE C 408 10.49 15.67 22.37
C ILE C 408 11.53 16.25 23.32
N TYR C 409 12.31 17.21 22.84
CA TYR C 409 13.30 17.85 23.69
C TYR C 409 12.68 18.50 24.92
N THR C 410 11.53 19.13 24.74
CA THR C 410 10.93 19.89 25.82
C THR C 410 10.10 19.02 26.76
N LYS C 411 9.42 18.00 26.22
CA LYS C 411 8.44 17.21 27.00
C LYS C 411 8.65 15.68 27.04
N GLY C 412 9.60 15.15 26.28
CA GLY C 412 9.79 13.70 26.21
C GLY C 412 10.15 13.08 27.54
N ARG C 413 9.63 11.88 27.79
CA ARG C 413 9.88 11.23 29.06
C ARG C 413 11.30 10.67 29.15
N ASP C 414 11.92 10.34 28.02
CA ASP C 414 13.31 9.87 28.03
C ASP C 414 14.30 10.89 28.59
N ASN C 415 13.97 12.19 28.56
CA ASN C 415 14.73 13.19 29.32
C ASN C 415 15.04 12.79 30.76
N ALA C 416 14.06 12.16 31.42
CA ALA C 416 14.15 11.68 32.79
C ALA C 416 14.79 10.31 32.95
N ARG C 417 15.03 9.61 31.85
CA ARG C 417 15.39 8.20 31.88
C ARG C 417 16.80 7.91 31.42
N THR C 418 17.52 8.92 30.93
CA THR C 418 18.93 8.68 30.54
C THR C 418 19.62 8.26 31.86
N PRO C 419 20.56 7.33 31.81
CA PRO C 419 21.09 6.77 33.06
C PRO C 419 21.73 7.78 34.02
N TYR C 420 21.57 7.52 35.32
CA TYR C 420 22.10 8.39 36.37
C TYR C 420 23.61 8.58 36.18
N GLN C 421 24.08 9.81 36.36
CA GLN C 421 25.43 10.20 36.01
C GLN C 421 26.30 10.15 37.30
N TRP C 422 26.95 9.00 37.53
CA TRP C 422 27.70 8.77 38.77
C TRP C 422 29.07 9.46 38.82
N ASP C 423 29.78 9.44 37.70
CA ASP C 423 31.16 9.91 37.69
C ASP C 423 31.59 10.30 36.28
N ASN C 424 32.85 10.65 36.06
N ASN C 424 32.88 10.62 36.16
CA ASN C 424 33.26 11.05 34.71
CA ASN C 424 33.53 11.04 34.92
C ASN C 424 33.90 9.90 33.89
C ASN C 424 33.90 9.91 33.94
N SER C 425 33.73 8.65 34.33
CA SER C 425 34.22 7.49 33.54
C SER C 425 33.27 7.21 32.38
N GLU C 426 33.64 6.22 31.55
CA GLU C 426 32.81 5.86 30.41
C GLU C 426 31.38 5.58 30.84
N ASN C 427 30.41 6.12 30.09
CA ASN C 427 29.00 6.02 30.45
C ASN C 427 28.69 6.51 31.88
N ALA C 428 29.46 7.50 32.33
CA ALA C 428 29.29 8.13 33.63
C ALA C 428 29.31 7.15 34.81
N GLY C 429 30.01 6.04 34.65
CA GLY C 429 30.04 5.00 35.67
C GLY C 429 28.73 4.30 35.94
N PHE C 430 27.72 4.50 35.07
CA PHE C 430 26.43 3.84 35.25
C PHE C 430 26.55 2.35 34.95
N THR C 431 27.30 2.02 33.90
CA THR C 431 27.50 0.66 33.46
C THR C 431 28.90 0.47 32.88
N THR C 432 29.37 -0.76 32.91
CA THR C 432 30.57 -1.16 32.19
C THR C 432 30.25 -1.67 30.78
N GLY C 433 28.97 -1.88 30.46
CA GLY C 433 28.56 -2.36 29.13
C GLY C 433 28.04 -1.20 28.29
N THR C 434 27.05 -1.49 27.43
CA THR C 434 26.37 -0.49 26.64
C THR C 434 24.99 -0.18 27.26
N PRO C 435 24.73 1.08 27.68
CA PRO C 435 23.46 1.35 28.32
C PRO C 435 22.25 1.15 27.39
N TRP C 436 21.13 0.76 27.96
CA TRP C 436 19.89 0.55 27.21
C TRP C 436 19.42 1.85 26.53
N LEU C 437 19.75 2.97 27.15
CA LEU C 437 19.47 4.32 26.64
C LEU C 437 20.75 5.11 26.86
N LYS C 438 21.17 5.86 25.85
CA LYS C 438 22.43 6.59 25.94
C LYS C 438 22.49 7.55 27.13
N VAL C 439 23.68 7.62 27.71
CA VAL C 439 23.95 8.57 28.80
C VAL C 439 24.05 9.96 28.17
N ASN C 440 23.47 10.95 28.83
CA ASN C 440 23.65 12.33 28.40
C ASN C 440 25.16 12.69 28.39
N PRO C 441 25.71 13.09 27.22
CA PRO C 441 27.17 13.41 27.13
C PRO C 441 27.66 14.50 28.09
N ARG C 442 26.74 15.29 28.64
CA ARG C 442 27.06 16.27 29.67
C ARG C 442 27.50 15.68 31.03
N TYR C 443 27.51 14.36 31.16
CA TYR C 443 28.05 13.70 32.36
C TYR C 443 29.48 14.13 32.66
N THR C 444 30.27 14.55 31.67
CA THR C 444 31.60 15.08 31.96
C THR C 444 31.57 16.29 32.91
N GLU C 445 30.53 17.12 32.81
CA GLU C 445 30.31 18.26 33.72
C GLU C 445 29.46 17.90 34.93
N ILE C 446 28.41 17.12 34.68
CA ILE C 446 27.32 16.91 35.62
C ILE C 446 27.36 15.46 36.08
N ASN C 447 27.90 15.24 37.27
CA ASN C 447 27.93 13.90 37.80
C ASN C 447 28.05 13.90 39.32
N ASN C 448 27.69 12.77 39.91
CA ASN C 448 27.63 12.63 41.35
C ASN C 448 28.99 12.86 42.03
N GLU C 449 30.05 12.29 41.46
CA GLU C 449 31.41 12.46 41.99
C GLU C 449 31.77 13.94 42.03
N GLU C 450 31.58 14.64 40.93
CA GLU C 450 31.90 16.08 40.89
C GLU C 450 31.03 16.89 41.85
N ALA C 451 29.76 16.51 42.01
CA ALA C 451 28.88 17.18 42.95
C ALA C 451 29.36 17.02 44.40
N LEU C 452 29.74 15.80 44.77
CA LEU C 452 30.24 15.57 46.11
C LEU C 452 31.59 16.27 46.39
N LYS C 453 32.42 16.40 45.36
CA LYS C 453 33.70 17.09 45.53
C LYS C 453 33.54 18.60 45.64
N ASN C 454 32.46 19.15 45.09
CA ASN C 454 32.27 20.58 45.02
C ASN C 454 31.37 21.05 46.17
N PRO C 455 31.90 21.81 47.13
CA PRO C 455 31.04 22.20 48.28
C PRO C 455 29.89 23.12 47.91
N ASP C 456 29.99 23.80 46.76
CA ASP C 456 28.94 24.69 46.27
CA ASP C 456 28.91 24.67 46.29
C ASP C 456 27.92 23.94 45.38
N SER C 457 27.99 22.60 45.36
CA SER C 457 27.12 21.81 44.49
C SER C 457 25.66 21.80 44.90
N ILE C 458 24.85 21.35 43.95
CA ILE C 458 23.42 21.18 44.15
C ILE C 458 23.18 20.13 45.23
N PHE C 459 24.03 19.10 45.27
CA PHE C 459 23.90 18.01 46.25
C PHE C 459 23.87 18.56 47.67
N TYR C 460 24.89 19.34 48.04
CA TYR C 460 24.94 19.87 49.42
C TYR C 460 23.74 20.76 49.76
N TYR C 461 23.22 21.48 48.77
CA TYR C 461 22.05 22.32 48.95
C TYR C 461 20.81 21.44 49.24
N TYR C 462 20.61 20.40 48.45
CA TYR C 462 19.53 19.43 48.71
C TYR C 462 19.67 18.76 50.08
N GLN C 463 20.88 18.31 50.41
CA GLN C 463 21.16 17.74 51.75
C GLN C 463 20.73 18.73 52.88
N ASN C 464 21.05 19.99 52.69
CA ASN C 464 20.69 21.00 53.67
C ASN C 464 19.17 21.27 53.74
N LEU C 465 18.49 21.27 52.61
CA LEU C 465 17.03 21.43 52.57
C LEU C 465 16.30 20.31 53.29
N ILE C 466 16.81 19.09 53.09
CA ILE C 466 16.26 17.91 53.73
C ILE C 466 16.44 18.02 55.26
N LYS C 467 17.63 18.46 55.68
CA LYS C 467 17.92 18.72 57.10
C LYS C 467 16.97 19.75 57.70
N LEU C 468 16.71 20.83 56.97
CA LEU C 468 15.82 21.89 57.44
C LEU C 468 14.42 21.36 57.72
N ARG C 469 13.95 20.42 56.91
CA ARG C 469 12.64 19.84 57.13
C ARG C 469 12.57 19.09 58.48
N LYS C 470 13.67 18.52 58.93
CA LYS C 470 13.74 17.89 60.26
C LYS C 470 13.77 18.88 61.42
N THR C 471 14.45 20.00 61.25
CA THR C 471 14.73 20.92 62.34
C THR C 471 13.81 22.15 62.43
N THR C 472 13.09 22.44 61.34
CA THR C 472 12.30 23.69 61.23
C THR C 472 10.82 23.33 61.18
N GLU C 473 10.17 23.35 62.34
CA GLU C 473 8.80 22.84 62.49
C GLU C 473 7.80 23.51 61.56
N ILE C 474 7.90 24.83 61.39
CA ILE C 474 6.96 25.57 60.53
C ILE C 474 6.88 25.05 59.09
N ILE C 475 7.96 24.46 58.57
CA ILE C 475 7.94 23.89 57.22
C ILE C 475 6.83 22.83 57.09
N THR C 476 6.55 22.11 58.18
CA THR C 476 5.46 21.15 58.22
C THR C 476 4.17 21.80 58.69
N THR C 477 4.24 22.57 59.77
CA THR C 477 3.04 23.02 60.46
C THR C 477 2.42 24.31 59.90
N GLY C 478 3.15 25.07 59.11
CA GLY C 478 2.67 26.38 58.66
C GLY C 478 1.57 26.26 57.63
N ASN C 479 0.63 27.20 57.64
CA ASN C 479 -0.26 27.40 56.51
C ASN C 479 0.52 28.11 55.41
N TYR C 480 -0.11 28.35 54.26
CA TYR C 480 0.56 28.90 53.08
C TYR C 480 -0.30 30.05 52.53
N ARG C 481 0.36 31.09 52.02
CA ARG C 481 -0.31 32.18 51.35
C ARG C 481 0.59 32.74 50.25
N LEU C 482 0.03 32.90 49.04
CA LEU C 482 0.76 33.46 47.92
C LEU C 482 0.93 34.97 48.10
N LEU C 483 2.12 35.48 47.84
CA LEU C 483 2.39 36.92 47.77
C LEU C 483 2.63 37.28 46.31
N LEU C 484 2.62 38.57 45.99
CA LEU C 484 2.95 39.09 44.65
C LEU C 484 2.42 38.20 43.52
N PRO C 485 1.09 37.97 43.51
CA PRO C 485 0.52 36.97 42.62
C PRO C 485 0.76 37.20 41.13
N LYS C 486 0.79 38.47 40.72
CA LYS C 486 0.91 38.82 39.30
C LYS C 486 2.34 39.02 38.80
N ASP C 487 3.31 39.05 39.71
CA ASP C 487 4.70 39.27 39.32
C ASP C 487 5.13 38.19 38.33
N GLU C 488 5.66 38.60 37.19
CA GLU C 488 6.08 37.68 36.14
C GLU C 488 7.46 37.04 36.35
N ALA C 489 8.21 37.49 37.37
CA ALA C 489 9.59 37.00 37.64
C ALA C 489 9.76 36.35 39.02
N ILE C 490 9.09 36.88 40.04
CA ILE C 490 9.27 36.44 41.42
C ILE C 490 8.12 35.55 41.85
N PHE C 491 8.49 34.43 42.47
CA PHE C 491 7.57 33.54 43.13
C PHE C 491 7.83 33.78 44.62
N ALA C 492 6.92 34.51 45.24
CA ALA C 492 6.99 34.86 46.65
C ALA C 492 5.79 34.29 47.37
N TYR C 493 6.02 33.71 48.54
CA TYR C 493 4.94 33.25 49.39
C TYR C 493 5.40 33.19 50.83
N GLU C 494 4.43 33.05 51.73
CA GLU C 494 4.73 32.90 53.13
C GLU C 494 4.17 31.60 53.69
N ARG C 495 4.89 31.07 54.68
CA ARG C 495 4.38 30.04 55.55
C ARG C 495 4.09 30.71 56.87
N TYR C 496 2.99 30.37 57.53
CA TYR C 496 2.65 31.07 58.77
C TYR C 496 1.93 30.18 59.79
N THR C 497 2.32 30.37 61.05
CA THR C 497 1.53 29.95 62.21
C THR C 497 1.22 31.26 62.94
N GLU C 498 0.61 31.19 64.12
CA GLU C 498 0.25 32.42 64.87
C GLU C 498 1.40 33.32 65.28
N ASN C 499 2.53 32.72 65.68
CA ASN C 499 3.68 33.50 66.17
C ASN C 499 4.97 33.32 65.37
N GLU C 500 4.83 32.89 64.10
CA GLU C 500 5.98 32.61 63.24
C GLU C 500 5.63 32.71 61.76
N LYS C 501 6.59 33.16 60.96
CA LYS C 501 6.45 33.25 59.51
C LYS C 501 7.74 32.86 58.81
N LEU C 502 7.61 32.23 57.64
CA LEU C 502 8.68 32.20 56.64
C LEU C 502 8.23 33.02 55.43
N VAL C 503 9.14 33.82 54.89
CA VAL C 503 8.91 34.53 53.62
C VAL C 503 9.89 33.97 52.60
N VAL C 504 9.34 33.33 51.57
CA VAL C 504 10.12 32.63 50.56
C VAL C 504 10.12 33.47 49.29
N LEU C 505 11.29 33.81 48.79
CA LEU C 505 11.44 34.71 47.66
C LEU C 505 12.33 34.07 46.62
N CYS C 506 11.78 33.79 45.45
CA CYS C 506 12.48 33.04 44.40
C CYS C 506 12.40 33.76 43.08
N ASN C 507 13.56 34.07 42.50
CA ASN C 507 13.63 34.69 41.18
C ASN C 507 13.65 33.59 40.12
N PHE C 508 12.63 33.57 39.26
CA PHE C 508 12.55 32.59 38.16
C PHE C 508 13.20 33.08 36.86
N THR C 509 13.91 34.20 36.92
CA THR C 509 14.54 34.77 35.72
C THR C 509 16.03 35.00 35.92
N GLU C 510 16.71 35.23 34.81
CA GLU C 510 18.11 35.64 34.85
C GLU C 510 18.30 37.18 34.98
N GLU C 511 17.24 37.93 35.29
CA GLU C 511 17.32 39.38 35.46
C GLU C 511 17.19 39.73 36.94
N GLU C 512 17.95 40.73 37.37
CA GLU C 512 17.82 41.24 38.74
C GLU C 512 16.40 41.75 38.96
N GLN C 513 15.87 41.50 40.16
CA GLN C 513 14.52 41.95 40.53
C GLN C 513 14.63 42.71 41.84
N VAL C 514 14.14 43.94 41.86
CA VAL C 514 14.12 44.75 43.07
C VAL C 514 12.71 44.76 43.65
N ILE C 515 12.53 44.18 44.83
CA ILE C 515 11.25 44.16 45.53
C ILE C 515 10.95 45.56 46.07
N SER C 516 9.79 46.11 45.71
CA SER C 516 9.35 47.40 46.22
C SER C 516 8.13 47.28 47.14
N ASP C 517 7.51 46.10 47.24
CA ASP C 517 6.35 45.88 48.12
C ASP C 517 6.75 46.13 49.57
N GLU C 518 6.19 47.17 50.16
CA GLU C 518 6.63 47.62 51.49
C GLU C 518 6.29 46.65 52.63
N THR C 519 5.20 45.88 52.49
CA THR C 519 4.85 44.86 53.49
C THR C 519 5.95 43.81 53.59
N ILE C 520 6.41 43.30 52.44
CA ILE C 520 7.49 42.32 52.40
C ILE C 520 8.80 42.90 52.93
N LEU C 521 9.14 44.13 52.53
CA LEU C 521 10.42 44.73 52.93
C LEU C 521 10.50 44.96 54.43
N ASN C 522 9.38 45.29 55.08
CA ASN C 522 9.35 45.44 56.54
C ASN C 522 9.38 44.13 57.30
N GLU C 523 8.80 43.07 56.72
CA GLU C 523 8.84 41.73 57.32
C GLU C 523 10.25 41.17 57.33
N ILE C 524 10.93 41.25 56.19
CA ILE C 524 12.26 40.67 56.06
C ILE C 524 13.32 41.41 56.88
N GLN C 525 13.11 42.71 57.14
CA GLN C 525 13.94 43.45 58.09
C GLN C 525 13.91 42.88 59.52
N LYS C 526 12.79 42.31 59.94
CA LYS C 526 12.73 41.69 61.28
C LYS C 526 13.05 40.19 61.30
N GLY C 527 13.35 39.61 60.14
CA GLY C 527 13.68 38.19 60.03
C GLY C 527 15.16 37.89 59.89
N SER C 528 15.51 36.62 60.08
CA SER C 528 16.86 36.11 59.81
C SER C 528 16.78 35.19 58.60
N VAL C 529 17.91 35.00 57.94
CA VAL C 529 17.96 34.16 56.74
C VAL C 529 18.04 32.68 57.14
N LEU C 530 17.05 31.89 56.71
CA LEU C 530 16.99 30.45 57.03
C LEU C 530 17.85 29.67 56.06
N VAL C 531 17.69 29.99 54.79
CA VAL C 531 18.48 29.38 53.73
C VAL C 531 18.52 30.35 52.55
N ASN C 532 19.59 30.28 51.78
CA ASN C 532 19.72 31.10 50.57
C ASN C 532 20.76 30.52 49.62
N ASN C 533 20.62 30.79 48.32
CA ASN C 533 21.51 30.20 47.31
C ASN C 533 22.60 31.11 46.74
N VAL C 534 22.60 32.42 47.04
CA VAL C 534 23.66 33.32 46.56
C VAL C 534 24.22 34.10 47.75
N PRO C 535 25.55 34.05 47.98
CA PRO C 535 26.12 34.73 49.16
C PRO C 535 26.06 36.27 49.09
N ASN C 536 26.14 36.90 50.27
CA ASN C 536 26.19 38.37 50.39
C ASN C 536 24.94 39.01 49.82
N ILE C 537 23.81 38.64 50.42
CA ILE C 537 22.49 39.12 50.03
C ILE C 537 22.44 40.64 50.04
N ILE C 538 21.79 41.21 49.02
CA ILE C 538 21.43 42.64 49.04
C ILE C 538 19.96 42.64 49.42
N GLU C 539 19.65 43.09 50.65
CA GLU C 539 18.28 42.94 51.17
C GLU C 539 17.29 43.72 50.30
N GLY C 540 16.19 43.06 49.94
CA GLY C 540 15.20 43.65 49.05
C GLY C 540 15.46 43.48 47.56
N THR C 541 16.59 42.84 47.21
CA THR C 541 16.89 42.51 45.82
C THR C 541 17.02 40.99 45.68
N LEU C 542 16.57 40.48 44.54
CA LEU C 542 16.88 39.13 44.10
C LEU C 542 17.75 39.24 42.86
N ARG C 543 18.97 38.77 42.98
CA ARG C 543 19.86 38.66 41.83
C ARG C 543 19.37 37.54 40.91
N PRO C 544 19.97 37.38 39.70
CA PRO C 544 19.52 36.33 38.78
C PRO C 544 19.37 34.93 39.45
N TYR C 545 18.20 34.34 39.33
CA TYR C 545 17.89 33.03 39.92
C TYR C 545 18.19 32.87 41.42
N GLU C 546 18.08 33.98 42.15
CA GLU C 546 18.30 33.97 43.59
C GLU C 546 17.07 33.51 44.35
N ALA C 547 17.31 32.77 45.43
CA ALA C 547 16.31 32.34 46.37
C ALA C 547 16.77 32.70 47.78
N ILE C 548 15.86 33.29 48.56
CA ILE C 548 16.08 33.57 49.97
C ILE C 548 14.83 33.17 50.73
N VAL C 549 15.02 32.60 51.92
CA VAL C 549 13.96 32.35 52.87
C VAL C 549 14.30 33.08 54.17
N TYR C 550 13.40 33.97 54.59
CA TYR C 550 13.51 34.68 55.85
C TYR C 550 12.59 34.04 56.86
N GLN C 551 13.07 33.91 58.10
CA GLN C 551 12.27 33.41 59.22
C GLN C 551 12.03 34.56 60.19
N ILE C 552 10.77 34.77 60.55
CA ILE C 552 10.36 35.85 61.44
C ILE C 552 9.56 35.24 62.58
N LYS C 553 10.03 35.43 63.82
CA LYS C 553 9.27 35.02 65.01
C LYS C 553 8.66 36.22 65.72
N GLY C 554 7.52 35.98 66.38
CA GLY C 554 6.85 37.03 67.13
C GLY C 554 5.61 36.54 67.84
C2 BGC D . -18.67 -3.57 -37.35
C3 BGC D . -18.86 -4.95 -37.96
C4 BGC D . -17.97 -5.07 -39.19
C5 BGC D . -16.52 -4.77 -38.81
C6 BGC D . -15.58 -4.79 -40.01
C1 BGC D . -17.20 -3.35 -37.00
O1 BGC D . -17.00 -2.05 -36.46
O2 BGC D . -19.51 -3.40 -36.20
O3 BGC D . -20.24 -5.15 -38.29
O4 BGC D . -18.09 -6.37 -39.77
O5 BGC D . -16.41 -3.50 -38.17
O6 BGC D . -16.00 -3.82 -40.95
CL CL E . -13.62 -12.88 -47.73
C1 BTB F . -16.34 -6.64 -33.60
O1 BTB F . -16.60 -5.79 -34.71
C2 BTB F . -15.16 -7.63 -33.74
C3 BTB F . -14.89 -8.14 -32.32
O3 BTB F . -16.06 -8.62 -31.65
C4 BTB F . -13.89 -6.90 -34.19
O4 BTB F . -13.26 -7.56 -35.29
N BTB F . -15.27 -8.69 -34.84
C5 BTB F . -15.02 -10.13 -34.50
C6 BTB F . -16.03 -10.83 -33.60
O6 BTB F . -16.61 -11.92 -34.30
C7 BTB F . -16.24 -8.50 -35.96
C8 BTB F . -17.70 -8.83 -35.67
O8 BTB F . -18.02 -10.18 -36.04
C2 BGC G . 15.95 -10.16 -0.63
C3 BGC G . 16.23 -8.90 0.17
C4 BGC G . 16.17 -9.25 1.65
C5 BGC G . 17.17 -10.36 1.99
C6 BGC G . 17.07 -10.80 3.45
C1 BGC G . 16.96 -11.24 -0.24
O1 BGC G . 16.64 -12.47 -0.88
O2 BGC G . 15.96 -9.91 -2.05
O3 BGC G . 15.28 -7.88 -0.16
O4 BGC G . 16.47 -8.08 2.42
O5 BGC G . 16.94 -11.49 1.16
O6 BGC G . 15.79 -11.42 3.66
CL CL H . 18.59 -4.86 12.97
C1 BTB I . 22.05 -10.48 0.03
O1 BTB I . 23.07 -10.45 1.03
C2 BTB I . 22.10 -9.27 -0.92
C3 BTB I . 20.82 -9.18 -1.75
O3 BTB I . 20.15 -10.44 -1.84
C4 BTB I . 23.24 -9.56 -1.91
O4 BTB I . 23.58 -8.41 -2.69
N BTB I . 22.26 -7.95 -0.18
C5 BTB I . 21.27 -7.73 0.93
C6 BTB I . 20.27 -6.60 0.66
O6 BTB I . 20.91 -5.42 0.19
C7 BTB I . 23.64 -7.63 0.31
C8 BTB I . 23.89 -6.13 0.41
O8 BTB I . 23.53 -5.50 -0.83
C2 BGC J . 3.12 6.10 35.07
C3 BGC J . 3.54 6.22 33.63
C4 BGC J . 2.86 5.11 32.82
C5 BGC J . 1.35 5.18 32.99
C6 BGC J . 0.62 4.06 32.24
C1 BGC J . 1.60 6.14 35.17
O1 BGC J . 1.20 5.93 36.53
O2 BGC J . 3.71 7.14 35.85
O3 BGC J . 4.97 6.11 33.51
O4 BGC J . 3.21 5.23 31.43
O5 BGC J . 1.03 5.11 34.37
O6 BGC J . 1.04 2.78 32.75
CL CL K . -10.64 -21.12 27.38
CL CL L . 0.68 1.00 21.30
C1 BTB M . -1.31 9.91 32.79
O1 BTB M . -2.15 9.83 31.64
C2 BTB M . -0.21 10.97 32.64
C3 BTB M . 0.91 10.69 33.66
O3 BTB M . 1.40 9.35 33.67
C4 BTB M . -0.78 12.33 33.05
O4 BTB M . 0.14 13.39 32.77
N BTB M . 0.39 11.04 31.25
C5 BTB M . 0.88 9.74 30.71
C6 BTB M . 2.40 9.71 30.78
O6 BTB M . 2.94 10.35 29.62
C7 BTB M . -0.41 11.77 30.21
C8 BTB M . 0.48 12.30 29.08
O8 BTB M . 1.69 12.86 29.61
#